data_7CI0
#
_entry.id   7CI0
#
_cell.length_a   70.397
_cell.length_b   129.771
_cell.length_c   220.661
_cell.angle_alpha   90.000
_cell.angle_beta   90.000
_cell.angle_gamma   90.000
#
_symmetry.space_group_name_H-M   'P 21 2 21'
#
loop_
_entity.id
_entity.type
_entity.pdbx_description
1 polymer Lipase
2 non-polymer P-NITROPHENOL
3 non-polymer 'HEXANOIC ACID'
4 non-polymer DI(HYDROXYETHYL)ETHER
5 non-polymer 1,2-ETHANEDIOL
6 non-polymer 'DIMETHYL SULFOXIDE'
7 non-polymer '1,4-DIETHYLENE DIOXIDE'
8 non-polymer GLYCEROL
9 non-polymer 'SULFATE ION'
10 non-polymer 'TRIETHYLENE GLYCOL'
11 non-polymer 'SODIUM ION'
12 non-polymer '2-(N-MORPHOLINO)-ETHANESULFONIC ACID'
13 water water
#
_entity_poly.entity_id   1
_entity_poly.type   'polypeptide(L)'
_entity_poly.pdbx_seq_one_letter_code
;MTDTPFIRPDMKAFLEAIAAMAGPTLAEMTLEEARASYVALHGMADRPARELAVIRNLSCPGPAGDIPLRLYDARESREA
GPVITFYHGGGFVIGDLDTHHNLCTEIAALMDLPVVAVDYRLAPEHPFPAAIEDCEAATRWVASSPSELGRTASGVIPIG
DAAGGNATIVVSQLLGAKPADVPVVLQVPIFPLASDAVGSASLEAFAEGFVLTKASIEFFDTAYKADRADPRGFPILGDH
TAAPPTIVATASLDPIRDSGRDYAKALVEAGRDVVYLEMEGVTHSFTNIRAAVPSTQGDLERIIAAMKMMLGTA
;
_entity_poly.pdbx_strand_id   A,B,C,D
#
loop_
_chem_comp.id
_chem_comp.type
_chem_comp.name
_chem_comp.formula
6NA non-polymer 'HEXANOIC ACID' 'C6 H12 O2'
DIO non-polymer '1,4-DIETHYLENE DIOXIDE' 'C4 H8 O2'
DMS non-polymer 'DIMETHYL SULFOXIDE' 'C2 H6 O S'
EDO non-polymer 1,2-ETHANEDIOL 'C2 H6 O2'
GOL non-polymer GLYCEROL 'C3 H8 O3'
MES non-polymer '2-(N-MORPHOLINO)-ETHANESULFONIC ACID' 'C6 H13 N O4 S'
NA non-polymer 'SODIUM ION' 'Na 1'
NPO non-polymer P-NITROPHENOL 'C6 H5 N O3'
PEG non-polymer DI(HYDROXYETHYL)ETHER 'C4 H10 O3'
PGE non-polymer 'TRIETHYLENE GLYCOL' 'C6 H14 O4'
SO4 non-polymer 'SULFATE ION' 'O4 S -2'
#
# COMPACT_ATOMS: atom_id res chain seq x y z
N THR A 4 6.24 -0.90 -22.73
CA THR A 4 6.78 -1.55 -21.52
C THR A 4 7.93 -0.72 -20.99
N PRO A 5 7.70 0.52 -20.49
CA PRO A 5 8.78 1.28 -19.92
C PRO A 5 9.16 0.71 -18.55
N PHE A 6 10.39 0.92 -18.15
CA PHE A 6 10.87 0.41 -16.87
C PHE A 6 10.17 1.10 -15.70
N ILE A 7 9.69 0.30 -14.75
CA ILE A 7 9.05 0.78 -13.53
C ILE A 7 9.61 -0.02 -12.35
N ARG A 8 10.06 0.68 -11.31
CA ARG A 8 10.52 0.00 -10.13
C ARG A 8 9.37 -0.81 -9.51
N PRO A 9 9.67 -1.95 -8.89
CA PRO A 9 8.60 -2.74 -8.26
C PRO A 9 7.80 -1.97 -7.22
N ASP A 10 8.45 -1.19 -6.34
CA ASP A 10 7.66 -0.46 -5.35
C ASP A 10 6.83 0.64 -6.01
N MET A 11 7.38 1.29 -7.04
CA MET A 11 6.58 2.25 -7.80
C MET A 11 5.39 1.57 -8.46
N LYS A 12 5.62 0.39 -9.05
CA LYS A 12 4.54 -0.31 -9.72
C LYS A 12 3.41 -0.65 -8.75
N ALA A 13 3.75 -1.08 -7.53
CA ALA A 13 2.73 -1.43 -6.55
C ALA A 13 1.88 -0.21 -6.20
N PHE A 14 2.51 0.95 -6.06
CA PHE A 14 1.76 2.18 -5.79
C PHE A 14 0.82 2.52 -6.95
N LEU A 15 1.30 2.38 -8.19
CA LEU A 15 0.44 2.67 -9.33
C LEU A 15 -0.72 1.69 -9.40
N GLU A 16 -0.49 0.43 -9.01
CA GLU A 16 -1.57 -0.54 -9.01
C GLU A 16 -2.62 -0.20 -7.97
N ALA A 17 -2.19 0.31 -6.81
CA ALA A 17 -3.15 0.72 -5.80
C ALA A 17 -3.96 1.93 -6.26
N ILE A 18 -3.34 2.88 -6.96
CA ILE A 18 -4.09 4.02 -7.49
C ILE A 18 -5.11 3.55 -8.51
N ALA A 19 -4.73 2.56 -9.32
CA ALA A 19 -5.66 2.02 -10.32
C ALA A 19 -6.82 1.29 -9.66
N ALA A 20 -6.55 0.56 -8.57
CA ALA A 20 -7.62 -0.10 -7.84
C ALA A 20 -8.58 0.93 -7.23
N MET A 21 -8.03 2.00 -6.65
CA MET A 21 -8.86 3.07 -6.10
C MET A 21 -9.80 3.63 -7.15
N ALA A 22 -9.32 3.83 -8.37
CA ALA A 22 -10.10 4.37 -9.47
C ALA A 22 -10.70 5.71 -8.99
N GLY A 23 -11.98 5.96 -9.19
CA GLY A 23 -12.56 7.17 -8.67
C GLY A 23 -12.29 8.41 -9.50
N PRO A 24 -12.84 9.55 -9.08
CA PRO A 24 -13.04 10.66 -10.00
C PRO A 24 -11.76 11.39 -10.37
N THR A 25 -11.81 12.02 -11.55
CA THR A 25 -10.77 12.94 -11.96
C THR A 25 -10.87 14.24 -11.17
N LEU A 26 -9.82 15.06 -11.26
CA LEU A 26 -9.88 16.36 -10.60
C LEU A 26 -11.04 17.20 -11.10
N ALA A 27 -11.29 17.17 -12.41
CA ALA A 27 -12.34 18.03 -12.96
C ALA A 27 -13.74 17.58 -12.52
N GLU A 28 -13.91 16.28 -12.25
CA GLU A 28 -15.19 15.76 -11.80
C GLU A 28 -15.50 16.10 -10.35
N MET A 29 -14.49 16.43 -9.55
CA MET A 29 -14.68 16.80 -8.16
C MET A 29 -14.99 18.29 -8.05
N THR A 30 -15.52 18.68 -6.90
CA THR A 30 -15.55 20.12 -6.60
C THR A 30 -14.10 20.54 -6.36
N LEU A 31 -13.83 21.84 -6.41
CA LEU A 31 -12.46 22.31 -6.13
C LEU A 31 -12.03 21.90 -4.72
N GLU A 32 -12.92 22.05 -3.75
CA GLU A 32 -12.56 21.70 -2.37
C GLU A 32 -12.26 20.20 -2.30
N GLU A 33 -13.04 19.39 -2.98
CA GLU A 33 -12.76 17.95 -3.00
C GLU A 33 -11.43 17.68 -3.68
N ALA A 34 -11.17 18.34 -4.81
CA ALA A 34 -9.92 18.10 -5.54
C ALA A 34 -8.72 18.45 -4.67
N ARG A 35 -8.76 19.61 -3.99
CA ARG A 35 -7.68 19.97 -3.10
C ARG A 35 -7.56 18.97 -1.95
N ALA A 36 -8.69 18.56 -1.37
CA ALA A 36 -8.62 17.62 -0.26
C ALA A 36 -8.01 16.28 -0.67
N SER A 37 -8.27 15.84 -1.90
CA SER A 37 -7.75 14.54 -2.32
C SER A 37 -6.23 14.58 -2.43
N TYR A 38 -5.67 15.74 -2.76
CA TYR A 38 -4.22 15.88 -2.85
C TYR A 38 -3.60 15.88 -1.46
N VAL A 39 -4.25 16.57 -0.51
CA VAL A 39 -3.84 16.49 0.89
C VAL A 39 -3.80 15.03 1.34
N ALA A 40 -4.87 14.29 1.03
CA ALA A 40 -4.97 12.90 1.47
C ALA A 40 -3.91 12.01 0.81
N LEU A 41 -3.65 12.22 -0.49
CA LEU A 41 -2.64 11.44 -1.18
C LEU A 41 -1.26 11.60 -0.54
N HIS A 42 -0.79 12.85 -0.42
CA HIS A 42 0.52 13.06 0.22
C HIS A 42 0.49 12.70 1.69
N GLY A 43 -0.66 12.85 2.32
CA GLY A 43 -0.74 12.48 3.73
C GLY A 43 -0.44 11.01 3.94
N MET A 44 -0.96 10.16 3.08
CA MET A 44 -0.70 8.71 3.29
C MET A 44 0.58 8.27 2.58
N ALA A 45 0.99 8.94 1.52
CA ALA A 45 2.14 8.44 0.73
C ALA A 45 3.50 8.93 1.21
N ASP A 46 3.56 10.08 1.85
CA ASP A 46 4.90 10.62 2.16
C ASP A 46 5.41 10.19 3.54
N ARG A 47 6.71 10.16 3.67
CA ARG A 47 7.30 9.96 4.99
C ARG A 47 6.82 11.06 5.95
N PRO A 48 6.83 10.77 7.25
CA PRO A 48 6.38 11.78 8.22
C PRO A 48 7.39 12.92 8.36
N ALA A 49 6.91 14.02 8.93
CA ALA A 49 7.73 15.21 9.11
C ALA A 49 8.95 14.90 9.98
N ARG A 50 10.08 15.50 9.62
CA ARG A 50 11.22 15.55 10.52
C ARG A 50 10.95 16.51 11.66
N GLU A 51 11.51 16.21 12.82
CA GLU A 51 11.50 17.16 13.92
C GLU A 51 12.57 18.21 13.71
N LEU A 52 12.21 19.47 13.93
CA LEU A 52 13.11 20.60 13.73
C LEU A 52 13.00 21.55 14.91
N ALA A 53 14.07 22.31 15.11
CA ALA A 53 14.06 23.34 16.15
C ALA A 53 13.01 24.41 15.85
N VAL A 54 12.87 24.78 14.58
CA VAL A 54 12.04 25.91 14.18
C VAL A 54 11.08 25.46 13.08
N ILE A 55 9.79 25.57 13.34
CA ILE A 55 8.75 25.50 12.31
C ILE A 55 7.77 26.61 12.65
N ARG A 56 7.73 27.66 11.82
CA ARG A 56 7.13 28.92 12.23
C ARG A 56 6.31 29.50 11.08
N ASN A 57 5.08 29.89 11.37
CA ASN A 57 4.24 30.56 10.39
C ASN A 57 4.47 32.06 10.44
N LEU A 58 4.59 32.67 9.27
CA LEU A 58 4.69 34.14 9.18
C LEU A 58 4.13 34.57 7.83
N SER A 59 4.27 35.86 7.52
CA SER A 59 3.78 36.36 6.24
C SER A 59 4.64 37.52 5.80
N CYS A 60 4.51 37.89 4.52
CA CYS A 60 5.13 39.08 3.97
C CYS A 60 4.15 39.81 3.06
N PRO A 61 4.42 41.07 2.75
CA PRO A 61 3.52 41.79 1.84
C PRO A 61 3.62 41.27 0.41
N GLY A 62 2.48 41.21 -0.26
CA GLY A 62 2.42 40.88 -1.67
C GLY A 62 1.55 41.85 -2.43
N PRO A 63 1.51 41.74 -3.75
CA PRO A 63 0.73 42.69 -4.55
C PRO A 63 -0.76 42.62 -4.28
N ALA A 64 -1.27 41.49 -3.80
CA ALA A 64 -2.69 41.33 -3.55
C ALA A 64 -3.05 41.41 -2.07
N GLY A 65 -2.06 41.45 -1.19
CA GLY A 65 -2.25 41.34 0.25
C GLY A 65 -1.12 40.51 0.83
N ASP A 66 -1.30 40.07 2.07
CA ASP A 66 -0.26 39.30 2.72
C ASP A 66 -0.15 37.92 2.09
N ILE A 67 1.08 37.43 2.02
CA ILE A 67 1.40 36.08 1.54
C ILE A 67 1.79 35.23 2.74
N PRO A 68 1.07 34.15 3.05
CA PRO A 68 1.48 33.30 4.16
C PRO A 68 2.76 32.54 3.79
N LEU A 69 3.61 32.34 4.79
CA LEU A 69 4.89 31.65 4.63
C LEU A 69 5.08 30.69 5.79
N ARG A 70 5.97 29.71 5.60
CA ARG A 70 6.35 28.86 6.70
C ARG A 70 7.86 28.65 6.69
N LEU A 71 8.48 28.94 7.84
CA LEU A 71 9.92 28.83 8.01
C LEU A 71 10.26 27.51 8.66
N TYR A 72 11.21 26.79 8.07
CA TYR A 72 11.74 25.53 8.59
C TYR A 72 13.22 25.70 8.86
N ASP A 73 13.67 25.30 10.05
CA ASP A 73 15.10 25.36 10.33
C ASP A 73 15.45 24.35 11.40
N ALA A 74 16.45 23.53 11.11
CA ALA A 74 16.98 22.61 12.11
C ALA A 74 17.72 23.32 13.24
N ARG A 75 18.04 24.60 13.07
CA ARG A 75 18.80 25.37 14.05
C ARG A 75 17.95 26.51 14.60
N GLU A 76 17.93 26.65 15.93
CA GLU A 76 17.21 27.76 16.54
C GLU A 76 17.87 29.10 16.19
N SER A 77 19.18 29.11 15.99
CA SER A 77 19.90 30.31 15.59
C SER A 77 20.99 29.94 14.62
N ARG A 78 21.15 30.73 13.59
CA ARG A 78 22.15 30.43 12.59
C ARG A 78 22.66 31.73 12.04
N GLU A 79 23.84 31.65 11.48
CA GLU A 79 24.57 32.78 10.91
C GLU A 79 24.08 33.01 9.49
N ALA A 80 24.64 33.98 8.80
CA ALA A 80 24.19 34.45 7.50
C ALA A 80 24.57 33.31 6.60
N GLY A 81 23.79 33.09 5.54
CA GLY A 81 24.03 32.01 4.61
C GLY A 81 22.90 31.94 3.60
N PRO A 82 22.96 31.00 2.68
CA PRO A 82 21.87 30.88 1.70
C PRO A 82 20.58 30.43 2.38
N VAL A 83 19.46 30.94 1.89
CA VAL A 83 18.12 30.56 2.36
C VAL A 83 17.37 29.92 1.20
N ILE A 84 16.78 28.75 1.45
CA ILE A 84 15.99 28.06 0.45
C ILE A 84 14.58 28.64 0.43
N THR A 85 14.07 28.94 -0.76
CA THR A 85 12.72 29.48 -0.94
C THR A 85 11.96 28.48 -1.79
N PHE A 86 10.97 27.84 -1.18
CA PHE A 86 10.29 26.67 -1.73
C PHE A 86 8.88 27.00 -2.20
N TYR A 87 8.52 26.48 -3.37
CA TYR A 87 7.20 26.67 -3.95
C TYR A 87 6.62 25.29 -4.28
N HIS A 88 5.48 24.97 -3.67
CA HIS A 88 4.89 23.65 -3.84
C HIS A 88 4.29 23.47 -5.23
N GLY A 89 4.13 22.21 -5.63
CA GLY A 89 3.46 21.87 -6.88
C GLY A 89 1.98 21.64 -6.66
N GLY A 90 1.30 21.25 -7.74
CA GLY A 90 -0.15 21.20 -7.70
C GLY A 90 -0.83 21.98 -8.80
N GLY A 91 -0.13 22.20 -9.90
CA GLY A 91 -0.76 22.79 -11.07
C GLY A 91 -1.15 24.24 -10.94
N PHE A 92 -0.71 24.89 -9.87
CA PHE A 92 -1.14 26.22 -9.45
C PHE A 92 -2.61 26.24 -9.04
N VAL A 93 -3.21 25.06 -8.82
CA VAL A 93 -4.61 24.94 -8.45
C VAL A 93 -4.78 24.28 -7.09
N ILE A 94 -4.01 23.22 -6.83
CA ILE A 94 -4.09 22.50 -5.56
C ILE A 94 -2.74 22.55 -4.85
N GLY A 95 -2.68 21.95 -3.66
CA GLY A 95 -1.51 22.04 -2.81
C GLY A 95 -1.58 23.23 -1.87
N ASP A 96 -0.81 23.16 -0.80
CA ASP A 96 -0.73 24.23 0.18
C ASP A 96 0.52 24.01 1.02
N LEU A 97 0.62 24.69 2.17
CA LEU A 97 1.80 24.52 3.01
C LEU A 97 1.85 23.13 3.65
N ASP A 98 0.71 22.47 3.81
CA ASP A 98 0.68 21.16 4.45
C ASP A 98 0.95 20.02 3.49
N THR A 99 0.53 20.13 2.22
CA THR A 99 0.75 19.04 1.29
C THR A 99 2.23 18.76 1.09
N HIS A 100 3.08 19.78 1.25
CA HIS A 100 4.51 19.64 1.03
C HIS A 100 5.31 19.88 2.31
N HIS A 101 4.61 19.90 3.45
CA HIS A 101 5.25 20.19 4.73
C HIS A 101 6.35 19.17 5.04
N ASN A 102 6.04 17.89 4.91
CA ASN A 102 7.01 16.87 5.30
C ASN A 102 8.26 16.94 4.43
N LEU A 103 8.08 17.12 3.12
CA LEU A 103 9.21 17.31 2.22
C LEU A 103 10.04 18.52 2.63
N CYS A 104 9.38 19.64 3.00
CA CYS A 104 10.14 20.81 3.44
C CYS A 104 10.96 20.50 4.69
N THR A 105 10.40 19.76 5.64
CA THR A 105 11.18 19.41 6.82
C THR A 105 12.36 18.54 6.45
N GLU A 106 12.19 17.68 5.44
CA GLU A 106 13.27 16.81 4.99
C GLU A 106 14.37 17.63 4.33
N ILE A 107 14.00 18.59 3.48
CA ILE A 107 15.01 19.43 2.84
C ILE A 107 15.77 20.22 3.90
N ALA A 108 15.06 20.79 4.88
CA ALA A 108 15.73 21.56 5.92
C ALA A 108 16.67 20.67 6.72
N ALA A 109 16.22 19.46 7.07
CA ALA A 109 17.04 18.55 7.85
C ALA A 109 18.29 18.12 7.09
N LEU A 110 18.11 17.72 5.83
CA LEU A 110 19.24 17.15 5.09
C LEU A 110 20.19 18.21 4.56
N MET A 111 19.69 19.41 4.25
CA MET A 111 20.57 20.49 3.78
C MET A 111 21.21 21.25 4.92
N ASP A 112 20.64 21.20 6.11
CA ASP A 112 21.09 22.07 7.21
C ASP A 112 21.11 23.53 6.74
N LEU A 113 20.04 23.94 6.08
CA LEU A 113 19.80 25.32 5.69
C LEU A 113 18.35 25.66 6.00
N PRO A 114 18.04 26.94 6.21
CA PRO A 114 16.64 27.32 6.43
C PRO A 114 15.85 27.23 5.14
N VAL A 115 14.58 26.87 5.28
CA VAL A 115 13.65 26.74 4.17
C VAL A 115 12.43 27.61 4.48
N VAL A 116 12.04 28.45 3.53
CA VAL A 116 10.81 29.24 3.63
C VAL A 116 9.88 28.80 2.51
N ALA A 117 8.76 28.18 2.86
CA ALA A 117 7.76 27.77 1.89
C ALA A 117 6.72 28.86 1.70
N VAL A 118 6.22 28.99 0.47
CA VAL A 118 5.36 30.10 0.07
C VAL A 118 3.95 29.57 -0.15
N ASP A 119 2.98 30.14 0.56
CA ASP A 119 1.58 29.78 0.36
C ASP A 119 0.97 30.74 -0.68
N TYR A 120 1.34 30.53 -1.95
CA TYR A 120 0.94 31.46 -3.00
C TYR A 120 -0.53 31.29 -3.39
N ARG A 121 -1.10 32.36 -3.97
CA ARG A 121 -2.50 32.32 -4.38
C ARG A 121 -2.71 31.34 -5.52
N LEU A 122 -3.86 30.66 -5.50
CA LEU A 122 -4.16 29.56 -6.40
C LEU A 122 -5.26 29.90 -7.41
N ALA A 123 -5.12 29.32 -8.60
CA ALA A 123 -6.20 29.31 -9.58
C ALA A 123 -7.20 28.21 -9.23
N PRO A 124 -8.42 28.27 -9.77
CA PRO A 124 -8.95 29.27 -10.70
C PRO A 124 -9.31 30.60 -10.03
N GLU A 125 -9.38 30.66 -8.70
CA GLU A 125 -9.80 31.90 -8.06
C GLU A 125 -8.85 33.04 -8.39
N HIS A 126 -7.55 32.74 -8.47
CA HIS A 126 -6.50 33.71 -8.80
C HIS A 126 -5.71 33.16 -9.98
N PRO A 127 -6.08 33.50 -11.21
CA PRO A 127 -5.40 32.94 -12.37
C PRO A 127 -3.99 33.50 -12.52
N PHE A 128 -3.24 32.89 -13.43
CA PHE A 128 -1.95 33.38 -13.87
C PHE A 128 -2.02 34.90 -14.02
N PRO A 129 -1.01 35.66 -13.55
CA PRO A 129 0.24 35.22 -12.93
C PRO A 129 0.24 35.30 -11.40
N ALA A 130 -0.93 35.13 -10.75
CA ALA A 130 -0.99 35.31 -9.30
C ALA A 130 0.08 34.48 -8.58
N ALA A 131 0.16 33.18 -8.89
CA ALA A 131 1.16 32.34 -8.22
C ALA A 131 2.57 32.91 -8.40
N ILE A 132 2.92 33.30 -9.62
CA ILE A 132 4.25 33.85 -9.89
C ILE A 132 4.47 35.14 -9.10
N GLU A 133 3.49 36.06 -9.10
CA GLU A 133 3.61 37.30 -8.34
C GLU A 133 3.96 37.03 -6.89
N ASP A 134 3.26 36.06 -6.28
CA ASP A 134 3.44 35.77 -4.87
C ASP A 134 4.79 35.09 -4.63
N CYS A 135 5.16 34.15 -5.49
CA CYS A 135 6.45 33.48 -5.32
C CYS A 135 7.58 34.48 -5.46
N GLU A 136 7.51 35.37 -6.46
CA GLU A 136 8.55 36.38 -6.63
C GLU A 136 8.62 37.32 -5.43
N ALA A 137 7.46 37.83 -4.99
CA ALA A 137 7.45 38.77 -3.88
C ALA A 137 8.01 38.15 -2.60
N ALA A 138 7.60 36.92 -2.29
CA ALA A 138 8.12 36.23 -1.12
C ALA A 138 9.62 35.99 -1.24
N THR A 139 10.09 35.62 -2.43
CA THR A 139 11.52 35.37 -2.59
C THR A 139 12.32 36.65 -2.41
N ARG A 140 11.86 37.75 -2.99
CA ARG A 140 12.51 39.05 -2.77
C ARG A 140 12.51 39.41 -1.29
N TRP A 141 11.40 39.15 -0.60
CA TRP A 141 11.31 39.50 0.82
C TRP A 141 12.33 38.71 1.63
N VAL A 142 12.39 37.40 1.43
CA VAL A 142 13.42 36.61 2.10
C VAL A 142 14.80 37.14 1.77
N ALA A 143 15.03 37.50 0.50
CA ALA A 143 16.34 37.97 0.07
C ALA A 143 16.74 39.27 0.74
N SER A 144 15.78 40.00 1.30
CA SER A 144 16.05 41.27 1.96
C SER A 144 16.44 41.13 3.42
N SER A 145 16.51 39.90 3.93
CA SER A 145 16.90 39.64 5.32
C SER A 145 16.02 40.43 6.30
N PRO A 146 14.71 40.21 6.28
CA PRO A 146 13.85 40.91 7.23
C PRO A 146 14.04 40.38 8.64
N SER A 147 13.80 41.25 9.62
CA SER A 147 13.98 40.85 11.02
C SER A 147 13.01 39.76 11.42
N GLU A 148 11.82 39.73 10.82
CA GLU A 148 10.85 38.68 11.15
C GLU A 148 11.40 37.29 10.84
N LEU A 149 12.31 37.19 9.86
CA LEU A 149 12.83 35.87 9.49
C LEU A 149 13.84 35.36 10.51
N GLY A 150 14.64 36.25 11.10
CA GLY A 150 15.57 35.84 12.12
C GLY A 150 16.81 35.14 11.64
N ARG A 151 17.07 35.10 10.33
CA ARG A 151 18.34 34.60 9.85
C ARG A 151 18.66 35.26 8.50
N THR A 152 19.85 35.85 8.43
CA THR A 152 20.24 36.68 7.31
C THR A 152 20.54 35.83 6.08
N ALA A 153 20.08 36.30 4.92
CA ALA A 153 20.31 35.60 3.66
C ALA A 153 21.50 36.23 2.95
N SER A 154 22.49 35.41 2.63
CA SER A 154 23.57 35.81 1.72
C SER A 154 23.25 35.50 0.28
N GLY A 155 22.17 34.76 0.04
CA GLY A 155 21.74 34.37 -1.28
C GLY A 155 20.47 33.57 -1.08
N VAL A 156 19.76 33.31 -2.18
CA VAL A 156 18.54 32.53 -2.10
C VAL A 156 18.64 31.33 -3.03
N ILE A 157 17.92 30.28 -2.68
CA ILE A 157 17.92 29.03 -3.45
C ILE A 157 16.47 28.69 -3.78
N PRO A 158 15.94 29.12 -4.93
CA PRO A 158 14.58 28.74 -5.31
C PRO A 158 14.52 27.25 -5.64
N ILE A 159 13.49 26.59 -5.11
CA ILE A 159 13.30 25.15 -5.33
C ILE A 159 11.80 24.88 -5.34
N GLY A 160 11.39 23.89 -6.10
CA GLY A 160 9.98 23.51 -6.09
C GLY A 160 9.72 22.40 -7.09
N ASP A 161 8.61 21.73 -6.89
CA ASP A 161 8.20 20.57 -7.71
C ASP A 161 7.06 20.91 -8.65
N ALA A 162 7.19 20.47 -9.90
CA ALA A 162 6.16 20.59 -10.94
C ALA A 162 5.80 22.07 -11.13
N ALA A 163 4.59 22.47 -10.79
CA ALA A 163 4.25 23.91 -10.90
C ALA A 163 5.26 24.70 -10.06
N GLY A 164 5.66 24.18 -8.93
CA GLY A 164 6.68 24.85 -8.13
C GLY A 164 8.03 24.89 -8.83
N GLY A 165 8.30 23.91 -9.70
CA GLY A 165 9.51 23.96 -10.49
C GLY A 165 9.42 24.96 -11.63
N ASN A 166 8.21 25.10 -12.20
CA ASN A 166 7.92 26.23 -13.09
C ASN A 166 8.18 27.56 -12.40
N ALA A 167 7.63 27.72 -11.19
CA ALA A 167 7.82 28.95 -10.45
C ALA A 167 9.29 29.18 -10.12
N THR A 168 10.02 28.11 -9.78
CA THR A 168 11.46 28.22 -9.52
C THR A 168 12.17 28.91 -10.68
N ILE A 169 11.90 28.45 -11.90
CA ILE A 169 12.61 28.96 -13.07
C ILE A 169 12.18 30.40 -13.35
N VAL A 170 10.88 30.67 -13.26
CA VAL A 170 10.38 32.02 -13.53
C VAL A 170 10.94 33.01 -12.50
N VAL A 171 10.91 32.63 -11.23
CA VAL A 171 11.44 33.51 -10.18
C VAL A 171 12.91 33.80 -10.43
N SER A 172 13.69 32.76 -10.78
CA SER A 172 15.10 33.00 -11.03
C SER A 172 15.30 33.93 -12.23
N GLN A 173 14.44 33.85 -13.25
CA GLN A 173 14.58 34.75 -14.38
C GLN A 173 14.21 36.19 -13.99
N LEU A 174 13.14 36.34 -13.20
CA LEU A 174 12.71 37.68 -12.79
C LEU A 174 13.75 38.35 -11.90
N LEU A 175 14.34 37.59 -10.97
CA LEU A 175 15.40 38.17 -10.14
C LEU A 175 16.69 38.39 -10.93
N GLY A 176 16.94 37.57 -11.95
CA GLY A 176 18.07 37.83 -12.83
C GLY A 176 17.95 39.16 -13.54
N ALA A 177 16.74 39.47 -14.04
CA ALA A 177 16.53 40.72 -14.75
C ALA A 177 16.50 41.92 -13.80
N LYS A 178 15.94 41.76 -12.61
CA LYS A 178 15.86 42.84 -11.63
C LYS A 178 16.27 42.27 -10.28
N PRO A 179 17.54 42.41 -9.92
CA PRO A 179 18.07 41.67 -8.76
C PRO A 179 17.36 42.02 -7.46
N ALA A 180 17.24 41.00 -6.61
CA ALA A 180 16.89 41.17 -5.21
C ALA A 180 18.13 41.66 -4.45
N ASP A 181 18.03 41.71 -3.12
CA ASP A 181 19.12 42.23 -2.32
C ASP A 181 20.33 41.31 -2.34
N VAL A 182 20.11 40.00 -2.55
CA VAL A 182 21.18 39.04 -2.75
C VAL A 182 20.82 38.20 -3.97
N PRO A 183 21.81 37.53 -4.57
CA PRO A 183 21.54 36.77 -5.79
C PRO A 183 20.89 35.42 -5.53
N VAL A 184 20.32 34.88 -6.60
CA VAL A 184 19.99 33.45 -6.64
C VAL A 184 21.30 32.69 -6.84
N VAL A 185 21.71 31.90 -5.84
CA VAL A 185 22.99 31.20 -5.94
C VAL A 185 22.86 29.80 -6.53
N LEU A 186 21.65 29.29 -6.67
CA LEU A 186 21.35 27.94 -7.11
C LEU A 186 19.85 27.85 -7.27
N GLN A 187 19.38 27.23 -8.33
CA GLN A 187 17.95 26.95 -8.47
C GLN A 187 17.76 25.45 -8.66
N VAL A 188 16.68 24.91 -8.10
CA VAL A 188 16.45 23.46 -8.14
C VAL A 188 15.04 23.18 -8.62
N PRO A 189 14.76 23.31 -9.92
CA PRO A 189 13.44 22.92 -10.44
C PRO A 189 13.33 21.40 -10.51
N ILE A 190 12.38 20.85 -9.76
CA ILE A 190 12.15 19.38 -9.69
C ILE A 190 10.92 19.04 -10.52
N PHE A 191 11.07 18.12 -11.48
CA PHE A 191 10.07 17.74 -12.50
C PHE A 191 9.28 18.98 -12.94
N PRO A 192 9.94 20.02 -13.44
CA PRO A 192 9.28 21.25 -13.76
C PRO A 192 8.59 21.28 -15.11
N LEU A 193 7.66 22.20 -15.18
CA LEU A 193 7.08 22.58 -16.46
C LEU A 193 7.84 23.81 -16.96
N ALA A 194 8.64 23.63 -18.01
CA ALA A 194 9.42 24.70 -18.61
C ALA A 194 8.93 25.03 -20.02
N SER A 195 8.91 24.03 -20.89
CA SER A 195 8.27 24.12 -22.20
C SER A 195 6.89 23.47 -22.12
N ASP A 196 5.98 23.95 -22.97
CA ASP A 196 4.65 23.36 -23.10
C ASP A 196 4.72 21.86 -23.29
N ALA A 197 4.01 21.10 -22.44
CA ALA A 197 4.02 19.65 -22.56
C ALA A 197 3.13 19.16 -23.68
N VAL A 198 2.16 19.97 -24.11
CA VAL A 198 1.28 19.56 -25.19
C VAL A 198 2.12 19.29 -26.43
N GLY A 199 1.91 18.12 -27.03
CA GLY A 199 2.64 17.69 -28.19
C GLY A 199 3.90 16.90 -27.91
N SER A 200 4.31 16.78 -26.65
CA SER A 200 5.56 16.12 -26.33
C SER A 200 5.39 14.61 -26.33
N ALA A 201 6.49 13.90 -26.61
CA ALA A 201 6.43 12.45 -26.63
C ALA A 201 6.12 11.90 -25.25
N SER A 202 6.71 12.49 -24.20
CA SER A 202 6.45 11.99 -22.85
C SER A 202 4.98 12.14 -22.48
N LEU A 203 4.35 13.23 -22.90
CA LEU A 203 2.94 13.41 -22.54
C LEU A 203 2.08 12.31 -23.15
N GLU A 204 2.33 11.97 -24.42
CA GLU A 204 1.59 10.88 -25.05
C GLU A 204 1.91 9.53 -24.40
N ALA A 205 3.17 9.29 -24.04
CA ALA A 205 3.57 7.99 -23.51
C ALA A 205 3.02 7.75 -22.11
N PHE A 206 2.90 8.79 -21.29
CA PHE A 206 2.56 8.65 -19.87
C PHE A 206 1.27 9.41 -19.54
N ALA A 207 0.36 9.50 -20.52
CA ALA A 207 -0.87 10.28 -20.36
C ALA A 207 -1.79 9.72 -19.30
N GLU A 208 -1.77 8.41 -19.06
CA GLU A 208 -2.64 7.80 -18.05
C GLU A 208 -1.85 6.80 -17.20
N GLY A 209 -2.22 6.71 -15.93
CA GLY A 209 -1.68 5.69 -15.05
C GLY A 209 -0.32 5.97 -14.43
N PHE A 210 0.17 7.20 -14.49
CA PHE A 210 1.48 7.53 -13.92
C PHE A 210 1.37 8.75 -13.01
N VAL A 211 0.37 8.69 -12.11
CA VAL A 211 0.12 9.67 -11.05
C VAL A 211 -0.39 10.98 -11.65
N LEU A 212 0.52 11.77 -12.32
CA LEU A 212 0.08 12.99 -13.03
C LEU A 212 -0.50 12.54 -14.37
N THR A 213 -1.75 12.90 -14.64
CA THR A 213 -2.39 12.49 -15.88
C THR A 213 -2.56 13.66 -16.82
N LYS A 214 -2.71 13.32 -18.10
CA LYS A 214 -3.04 14.31 -19.10
C LYS A 214 -4.34 15.03 -18.73
N ALA A 215 -5.30 14.32 -18.15
CA ALA A 215 -6.56 14.95 -17.75
C ALA A 215 -6.32 16.01 -16.67
N SER A 216 -5.46 15.71 -15.69
CA SER A 216 -5.16 16.71 -14.67
C SER A 216 -4.43 17.91 -15.28
N ILE A 217 -3.49 17.65 -16.20
CA ILE A 217 -2.79 18.75 -16.88
C ILE A 217 -3.78 19.68 -17.57
N GLU A 218 -4.77 19.11 -18.26
CA GLU A 218 -5.75 19.94 -18.94
C GLU A 218 -6.64 20.70 -17.96
N PHE A 219 -7.00 20.06 -16.85
CA PHE A 219 -7.74 20.74 -15.79
C PHE A 219 -6.96 21.92 -15.23
N PHE A 220 -5.65 21.73 -14.99
CA PHE A 220 -4.80 22.80 -14.50
C PHE A 220 -4.68 23.92 -15.53
N ASP A 221 -4.46 23.57 -16.80
CA ASP A 221 -4.37 24.58 -17.86
C ASP A 221 -5.59 25.48 -17.86
N THR A 222 -6.77 24.87 -17.84
CA THR A 222 -8.01 25.63 -17.92
C THR A 222 -8.19 26.57 -16.73
N ALA A 223 -7.74 26.16 -15.54
CA ALA A 223 -7.88 26.98 -14.35
C ALA A 223 -6.88 28.13 -14.33
N TYR A 224 -5.63 27.85 -14.70
CA TYR A 224 -4.54 28.82 -14.54
C TYR A 224 -4.56 29.90 -15.61
N LYS A 225 -4.84 29.53 -16.87
CA LYS A 225 -4.95 30.48 -17.98
C LYS A 225 -3.66 31.25 -18.23
N ALA A 226 -2.54 30.55 -18.28
CA ALA A 226 -1.28 31.15 -18.67
C ALA A 226 -1.16 31.14 -20.20
N ASP A 227 -0.84 32.29 -20.77
CA ASP A 227 -0.70 32.37 -22.22
C ASP A 227 0.56 31.64 -22.68
N ARG A 228 0.43 30.84 -23.74
CA ARG A 228 1.54 30.04 -24.24
C ARG A 228 2.70 30.87 -24.73
N ALA A 229 2.50 32.15 -25.02
CA ALA A 229 3.59 33.01 -25.47
C ALA A 229 4.23 33.79 -24.33
N ASP A 230 3.77 33.62 -23.11
CA ASP A 230 4.23 34.42 -21.97
C ASP A 230 5.36 33.66 -21.27
N PRO A 231 6.58 34.24 -21.18
CA PRO A 231 7.69 33.52 -20.55
C PRO A 231 7.52 33.27 -19.06
N ARG A 232 6.61 34.00 -18.40
CA ARG A 232 6.28 33.74 -17.01
C ARG A 232 5.39 32.52 -16.85
N GLY A 233 4.81 32.03 -17.95
CA GLY A 233 4.02 30.81 -17.95
C GLY A 233 4.86 29.66 -18.47
N PHE A 234 5.67 29.92 -19.50
CA PHE A 234 6.47 28.89 -20.16
C PHE A 234 7.90 29.41 -20.24
N PRO A 235 8.68 29.23 -19.16
CA PRO A 235 9.98 29.90 -19.04
C PRO A 235 11.05 29.35 -19.96
N ILE A 236 10.78 28.30 -20.74
CA ILE A 236 11.68 27.93 -21.82
C ILE A 236 11.85 29.11 -22.78
N LEU A 237 10.85 29.99 -22.86
CA LEU A 237 10.88 31.15 -23.73
C LEU A 237 11.76 32.26 -23.20
N GLY A 238 12.23 32.14 -21.96
CA GLY A 238 13.01 33.20 -21.34
C GLY A 238 14.44 33.23 -21.83
N ASP A 239 15.17 34.21 -21.29
CA ASP A 239 16.59 34.41 -21.58
C ASP A 239 17.41 33.55 -20.63
N HIS A 240 18.15 32.58 -21.17
CA HIS A 240 18.91 31.65 -20.35
C HIS A 240 20.38 32.03 -20.22
N THR A 241 20.81 33.13 -20.84
CA THR A 241 22.24 33.41 -20.96
C THR A 241 22.91 33.73 -19.62
N ALA A 242 22.15 34.10 -18.59
CA ALA A 242 22.73 34.31 -17.27
C ALA A 242 22.05 33.47 -16.20
N ALA A 243 21.48 32.34 -16.60
CA ALA A 243 20.81 31.45 -15.65
C ALA A 243 21.77 31.10 -14.51
N PRO A 244 21.27 31.05 -13.27
CA PRO A 244 22.14 30.67 -12.15
C PRO A 244 22.48 29.19 -12.22
N PRO A 245 23.44 28.74 -11.43
CA PRO A 245 23.71 27.30 -11.33
C PRO A 245 22.42 26.56 -11.07
N THR A 246 22.24 25.42 -11.74
CA THR A 246 20.94 24.76 -11.75
C THR A 246 21.06 23.26 -11.57
N ILE A 247 20.11 22.70 -10.83
CA ILE A 247 19.92 21.24 -10.76
C ILE A 247 18.53 20.98 -11.29
N VAL A 248 18.41 20.29 -12.41
CA VAL A 248 17.12 19.87 -12.95
C VAL A 248 16.94 18.40 -12.66
N ALA A 249 15.88 18.04 -11.95
CA ALA A 249 15.56 16.65 -11.64
C ALA A 249 14.26 16.31 -12.31
N THR A 250 14.23 15.19 -13.04
CA THR A 250 13.03 14.72 -13.71
C THR A 250 12.77 13.28 -13.29
N ALA A 251 11.65 12.74 -13.76
CA ALA A 251 11.34 11.33 -13.58
C ALA A 251 11.12 10.67 -14.94
N SER A 252 11.61 9.44 -15.09
CA SER A 252 11.58 8.82 -16.42
C SER A 252 10.16 8.50 -16.89
N LEU A 253 9.19 8.40 -15.98
CA LEU A 253 7.81 8.07 -16.33
C LEU A 253 6.89 9.29 -16.28
N ASP A 254 7.43 10.49 -16.22
CA ASP A 254 6.65 11.73 -16.06
C ASP A 254 6.10 12.18 -17.40
N PRO A 255 4.79 12.44 -17.54
CA PRO A 255 4.32 13.00 -18.81
C PRO A 255 4.99 14.32 -19.18
N ILE A 256 5.46 15.10 -18.20
CA ILE A 256 6.15 16.36 -18.50
C ILE A 256 7.67 16.20 -18.39
N ARG A 257 8.15 14.96 -18.40
CA ARG A 257 9.59 14.73 -18.36
C ARG A 257 10.32 15.50 -19.47
N ASP A 258 9.75 15.53 -20.68
CA ASP A 258 10.46 16.14 -21.79
C ASP A 258 10.57 17.64 -21.63
N SER A 259 9.68 18.24 -20.84
CA SER A 259 9.79 19.66 -20.52
C SER A 259 11.05 19.95 -19.73
N GLY A 260 11.38 19.07 -18.77
CA GLY A 260 12.60 19.23 -18.00
C GLY A 260 13.84 18.94 -18.84
N ARG A 261 13.77 17.92 -19.70
CA ARG A 261 14.85 17.69 -20.66
C ARG A 261 15.09 18.94 -21.50
N ASP A 262 14.01 19.52 -22.04
CA ASP A 262 14.14 20.74 -22.84
C ASP A 262 14.86 21.84 -22.06
N TYR A 263 14.52 22.01 -20.79
CA TYR A 263 15.09 23.14 -20.04
C TYR A 263 16.58 22.92 -19.80
N ALA A 264 16.96 21.71 -19.40
CA ALA A 264 18.38 21.46 -19.17
C ALA A 264 19.18 21.61 -20.46
N LYS A 265 18.63 21.13 -21.59
CA LYS A 265 19.30 21.31 -22.87
C LYS A 265 19.48 22.79 -23.20
N ALA A 266 18.47 23.62 -22.90
CA ALA A 266 18.58 25.04 -23.16
C ALA A 266 19.66 25.69 -22.31
N LEU A 267 19.81 25.24 -21.06
CA LEU A 267 20.88 25.79 -20.22
C LEU A 267 22.24 25.40 -20.77
N VAL A 268 22.43 24.14 -21.18
CA VAL A 268 23.71 23.75 -21.78
C VAL A 268 23.96 24.55 -23.06
N GLU A 269 22.91 24.72 -23.87
CA GLU A 269 23.04 25.51 -25.10
C GLU A 269 23.55 26.92 -24.83
N ALA A 270 23.16 27.50 -23.69
CA ALA A 270 23.57 28.84 -23.31
C ALA A 270 24.86 28.86 -22.48
N GLY A 271 25.52 27.72 -22.31
CA GLY A 271 26.78 27.67 -21.59
C GLY A 271 26.66 27.75 -20.08
N ARG A 272 25.53 27.37 -19.50
CA ARG A 272 25.31 27.50 -18.08
C ARG A 272 25.59 26.18 -17.37
N ASP A 273 26.01 26.26 -16.11
CA ASP A 273 26.29 25.04 -15.34
C ASP A 273 24.99 24.39 -14.90
N VAL A 274 24.85 23.10 -15.14
CA VAL A 274 23.60 22.41 -14.83
C VAL A 274 23.88 20.95 -14.52
N VAL A 275 23.22 20.45 -13.49
CA VAL A 275 23.18 19.03 -13.19
C VAL A 275 21.82 18.52 -13.66
N TYR A 276 21.81 17.52 -14.52
CA TYR A 276 20.56 16.93 -15.00
C TYR A 276 20.47 15.51 -14.46
N LEU A 277 19.46 15.25 -13.62
CA LEU A 277 19.23 13.94 -13.02
C LEU A 277 17.85 13.47 -13.43
N GLU A 278 17.78 12.34 -14.11
CA GLU A 278 16.50 11.76 -14.53
C GLU A 278 16.32 10.46 -13.77
N MET A 279 15.41 10.47 -12.78
CA MET A 279 15.24 9.32 -11.90
C MET A 279 14.56 8.17 -12.64
N GLU A 280 15.16 6.98 -12.56
CA GLU A 280 14.74 5.89 -13.42
C GLU A 280 13.67 5.04 -12.77
N GLY A 281 12.56 4.83 -13.48
CA GLY A 281 11.53 3.92 -13.01
C GLY A 281 10.57 4.50 -11.98
N VAL A 282 10.55 5.82 -11.81
CA VAL A 282 9.61 6.48 -10.91
C VAL A 282 8.87 7.55 -11.69
N THR A 283 7.81 8.06 -11.06
CA THR A 283 6.89 9.01 -11.67
C THR A 283 7.11 10.43 -11.20
N HIS A 284 6.38 11.33 -11.86
CA HIS A 284 6.00 12.61 -11.28
C HIS A 284 5.62 12.39 -9.82
N SER A 285 5.89 13.39 -8.97
CA SER A 285 5.53 13.40 -7.56
C SER A 285 6.45 12.58 -6.69
N PHE A 286 7.61 12.11 -7.18
CA PHE A 286 8.38 11.17 -6.38
C PHE A 286 8.88 11.78 -5.07
N THR A 287 8.99 13.11 -5.00
CA THR A 287 9.47 13.75 -3.78
C THR A 287 8.49 13.66 -2.62
N ASN A 288 7.22 13.34 -2.88
CA ASN A 288 6.20 13.38 -1.84
C ASN A 288 5.52 12.04 -1.63
N ILE A 289 6.14 10.95 -2.10
CA ILE A 289 5.54 9.62 -1.94
C ILE A 289 6.59 8.70 -1.33
N ARG A 290 7.39 9.23 -0.41
CA ARG A 290 8.59 8.56 0.06
C ARG A 290 8.32 7.44 1.06
N ALA A 291 7.10 7.35 1.62
CA ALA A 291 6.74 6.18 2.41
C ALA A 291 6.07 5.09 1.58
N ALA A 292 5.16 5.47 0.69
CA ALA A 292 4.48 4.49 -0.15
C ALA A 292 5.44 3.83 -1.14
N VAL A 293 6.43 4.57 -1.61
CA VAL A 293 7.41 4.07 -2.57
C VAL A 293 8.77 4.35 -1.95
N PRO A 294 9.26 3.46 -1.09
CA PRO A 294 10.44 3.80 -0.28
C PRO A 294 11.69 4.14 -1.09
N SER A 295 11.82 3.62 -2.31
CA SER A 295 13.02 3.92 -3.10
C SER A 295 13.10 5.39 -3.48
N THR A 296 11.99 6.14 -3.41
CA THR A 296 12.10 7.55 -3.78
C THR A 296 12.82 8.38 -2.74
N GLN A 297 12.96 7.89 -1.50
CA GLN A 297 13.80 8.61 -0.55
C GLN A 297 15.22 8.76 -1.10
N GLY A 298 15.74 7.70 -1.71
CA GLY A 298 17.06 7.78 -2.32
C GLY A 298 17.13 8.76 -3.47
N ASP A 299 16.03 8.91 -4.22
CA ASP A 299 16.01 9.90 -5.30
C ASP A 299 16.14 11.31 -4.73
N LEU A 300 15.38 11.61 -3.68
CA LEU A 300 15.51 12.91 -3.04
C LEU A 300 16.92 13.13 -2.50
N GLU A 301 17.52 12.08 -1.91
CA GLU A 301 18.87 12.24 -1.36
C GLU A 301 19.90 12.53 -2.45
N ARG A 302 19.66 12.05 -3.67
CA ARG A 302 20.56 12.37 -4.78
C ARG A 302 20.46 13.85 -5.16
N ILE A 303 19.25 14.39 -5.15
CA ILE A 303 19.09 15.84 -5.35
C ILE A 303 19.84 16.61 -4.27
N ILE A 304 19.67 16.19 -3.01
CA ILE A 304 20.35 16.85 -1.89
C ILE A 304 21.86 16.83 -2.11
N ALA A 305 22.41 15.67 -2.46
CA ALA A 305 23.85 15.57 -2.71
C ALA A 305 24.28 16.50 -3.83
N ALA A 306 23.48 16.59 -4.89
CA ALA A 306 23.83 17.52 -5.98
C ALA A 306 23.78 18.97 -5.52
N MET A 307 22.81 19.31 -4.66
CA MET A 307 22.72 20.68 -4.14
C MET A 307 23.97 21.04 -3.32
N LYS A 308 24.42 20.12 -2.46
CA LYS A 308 25.61 20.41 -1.67
C LYS A 308 26.83 20.59 -2.56
N MET A 309 26.95 19.77 -3.60
CA MET A 309 28.08 19.87 -4.51
C MET A 309 28.05 21.20 -5.24
N MET A 310 26.89 21.59 -5.77
CA MET A 310 26.81 22.83 -6.51
C MET A 310 26.99 24.06 -5.63
N LEU A 311 26.72 23.94 -4.32
CA LEU A 311 26.96 25.08 -3.43
C LEU A 311 28.40 25.16 -2.96
N GLY A 312 29.21 24.14 -3.21
CA GLY A 312 30.64 24.17 -2.90
C GLY A 312 30.96 24.28 -1.42
N THR B 4 35.18 40.80 -27.44
CA THR B 4 35.43 41.10 -26.02
C THR B 4 34.87 39.97 -25.16
N PRO B 5 35.19 38.69 -25.39
CA PRO B 5 34.73 37.62 -24.50
C PRO B 5 35.45 37.77 -23.16
N PHE B 6 34.81 37.36 -22.09
CA PHE B 6 35.36 37.45 -20.74
C PHE B 6 36.58 36.53 -20.61
N ILE B 7 37.74 37.05 -20.19
CA ILE B 7 38.93 36.27 -19.91
C ILE B 7 39.42 36.63 -18.51
N ARG B 8 39.71 35.62 -17.70
CA ARG B 8 40.26 35.89 -16.38
C ARG B 8 41.60 36.60 -16.54
N PRO B 9 41.98 37.43 -15.56
CA PRO B 9 43.25 38.16 -15.68
C PRO B 9 44.47 37.24 -15.75
N ASP B 10 44.51 36.17 -14.96
CA ASP B 10 45.69 35.29 -15.05
C ASP B 10 45.70 34.52 -16.36
N MET B 11 44.53 34.15 -16.85
CA MET B 11 44.43 33.45 -18.15
C MET B 11 44.93 34.40 -19.26
N LYS B 12 44.51 35.65 -19.22
CA LYS B 12 44.88 36.64 -20.24
C LYS B 12 46.41 36.82 -20.22
N ALA B 13 47.01 36.87 -19.05
CA ALA B 13 48.47 37.03 -18.94
C ALA B 13 49.16 35.88 -19.68
N PHE B 14 48.70 34.67 -19.46
CA PHE B 14 49.29 33.50 -20.15
C PHE B 14 49.14 33.63 -21.66
N LEU B 15 47.95 33.95 -22.13
CA LEU B 15 47.74 34.08 -23.59
C LEU B 15 48.65 35.18 -24.17
N GLU B 16 48.79 36.29 -23.48
CA GLU B 16 49.61 37.41 -23.96
C GLU B 16 51.07 36.97 -24.05
N ALA B 17 51.53 36.21 -23.07
CA ALA B 17 52.92 35.73 -23.06
C ALA B 17 53.14 34.77 -24.23
N ILE B 18 52.16 33.93 -24.54
CA ILE B 18 52.29 33.00 -25.67
C ILE B 18 52.35 33.83 -26.94
N ALA B 19 51.52 34.86 -27.03
CA ALA B 19 51.47 35.71 -28.22
C ALA B 19 52.82 36.41 -28.41
N ALA B 20 53.40 36.91 -27.32
CA ALA B 20 54.69 37.60 -27.40
C ALA B 20 55.79 36.67 -27.92
N MET B 21 55.72 35.39 -27.57
CA MET B 21 56.73 34.43 -28.06
C MET B 21 56.62 34.25 -29.56
N ALA B 22 55.43 34.37 -30.13
CA ALA B 22 55.23 34.30 -31.57
C ALA B 22 55.92 33.07 -32.17
N GLY B 23 55.65 31.92 -31.57
CA GLY B 23 56.27 30.68 -31.98
C GLY B 23 55.64 30.11 -33.22
N PRO B 24 56.27 29.06 -33.75
CA PRO B 24 55.79 28.47 -35.00
C PRO B 24 54.53 27.63 -34.80
N THR B 25 53.80 27.45 -35.89
CA THR B 25 52.63 26.58 -35.87
C THR B 25 53.06 25.12 -35.88
N LEU B 26 52.08 24.23 -35.70
CA LEU B 26 52.35 22.81 -35.79
C LEU B 26 52.80 22.43 -37.20
N ALA B 27 52.20 23.06 -38.21
CA ALA B 27 52.59 22.77 -39.59
C ALA B 27 54.05 23.18 -39.84
N GLU B 28 54.49 24.28 -39.24
CA GLU B 28 55.84 24.79 -39.45
C GLU B 28 56.92 24.01 -38.71
N MET B 29 56.54 23.14 -37.77
CA MET B 29 57.51 22.34 -37.02
C MET B 29 57.55 20.92 -37.55
N THR B 30 58.61 20.21 -37.18
CA THR B 30 58.65 18.77 -37.33
C THR B 30 57.82 18.11 -36.24
N LEU B 31 57.45 16.85 -36.48
CA LEU B 31 56.74 16.08 -35.45
C LEU B 31 57.52 16.08 -34.15
N GLU B 32 58.83 15.79 -34.23
CA GLU B 32 59.64 15.77 -33.02
C GLU B 32 59.68 17.14 -32.35
N GLU B 33 59.77 18.21 -33.13
CA GLU B 33 59.77 19.55 -32.56
C GLU B 33 58.42 19.87 -31.92
N ALA B 34 57.33 19.54 -32.61
CA ALA B 34 56.01 19.81 -32.06
C ALA B 34 55.80 19.07 -30.75
N ARG B 35 56.17 17.80 -30.71
CA ARG B 35 55.98 17.01 -29.49
C ARG B 35 56.85 17.54 -28.35
N ALA B 36 58.11 17.87 -28.63
CA ALA B 36 58.97 18.42 -27.59
C ALA B 36 58.47 19.78 -27.12
N SER B 37 57.94 20.59 -28.05
CA SER B 37 57.40 21.91 -27.69
C SER B 37 56.24 21.77 -26.71
N TYR B 38 55.34 20.82 -26.96
CA TYR B 38 54.24 20.56 -26.04
C TYR B 38 54.76 20.08 -24.70
N VAL B 39 55.80 19.25 -24.70
CA VAL B 39 56.36 18.72 -23.43
C VAL B 39 56.90 19.87 -22.60
N ALA B 40 57.54 20.84 -23.24
CA ALA B 40 58.18 21.97 -22.54
C ALA B 40 57.13 22.94 -22.00
N LEU B 41 56.12 23.21 -22.79
CA LEU B 41 55.03 24.13 -22.38
C LEU B 41 54.38 23.59 -21.10
N HIS B 42 53.92 22.37 -21.10
CA HIS B 42 53.26 21.79 -19.90
C HIS B 42 54.28 21.66 -18.77
N GLY B 43 55.52 21.35 -19.10
CA GLY B 43 56.53 21.22 -18.05
C GLY B 43 56.64 22.49 -17.26
N MET B 44 56.47 23.63 -17.91
CA MET B 44 56.59 24.90 -17.18
C MET B 44 55.24 25.40 -16.69
N ALA B 45 54.18 25.17 -17.45
CA ALA B 45 52.85 25.74 -17.17
C ALA B 45 52.06 24.96 -16.12
N ASP B 46 52.30 23.67 -15.97
CA ASP B 46 51.47 22.90 -15.01
C ASP B 46 52.07 22.87 -13.61
N ARG B 47 51.23 22.65 -12.64
CA ARG B 47 51.72 22.47 -11.29
C ARG B 47 52.56 21.20 -11.21
N PRO B 48 53.44 21.12 -10.22
CA PRO B 48 54.30 19.93 -10.10
C PRO B 48 53.51 18.70 -9.68
N ALA B 49 54.12 17.54 -9.92
CA ALA B 49 53.52 16.28 -9.53
C ALA B 49 53.27 16.23 -8.02
N ARG B 50 52.16 15.61 -7.64
CA ARG B 50 51.94 15.23 -6.25
C ARG B 50 52.80 14.02 -5.92
N GLU B 51 53.20 13.93 -4.66
CA GLU B 51 53.91 12.75 -4.19
C GLU B 51 52.89 11.65 -3.92
N LEU B 52 53.13 10.47 -4.49
CA LEU B 52 52.22 9.34 -4.35
C LEU B 52 53.01 8.11 -3.93
N ALA B 53 52.32 7.23 -3.20
CA ALA B 53 52.93 5.97 -2.79
C ALA B 53 53.27 5.10 -4.00
N VAL B 54 52.43 5.12 -5.03
CA VAL B 54 52.59 4.27 -6.21
C VAL B 54 52.60 5.14 -7.45
N ILE B 55 53.70 5.11 -8.20
CA ILE B 55 53.76 5.57 -9.57
C ILE B 55 54.55 4.52 -10.34
N ARG B 56 53.85 3.69 -11.10
CA ARG B 56 54.42 2.42 -11.57
C ARG B 56 54.11 2.22 -13.04
N ASN B 57 55.14 1.93 -13.83
CA ASN B 57 54.92 1.59 -15.23
C ASN B 57 54.44 0.15 -15.34
N LEU B 58 53.37 -0.04 -16.10
CA LEU B 58 52.83 -1.35 -16.42
C LEU B 58 52.67 -1.43 -17.94
N SER B 59 52.13 -2.54 -18.40
CA SER B 59 51.77 -2.68 -19.80
C SER B 59 50.71 -3.76 -19.91
N CYS B 60 49.98 -3.74 -21.02
CA CYS B 60 48.99 -4.77 -21.29
C CYS B 60 48.99 -5.09 -22.77
N PRO B 61 48.47 -6.26 -23.14
CA PRO B 61 48.40 -6.60 -24.56
C PRO B 61 47.43 -5.69 -25.29
N GLY B 62 47.83 -5.30 -26.50
CA GLY B 62 47.00 -4.47 -27.36
C GLY B 62 46.84 -5.11 -28.72
N PRO B 63 46.01 -4.51 -29.56
CA PRO B 63 45.78 -5.08 -30.90
C PRO B 63 47.01 -5.05 -31.80
N ALA B 64 48.00 -4.21 -31.50
CA ALA B 64 49.20 -4.10 -32.33
C ALA B 64 50.46 -4.25 -31.49
N GLY B 65 50.36 -4.93 -30.36
CA GLY B 65 51.47 -5.08 -29.44
C GLY B 65 51.13 -4.55 -28.07
N ASP B 66 52.13 -4.58 -27.20
CA ASP B 66 51.93 -4.14 -25.83
C ASP B 66 51.64 -2.65 -25.78
N ILE B 67 50.70 -2.28 -24.92
CA ILE B 67 50.33 -0.89 -24.68
C ILE B 67 50.99 -0.45 -23.38
N PRO B 68 51.85 0.58 -23.39
CA PRO B 68 52.41 1.07 -22.13
C PRO B 68 51.36 1.79 -21.30
N LEU B 69 51.43 1.59 -19.99
CA LEU B 69 50.48 2.14 -19.04
C LEU B 69 51.27 2.74 -17.88
N ARG B 70 50.66 3.67 -17.17
CA ARG B 70 51.26 4.15 -15.92
C ARG B 70 50.20 4.20 -14.84
N LEU B 71 50.47 3.53 -13.73
CA LEU B 71 49.58 3.45 -12.59
C LEU B 71 49.97 4.47 -11.54
N TYR B 72 48.98 5.25 -11.09
CA TYR B 72 49.14 6.23 -10.04
C TYR B 72 48.20 5.87 -8.90
N ASP B 73 48.72 5.78 -7.69
CA ASP B 73 47.86 5.49 -6.55
C ASP B 73 48.48 6.07 -5.29
N ALA B 74 47.66 6.80 -4.53
CA ALA B 74 48.07 7.30 -3.22
C ALA B 74 48.23 6.20 -2.19
N ARG B 75 47.76 4.98 -2.48
CA ARG B 75 47.84 3.85 -1.55
C ARG B 75 48.57 2.68 -2.21
N GLU B 76 49.45 2.05 -1.44
CA GLU B 76 50.06 0.80 -1.92
C GLU B 76 49.05 -0.34 -1.96
N SER B 77 48.11 -0.35 -1.01
CA SER B 77 47.12 -1.41 -0.87
C SER B 77 45.76 -0.77 -0.62
N ARG B 78 44.73 -1.18 -1.37
CA ARG B 78 43.42 -0.58 -1.18
C ARG B 78 42.31 -1.59 -1.39
N GLU B 79 41.12 -1.24 -0.89
CA GLU B 79 39.92 -2.02 -1.12
C GLU B 79 39.49 -1.97 -2.59
N ALA B 80 38.66 -2.92 -2.97
CA ALA B 80 38.04 -2.89 -4.29
C ALA B 80 37.26 -1.60 -4.46
N GLY B 81 37.32 -1.05 -5.66
CA GLY B 81 36.63 0.19 -5.98
C GLY B 81 36.81 0.53 -7.44
N PRO B 82 36.26 1.65 -7.87
CA PRO B 82 36.42 2.04 -9.27
C PRO B 82 37.87 2.41 -9.56
N VAL B 83 38.29 2.18 -10.79
CA VAL B 83 39.62 2.56 -11.25
C VAL B 83 39.47 3.54 -12.41
N ILE B 84 40.18 4.66 -12.30
CA ILE B 84 40.16 5.70 -13.32
C ILE B 84 41.09 5.30 -14.47
N THR B 85 40.58 5.38 -15.70
CA THR B 85 41.36 5.06 -16.88
C THR B 85 41.48 6.34 -17.72
N PHE B 86 42.70 6.86 -17.84
CA PHE B 86 42.96 8.21 -18.31
C PHE B 86 43.61 8.18 -19.69
N TYR B 87 43.15 9.06 -20.58
CA TYR B 87 43.67 9.19 -21.94
C TYR B 87 44.02 10.66 -22.17
N HIS B 88 45.28 10.92 -22.49
CA HIS B 88 45.75 12.29 -22.60
C HIS B 88 45.29 12.93 -23.91
N GLY B 89 45.28 14.27 -23.91
CA GLY B 89 45.01 15.04 -25.11
C GLY B 89 46.27 15.31 -25.91
N GLY B 90 46.10 16.10 -26.97
CA GLY B 90 47.16 16.38 -27.92
C GLY B 90 46.79 16.02 -29.34
N GLY B 91 45.48 16.04 -29.65
CA GLY B 91 45.01 15.85 -31.01
C GLY B 91 45.27 14.48 -31.60
N PHE B 92 45.58 13.49 -30.77
CA PHE B 92 45.99 12.15 -31.17
C PHE B 92 47.34 12.15 -31.89
N VAL B 93 48.07 13.26 -31.82
CA VAL B 93 49.36 13.40 -32.47
C VAL B 93 50.47 13.68 -31.46
N ILE B 94 50.22 14.54 -30.46
CA ILE B 94 51.24 14.89 -29.48
C ILE B 94 50.80 14.47 -28.08
N GLY B 95 51.63 14.77 -27.08
CA GLY B 95 51.39 14.31 -25.73
C GLY B 95 51.83 12.87 -25.51
N ASP B 96 52.02 12.53 -24.24
CA ASP B 96 52.38 11.16 -23.87
C ASP B 96 52.10 10.99 -22.37
N LEU B 97 52.73 9.98 -21.76
CA LEU B 97 52.52 9.76 -20.34
C LEU B 97 53.13 10.88 -19.50
N ASP B 98 54.15 11.56 -20.01
CA ASP B 98 54.80 12.59 -19.22
C ASP B 98 54.13 13.94 -19.32
N THR B 99 53.53 14.27 -20.47
CA THR B 99 52.92 15.59 -20.61
C THR B 99 51.73 15.74 -19.66
N HIS B 100 51.07 14.65 -19.29
CA HIS B 100 49.91 14.70 -18.43
C HIS B 100 50.16 14.00 -17.10
N HIS B 101 51.42 13.66 -16.82
CA HIS B 101 51.80 12.98 -15.60
C HIS B 101 51.34 13.75 -14.36
N ASN B 102 51.67 15.04 -14.29
CA ASN B 102 51.38 15.79 -13.07
C ASN B 102 49.86 15.88 -12.84
N LEU B 103 49.10 16.06 -13.91
CA LEU B 103 47.64 16.03 -13.78
C LEU B 103 47.15 14.69 -13.27
N CYS B 104 47.76 13.59 -13.74
CA CYS B 104 47.34 12.29 -13.26
C CYS B 104 47.64 12.12 -11.77
N THR B 105 48.80 12.60 -11.29
CA THR B 105 49.05 12.52 -9.85
C THR B 105 48.04 13.33 -9.06
N GLU B 106 47.59 14.46 -9.62
CA GLU B 106 46.61 15.30 -8.93
C GLU B 106 45.25 14.61 -8.85
N ILE B 107 44.80 14.02 -9.96
CA ILE B 107 43.55 13.27 -9.95
C ILE B 107 43.64 12.12 -8.95
N ALA B 108 44.74 11.37 -8.96
CA ALA B 108 44.84 10.26 -8.03
C ALA B 108 44.82 10.75 -6.58
N ALA B 109 45.55 11.83 -6.29
CA ALA B 109 45.63 12.31 -4.91
C ALA B 109 44.28 12.85 -4.44
N LEU B 110 43.58 13.61 -5.28
CA LEU B 110 42.35 14.27 -4.86
C LEU B 110 41.17 13.31 -4.82
N MET B 111 41.17 12.27 -5.67
CA MET B 111 40.08 11.30 -5.65
C MET B 111 40.31 10.15 -4.70
N ASP B 112 41.56 9.93 -4.27
CA ASP B 112 41.90 8.72 -3.52
C ASP B 112 41.37 7.49 -4.24
N LEU B 113 41.57 7.46 -5.55
CA LEU B 113 41.32 6.30 -6.39
C LEU B 113 42.54 6.08 -7.28
N PRO B 114 42.75 4.85 -7.72
CA PRO B 114 43.86 4.60 -8.64
C PRO B 114 43.56 5.15 -10.02
N VAL B 115 44.62 5.62 -10.68
CA VAL B 115 44.53 6.15 -12.03
C VAL B 115 45.49 5.35 -12.90
N VAL B 116 45.00 4.86 -14.04
CA VAL B 116 45.84 4.19 -15.02
C VAL B 116 45.82 5.01 -16.31
N ALA B 117 46.94 5.66 -16.63
CA ALA B 117 47.06 6.42 -17.86
C ALA B 117 47.55 5.54 -18.99
N VAL B 118 47.06 5.82 -20.20
CA VAL B 118 47.29 4.97 -21.38
C VAL B 118 48.21 5.68 -22.36
N ASP B 119 49.30 5.02 -22.73
CA ASP B 119 50.24 5.54 -23.73
C ASP B 119 49.86 4.96 -25.09
N TYR B 120 48.78 5.49 -25.65
CA TYR B 120 48.21 4.96 -26.88
C TYR B 120 49.03 5.41 -28.10
N ARG B 121 48.90 4.64 -29.18
CA ARG B 121 49.62 4.93 -30.42
C ARG B 121 49.18 6.27 -31.02
N LEU B 122 50.15 7.02 -31.54
CA LEU B 122 49.94 8.38 -32.01
C LEU B 122 49.98 8.45 -33.53
N ALA B 123 49.15 9.34 -34.07
CA ALA B 123 49.22 9.73 -35.46
C ALA B 123 50.31 10.79 -35.64
N PRO B 124 50.79 10.99 -36.87
CA PRO B 124 50.36 10.34 -38.12
C PRO B 124 50.93 8.94 -38.33
N GLU B 125 51.88 8.53 -37.49
CA GLU B 125 52.47 7.20 -37.64
C GLU B 125 51.41 6.12 -37.56
N HIS B 126 50.45 6.27 -36.65
CA HIS B 126 49.39 5.30 -36.46
C HIS B 126 48.08 6.07 -36.49
N PRO B 127 47.43 6.16 -37.65
CA PRO B 127 46.23 6.98 -37.76
C PRO B 127 45.03 6.28 -37.14
N PHE B 128 43.93 7.01 -37.10
CA PHE B 128 42.64 6.45 -36.70
C PHE B 128 42.47 5.08 -37.34
N PRO B 129 41.98 4.07 -36.61
CA PRO B 129 41.50 4.12 -35.22
C PRO B 129 42.50 3.60 -34.18
N ALA B 130 43.80 3.76 -34.43
CA ALA B 130 44.80 3.14 -33.56
C ALA B 130 44.65 3.58 -32.12
N ALA B 131 44.60 4.91 -31.88
CA ALA B 131 44.51 5.41 -30.52
C ALA B 131 43.27 4.84 -29.81
N ILE B 132 42.13 4.86 -30.50
CA ILE B 132 40.89 4.36 -29.92
C ILE B 132 41.02 2.89 -29.55
N GLU B 133 41.59 2.08 -30.44
CA GLU B 133 41.69 0.67 -30.13
C GLU B 133 42.64 0.42 -28.95
N ASP B 134 43.70 1.22 -28.83
CA ASP B 134 44.57 1.09 -27.65
C ASP B 134 43.84 1.53 -26.38
N CYS B 135 43.12 2.66 -26.43
CA CYS B 135 42.39 3.10 -25.25
C CYS B 135 41.33 2.08 -24.85
N GLU B 136 40.62 1.52 -25.82
CA GLU B 136 39.62 0.50 -25.50
C GLU B 136 40.28 -0.74 -24.88
N ALA B 137 41.36 -1.22 -25.50
CA ALA B 137 42.01 -2.42 -24.99
C ALA B 137 42.53 -2.21 -23.58
N ALA B 138 43.15 -1.05 -23.31
CA ALA B 138 43.70 -0.81 -21.99
C ALA B 138 42.60 -0.71 -20.95
N THR B 139 41.47 -0.09 -21.30
CA THR B 139 40.37 0.03 -20.35
C THR B 139 39.77 -1.33 -20.04
N ARG B 140 39.58 -2.17 -21.07
CA ARG B 140 39.10 -3.54 -20.84
C ARG B 140 40.06 -4.32 -19.94
N TRP B 141 41.36 -4.16 -20.16
CA TRP B 141 42.35 -4.85 -19.34
C TRP B 141 42.24 -4.43 -17.88
N VAL B 142 42.19 -3.11 -17.62
CA VAL B 142 42.01 -2.64 -16.25
C VAL B 142 40.71 -3.20 -15.66
N ALA B 143 39.63 -3.19 -16.45
CA ALA B 143 38.34 -3.65 -15.95
C ALA B 143 38.35 -5.12 -15.58
N SER B 144 39.34 -5.88 -16.04
CA SER B 144 39.41 -7.30 -15.74
C SER B 144 40.11 -7.60 -14.43
N SER B 145 40.55 -6.57 -13.71
CA SER B 145 41.25 -6.73 -12.45
C SER B 145 42.39 -7.73 -12.56
N PRO B 146 43.34 -7.49 -13.46
CA PRO B 146 44.45 -8.43 -13.62
C PRO B 146 45.36 -8.38 -12.40
N SER B 147 46.03 -9.51 -12.15
CA SER B 147 46.92 -9.58 -11.00
C SER B 147 47.93 -8.43 -11.00
N GLU B 148 48.49 -8.12 -12.17
CA GLU B 148 49.54 -7.12 -12.28
C GLU B 148 49.08 -5.72 -11.89
N LEU B 149 47.77 -5.46 -11.94
CA LEU B 149 47.26 -4.15 -11.56
C LEU B 149 47.42 -3.88 -10.06
N GLY B 150 47.32 -4.91 -9.22
CA GLY B 150 47.56 -4.76 -7.80
C GLY B 150 46.40 -4.22 -7.00
N ARG B 151 45.26 -3.96 -7.63
CA ARG B 151 44.03 -3.62 -6.92
C ARG B 151 42.87 -4.11 -7.77
N THR B 152 41.73 -4.33 -7.11
CA THR B 152 40.54 -4.84 -7.78
C THR B 152 39.64 -3.70 -8.23
N ALA B 153 39.22 -3.76 -9.50
CA ALA B 153 38.30 -2.76 -10.04
C ALA B 153 36.87 -3.28 -9.95
N SER B 154 36.00 -2.51 -9.31
CA SER B 154 34.57 -2.77 -9.30
C SER B 154 33.85 -2.05 -10.45
N GLY B 155 34.56 -1.20 -11.17
CA GLY B 155 34.03 -0.41 -12.28
C GLY B 155 35.18 0.42 -12.77
N VAL B 156 34.98 1.03 -13.95
CA VAL B 156 36.02 1.90 -14.50
C VAL B 156 35.45 3.29 -14.73
N ILE B 157 36.34 4.28 -14.72
CA ILE B 157 35.98 5.69 -14.92
C ILE B 157 36.85 6.23 -16.05
N PRO B 158 36.40 6.17 -17.29
CA PRO B 158 37.14 6.80 -18.40
C PRO B 158 37.17 8.32 -18.23
N ILE B 159 38.34 8.91 -18.43
CA ILE B 159 38.54 10.36 -18.27
C ILE B 159 39.64 10.78 -19.22
N GLY B 160 39.56 12.00 -19.72
CA GLY B 160 40.63 12.53 -20.55
C GLY B 160 40.27 13.90 -21.08
N ASP B 161 41.31 14.62 -21.50
CA ASP B 161 41.19 15.99 -21.98
C ASP B 161 41.31 16.03 -23.49
N ALA B 162 40.38 16.74 -24.14
CA ALA B 162 40.45 17.08 -25.57
C ALA B 162 40.49 15.71 -26.24
N ALA B 163 41.43 15.44 -27.14
CA ALA B 163 41.43 14.13 -27.81
C ALA B 163 41.15 13.00 -26.84
N GLY B 164 41.65 13.12 -25.60
CA GLY B 164 41.37 12.11 -24.59
C GLY B 164 39.94 12.14 -24.09
N GLY B 165 39.29 13.30 -24.18
CA GLY B 165 37.86 13.36 -23.91
C GLY B 165 37.05 12.72 -25.02
N ASN B 166 37.48 12.92 -26.27
CA ASN B 166 36.96 12.13 -27.38
C ASN B 166 37.11 10.64 -27.12
N ALA B 167 38.32 10.21 -26.76
CA ALA B 167 38.54 8.78 -26.48
C ALA B 167 37.66 8.31 -25.33
N THR B 168 37.51 9.12 -24.29
CA THR B 168 36.63 8.82 -23.16
C THR B 168 35.24 8.41 -23.63
N ILE B 169 34.61 9.24 -24.46
CA ILE B 169 33.25 8.96 -24.92
C ILE B 169 33.23 7.71 -25.79
N VAL B 170 34.19 7.59 -26.71
CA VAL B 170 34.21 6.43 -27.60
C VAL B 170 34.40 5.14 -26.80
N VAL B 171 35.31 5.15 -25.82
CA VAL B 171 35.50 3.97 -24.98
C VAL B 171 34.20 3.62 -24.26
N SER B 172 33.52 4.63 -23.69
CA SER B 172 32.28 4.33 -22.99
C SER B 172 31.23 3.74 -23.93
N GLN B 173 31.20 4.22 -25.18
CA GLN B 173 30.25 3.64 -26.14
C GLN B 173 30.63 2.22 -26.50
N LEU B 174 31.92 1.96 -26.69
CA LEU B 174 32.37 0.62 -27.07
C LEU B 174 32.13 -0.37 -25.94
N LEU B 175 32.41 0.02 -24.70
CA LEU B 175 32.15 -0.87 -23.57
C LEU B 175 30.65 -1.00 -23.31
N GLY B 176 29.87 0.05 -23.61
CA GLY B 176 28.42 -0.10 -23.52
C GLY B 176 27.88 -1.16 -24.46
N ALA B 177 28.42 -1.21 -25.69
CA ALA B 177 27.92 -2.17 -26.68
C ALA B 177 28.41 -3.58 -26.39
N LYS B 178 29.63 -3.71 -25.90
CA LYS B 178 30.26 -4.99 -25.60
C LYS B 178 30.92 -4.86 -24.23
N PRO B 179 30.21 -5.22 -23.16
CA PRO B 179 30.69 -4.89 -21.81
C PRO B 179 32.03 -5.52 -21.49
N ALA B 180 32.82 -4.79 -20.70
CA ALA B 180 34.01 -5.36 -20.07
C ALA B 180 33.57 -6.12 -18.82
N ASP B 181 34.54 -6.58 -18.02
CA ASP B 181 34.20 -7.38 -16.85
C ASP B 181 33.46 -6.59 -15.79
N VAL B 182 33.61 -5.26 -15.78
CA VAL B 182 32.84 -4.39 -14.89
C VAL B 182 32.36 -3.21 -15.73
N PRO B 183 31.33 -2.53 -15.27
CA PRO B 183 30.74 -1.44 -16.08
C PRO B 183 31.55 -0.16 -15.98
N VAL B 184 31.33 0.70 -16.98
CA VAL B 184 31.70 2.11 -16.86
C VAL B 184 30.72 2.76 -15.88
N VAL B 185 31.22 3.14 -14.70
CA VAL B 185 30.34 3.69 -13.67
C VAL B 185 30.21 5.20 -13.76
N LEU B 186 31.13 5.86 -14.46
CA LEU B 186 31.16 7.31 -14.63
C LEU B 186 32.13 7.60 -15.76
N GLN B 187 31.83 8.57 -16.60
CA GLN B 187 32.80 9.04 -17.58
C GLN B 187 32.97 10.54 -17.44
N VAL B 188 34.20 11.00 -17.65
CA VAL B 188 34.53 12.42 -17.46
C VAL B 188 35.25 12.98 -18.68
N PRO B 189 34.53 13.26 -19.77
CA PRO B 189 35.16 13.91 -20.93
C PRO B 189 35.39 15.39 -20.65
N ILE B 190 36.65 15.81 -20.68
CA ILE B 190 37.06 17.21 -20.38
C ILE B 190 37.41 17.88 -21.71
N PHE B 191 36.75 19.00 -21.99
CA PHE B 191 36.80 19.71 -23.29
C PHE B 191 36.90 18.72 -24.45
N PRO B 192 35.94 17.80 -24.58
CA PRO B 192 36.03 16.78 -25.58
C PRO B 192 35.60 17.21 -26.97
N LEU B 193 36.10 16.49 -27.95
CA LEU B 193 35.62 16.60 -29.32
C LEU B 193 34.58 15.48 -29.46
N ALA B 194 33.33 15.85 -29.51
CA ALA B 194 32.24 14.90 -29.68
C ALA B 194 31.57 15.06 -31.04
N SER B 195 31.07 16.25 -31.36
CA SER B 195 30.65 16.60 -32.70
C SER B 195 31.76 17.35 -33.42
N ASP B 196 31.80 17.21 -34.75
CA ASP B 196 32.74 17.95 -35.59
C ASP B 196 32.73 19.44 -35.28
N ALA B 197 33.90 19.99 -34.96
CA ALA B 197 33.97 21.41 -34.63
C ALA B 197 33.86 22.30 -35.87
N VAL B 198 34.12 21.76 -37.06
CA VAL B 198 34.04 22.56 -38.28
C VAL B 198 32.62 23.07 -38.47
N GLY B 199 32.50 24.39 -38.63
CA GLY B 199 31.21 25.03 -38.77
C GLY B 199 30.59 25.53 -37.49
N SER B 200 31.20 25.27 -36.34
CA SER B 200 30.61 25.69 -35.09
C SER B 200 30.91 27.15 -34.79
N ALA B 201 29.99 27.79 -34.05
CA ALA B 201 30.21 29.18 -33.67
C ALA B 201 31.45 29.33 -32.80
N SER B 202 31.70 28.39 -31.89
CA SER B 202 32.86 28.55 -31.02
C SER B 202 34.17 28.46 -31.79
N LEU B 203 34.23 27.64 -32.84
CA LEU B 203 35.47 27.54 -33.62
C LEU B 203 35.78 28.85 -34.32
N GLU B 204 34.76 29.50 -34.88
CA GLU B 204 34.98 30.80 -35.51
C GLU B 204 35.37 31.85 -34.48
N ALA B 205 34.72 31.85 -33.32
CA ALA B 205 34.97 32.89 -32.34
C ALA B 205 36.36 32.80 -31.73
N PHE B 206 36.89 31.58 -31.55
CA PHE B 206 38.15 31.37 -30.84
C PHE B 206 39.18 30.69 -31.73
N ALA B 207 39.11 30.97 -33.04
CA ALA B 207 39.97 30.31 -34.01
C ALA B 207 41.44 30.61 -33.80
N GLU B 208 41.77 31.75 -33.20
CA GLU B 208 43.16 32.15 -33.02
C GLU B 208 43.35 32.74 -31.62
N GLY B 209 44.51 32.46 -31.04
CA GLY B 209 44.91 33.12 -29.81
C GLY B 209 44.37 32.52 -28.53
N PHE B 210 43.73 31.36 -28.61
CA PHE B 210 43.17 30.73 -27.39
C PHE B 210 43.73 29.34 -27.13
N VAL B 211 45.05 29.19 -27.20
CA VAL B 211 45.80 27.93 -26.96
C VAL B 211 45.56 26.93 -28.09
N LEU B 212 44.38 26.34 -28.19
CA LEU B 212 44.07 25.44 -29.31
C LEU B 212 43.61 26.32 -30.47
N THR B 213 44.23 26.21 -31.63
CA THR B 213 43.81 27.07 -32.76
C THR B 213 43.18 26.26 -33.87
N LYS B 214 42.43 26.95 -34.72
CA LYS B 214 41.88 26.33 -35.91
C LYS B 214 42.96 25.69 -36.76
N ALA B 215 44.12 26.36 -36.88
CA ALA B 215 45.23 25.80 -37.64
C ALA B 215 45.68 24.47 -37.05
N SER B 216 45.78 24.39 -35.72
CA SER B 216 46.17 23.13 -35.08
C SER B 216 45.12 22.05 -35.30
N ILE B 217 43.84 22.43 -35.21
CA ILE B 217 42.76 21.48 -35.43
C ILE B 217 42.87 20.87 -36.83
N GLU B 218 43.11 21.71 -37.83
CA GLU B 218 43.29 21.20 -39.19
C GLU B 218 44.51 20.30 -39.29
N PHE B 219 45.59 20.67 -38.59
CA PHE B 219 46.79 19.83 -38.57
C PHE B 219 46.48 18.45 -37.98
N PHE B 220 45.80 18.41 -36.84
CA PHE B 220 45.45 17.14 -36.22
C PHE B 220 44.54 16.31 -37.12
N ASP B 221 43.55 16.95 -37.74
CA ASP B 221 42.64 16.23 -38.62
C ASP B 221 43.39 15.52 -39.74
N THR B 222 44.34 16.22 -40.36
CA THR B 222 45.08 15.64 -41.48
C THR B 222 45.92 14.45 -41.04
N ALA B 223 46.50 14.52 -39.83
CA ALA B 223 47.33 13.43 -39.32
C ALA B 223 46.49 12.23 -38.91
N TYR B 224 45.32 12.48 -38.29
CA TYR B 224 44.53 11.42 -37.67
C TYR B 224 43.71 10.64 -38.70
N LYS B 225 43.14 11.34 -39.68
CA LYS B 225 42.41 10.69 -40.78
C LYS B 225 41.23 9.87 -40.28
N ALA B 226 40.39 10.48 -39.44
CA ALA B 226 39.14 9.86 -39.03
C ALA B 226 38.03 10.32 -39.96
N ASP B 227 37.29 9.36 -40.52
CA ASP B 227 36.17 9.72 -41.39
C ASP B 227 35.08 10.40 -40.57
N ARG B 228 34.55 11.52 -41.09
CA ARG B 228 33.57 12.29 -40.34
C ARG B 228 32.29 11.51 -40.06
N ALA B 229 32.04 10.41 -40.76
CA ALA B 229 30.83 9.64 -40.55
C ALA B 229 31.03 8.48 -39.60
N ASP B 230 32.21 8.35 -39.00
CA ASP B 230 32.52 7.22 -38.14
C ASP B 230 32.31 7.61 -36.68
N PRO B 231 31.43 6.92 -35.96
CA PRO B 231 31.17 7.30 -34.56
C PRO B 231 32.36 7.04 -33.64
N ARG B 232 33.33 6.22 -34.04
CA ARG B 232 34.54 6.15 -33.23
C ARG B 232 35.45 7.37 -33.42
N GLY B 233 35.16 8.21 -34.41
CA GLY B 233 35.87 9.46 -34.56
C GLY B 233 35.06 10.63 -34.04
N PHE B 234 33.74 10.56 -34.24
CA PHE B 234 32.84 11.64 -33.85
C PHE B 234 31.68 11.03 -33.07
N PRO B 235 31.88 10.82 -31.76
CA PRO B 235 30.93 10.02 -30.98
C PRO B 235 29.59 10.71 -30.74
N ILE B 236 29.40 11.95 -31.18
CA ILE B 236 28.05 12.49 -31.17
C ILE B 236 27.15 11.61 -32.03
N LEU B 237 27.73 10.90 -32.99
CA LEU B 237 26.98 10.04 -33.90
C LEU B 237 26.59 8.71 -33.26
N GLY B 238 27.08 8.41 -32.07
CA GLY B 238 26.82 7.13 -31.43
C GLY B 238 25.46 7.09 -30.75
N ASP B 239 25.16 5.93 -30.19
CA ASP B 239 23.91 5.68 -29.49
C ASP B 239 24.06 6.15 -28.04
N HIS B 240 23.29 7.16 -27.65
CA HIS B 240 23.41 7.73 -26.31
C HIS B 240 22.42 7.12 -25.31
N THR B 241 21.55 6.20 -25.75
CA THR B 241 20.42 5.82 -24.91
C THR B 241 20.83 5.11 -23.64
N ALA B 242 22.04 4.54 -23.56
CA ALA B 242 22.50 3.88 -22.35
C ALA B 242 23.83 4.46 -21.87
N ALA B 243 24.10 5.72 -22.20
CA ALA B 243 25.34 6.34 -21.75
C ALA B 243 25.45 6.25 -20.24
N PRO B 244 26.65 6.00 -19.71
CA PRO B 244 26.84 6.01 -18.26
C PRO B 244 26.70 7.41 -17.69
N PRO B 245 26.60 7.55 -16.36
CA PRO B 245 26.65 8.87 -15.75
C PRO B 245 27.84 9.65 -16.29
N THR B 246 27.65 10.94 -16.53
CA THR B 246 28.65 11.72 -17.25
C THR B 246 28.88 13.07 -16.59
N ILE B 247 30.14 13.47 -16.55
CA ILE B 247 30.51 14.86 -16.28
C ILE B 247 31.21 15.40 -17.53
N VAL B 248 30.60 16.40 -18.15
CA VAL B 248 31.19 17.10 -19.29
C VAL B 248 31.71 18.42 -18.77
N ALA B 249 33.02 18.63 -18.86
CA ALA B 249 33.62 19.93 -18.55
C ALA B 249 34.11 20.56 -19.84
N THR B 250 33.76 21.83 -20.04
CA THR B 250 34.21 22.60 -21.19
C THR B 250 34.83 23.90 -20.69
N ALA B 251 35.40 24.68 -21.62
CA ALA B 251 35.91 26.01 -21.31
C ALA B 251 35.20 27.03 -22.20
N SER B 252 34.90 28.20 -21.62
CA SER B 252 34.09 29.19 -22.33
C SER B 252 34.80 29.78 -23.53
N LEU B 253 36.12 29.76 -23.57
CA LEU B 253 36.90 30.28 -24.69
C LEU B 253 37.44 29.18 -25.61
N ASP B 254 36.94 27.95 -25.49
CA ASP B 254 37.47 26.84 -26.27
C ASP B 254 36.86 26.84 -27.68
N PRO B 255 37.67 26.81 -28.74
CA PRO B 255 37.08 26.65 -30.07
C PRO B 255 36.20 25.40 -30.22
N ILE B 256 36.45 24.33 -29.45
CA ILE B 256 35.58 23.16 -29.51
C ILE B 256 34.57 23.13 -28.35
N ARG B 257 34.37 24.27 -27.69
CA ARG B 257 33.38 24.35 -26.61
C ARG B 257 32.01 23.86 -27.07
N ASP B 258 31.56 24.29 -28.24
CA ASP B 258 30.22 23.89 -28.71
C ASP B 258 30.11 22.39 -28.94
N SER B 259 31.23 21.72 -29.20
CA SER B 259 31.22 20.26 -29.32
C SER B 259 30.85 19.62 -27.98
N GLY B 260 31.40 20.14 -26.88
CA GLY B 260 31.03 19.64 -25.57
C GLY B 260 29.60 19.98 -25.20
N ARG B 261 29.16 21.20 -25.54
CA ARG B 261 27.74 21.54 -25.39
C ARG B 261 26.86 20.54 -26.12
N ASP B 262 27.19 20.25 -27.39
CA ASP B 262 26.39 19.30 -28.17
C ASP B 262 26.28 17.95 -27.46
N TYR B 263 27.39 17.46 -26.91
CA TYR B 263 27.35 16.13 -26.30
C TYR B 263 26.50 16.15 -25.04
N ALA B 264 26.68 17.13 -24.17
CA ALA B 264 25.86 17.19 -22.96
C ALA B 264 24.39 17.32 -23.31
N LYS B 265 24.06 18.13 -24.33
CA LYS B 265 22.66 18.23 -24.77
C LYS B 265 22.13 16.89 -25.27
N ALA B 266 22.95 16.15 -26.03
CA ALA B 266 22.49 14.86 -26.54
C ALA B 266 22.24 13.86 -25.41
N LEU B 267 23.03 13.93 -24.33
CA LEU B 267 22.79 13.06 -23.18
C LEU B 267 21.48 13.39 -22.48
N VAL B 268 21.20 14.70 -22.28
CA VAL B 268 19.91 15.07 -21.69
C VAL B 268 18.77 14.63 -22.58
N GLU B 269 18.91 14.85 -23.90
CA GLU B 269 17.89 14.44 -24.84
C GLU B 269 17.57 12.96 -24.70
N ALA B 270 18.59 12.15 -24.41
CA ALA B 270 18.43 10.71 -24.24
C ALA B 270 18.03 10.32 -22.83
N GLY B 271 17.88 11.28 -21.92
CA GLY B 271 17.46 10.96 -20.57
C GLY B 271 18.55 10.46 -19.66
N ARG B 272 19.81 10.77 -19.95
CA ARG B 272 20.94 10.28 -19.18
C ARG B 272 21.38 11.32 -18.17
N ASP B 273 21.91 10.85 -17.03
CA ASP B 273 22.38 11.77 -15.99
C ASP B 273 23.69 12.43 -16.42
N VAL B 274 23.76 13.75 -16.31
CA VAL B 274 24.94 14.46 -16.76
C VAL B 274 25.11 15.74 -15.94
N VAL B 275 26.36 16.00 -15.57
CA VAL B 275 26.77 17.29 -15.02
C VAL B 275 27.49 18.03 -16.14
N TYR B 276 27.00 19.23 -16.48
CA TYR B 276 27.64 20.09 -17.48
C TYR B 276 28.28 21.27 -16.73
N LEU B 277 29.61 21.37 -16.80
CA LEU B 277 30.32 22.50 -16.20
C LEU B 277 31.08 23.21 -17.30
N GLU B 278 30.79 24.49 -17.48
CA GLU B 278 31.48 25.33 -18.49
C GLU B 278 32.31 26.35 -17.73
N MET B 279 33.62 26.14 -17.69
CA MET B 279 34.53 27.00 -16.91
C MET B 279 34.62 28.38 -17.58
N GLU B 280 34.38 29.41 -16.79
CA GLU B 280 34.26 30.79 -17.31
C GLU B 280 35.60 31.51 -17.39
N GLY B 281 35.89 32.01 -18.57
CA GLY B 281 37.06 32.85 -18.73
C GLY B 281 38.37 32.13 -18.84
N VAL B 282 38.35 30.83 -19.16
CA VAL B 282 39.55 30.04 -19.37
C VAL B 282 39.44 29.30 -20.70
N THR B 283 40.57 28.74 -21.13
CA THR B 283 40.73 28.18 -22.46
C THR B 283 40.75 26.65 -22.42
N HIS B 284 40.74 26.11 -23.62
CA HIS B 284 41.13 24.70 -23.84
C HIS B 284 42.46 24.50 -23.09
N SER B 285 42.70 23.28 -22.64
CA SER B 285 43.94 22.83 -21.96
C SER B 285 44.05 23.37 -20.51
N PHE B 286 42.97 23.85 -19.92
CA PHE B 286 43.04 24.38 -18.54
C PHE B 286 43.54 23.38 -17.51
N THR B 287 43.36 22.09 -17.73
CA THR B 287 43.76 21.08 -16.73
C THR B 287 45.28 20.94 -16.59
N ASN B 288 46.09 21.43 -17.53
CA ASN B 288 47.56 21.28 -17.31
C ASN B 288 48.33 22.57 -17.50
N ILE B 289 47.72 23.66 -17.11
CA ILE B 289 48.39 24.99 -17.10
C ILE B 289 48.12 25.56 -15.71
N ARG B 290 48.07 24.68 -14.71
CA ARG B 290 47.63 25.02 -13.34
C ARG B 290 48.63 25.89 -12.56
N ALA B 291 49.86 25.98 -13.05
CA ALA B 291 50.86 26.86 -12.40
C ALA B 291 50.89 28.21 -13.12
N ALA B 292 50.80 28.20 -14.44
CA ALA B 292 50.81 29.46 -15.22
C ALA B 292 49.54 30.25 -14.97
N VAL B 293 48.41 29.54 -14.80
CA VAL B 293 47.10 30.20 -14.57
C VAL B 293 46.54 29.59 -13.30
N PRO B 294 46.95 30.09 -12.13
CA PRO B 294 46.64 29.38 -10.87
C PRO B 294 45.15 29.17 -10.64
N SER B 295 44.30 30.04 -11.19
CA SER B 295 42.87 29.84 -11.00
C SER B 295 42.35 28.54 -11.64
N THR B 296 43.09 27.95 -12.59
CA THR B 296 42.62 26.71 -13.20
C THR B 296 42.71 25.51 -12.25
N GLN B 297 43.51 25.60 -11.19
CA GLN B 297 43.46 24.56 -10.17
C GLN B 297 42.05 24.45 -9.59
N GLY B 298 41.42 25.59 -9.32
CA GLY B 298 40.04 25.57 -8.84
C GLY B 298 39.07 24.93 -9.82
N ASP B 299 39.30 25.11 -11.12
CA ASP B 299 38.44 24.48 -12.12
C ASP B 299 38.57 22.96 -12.04
N LEU B 300 39.81 22.46 -11.99
CA LEU B 300 40.00 21.03 -11.79
C LEU B 300 39.32 20.55 -10.52
N GLU B 301 39.43 21.33 -9.44
CA GLU B 301 38.82 20.91 -8.18
C GLU B 301 37.30 20.84 -8.27
N ARG B 302 36.67 21.69 -9.08
CA ARG B 302 35.23 21.56 -9.29
C ARG B 302 34.89 20.24 -9.98
N ILE B 303 35.69 19.84 -10.97
CA ILE B 303 35.45 18.57 -11.65
C ILE B 303 35.56 17.42 -10.64
N ILE B 304 36.60 17.47 -9.80
CA ILE B 304 36.81 16.46 -8.76
C ILE B 304 35.59 16.39 -7.84
N ALA B 305 35.07 17.56 -7.42
CA ALA B 305 33.91 17.54 -6.54
C ALA B 305 32.69 16.92 -7.24
N ALA B 306 32.52 17.20 -8.53
CA ALA B 306 31.43 16.60 -9.28
C ALA B 306 31.61 15.08 -9.40
N MET B 307 32.85 14.63 -9.57
CA MET B 307 33.11 13.20 -9.65
C MET B 307 32.74 12.50 -8.35
N LYS B 308 33.14 13.06 -7.21
CA LYS B 308 32.80 12.44 -5.93
C LYS B 308 31.29 12.39 -5.73
N MET B 309 30.60 13.48 -6.06
CA MET B 309 29.15 13.48 -5.94
C MET B 309 28.52 12.39 -6.82
N MET B 310 28.97 12.28 -8.07
CA MET B 310 28.33 11.35 -9.00
C MET B 310 28.65 9.89 -8.66
N LEU B 311 29.74 9.64 -7.95
CA LEU B 311 30.06 8.29 -7.49
C LEU B 311 29.34 7.93 -6.19
N GLY B 312 28.70 8.89 -5.53
CA GLY B 312 27.84 8.59 -4.39
C GLY B 312 28.58 8.03 -3.19
N THR C 4 -0.59 -8.87 25.35
CA THR C 4 -1.30 -7.92 24.46
C THR C 4 -2.31 -8.68 23.62
N PRO C 5 -3.30 -8.04 22.97
CA PRO C 5 -4.27 -8.78 22.21
C PRO C 5 -3.67 -9.39 20.93
N PHE C 6 -4.24 -10.49 20.49
CA PHE C 6 -3.75 -11.15 19.28
C PHE C 6 -4.01 -10.30 18.04
N ILE C 7 -2.97 -10.15 17.23
CA ILE C 7 -3.03 -9.41 15.96
C ILE C 7 -2.35 -10.24 14.89
N ARG C 8 -3.02 -10.41 13.76
CA ARG C 8 -2.41 -11.12 12.64
C ARG C 8 -1.19 -10.35 12.16
N PRO C 9 -0.18 -11.05 11.63
CA PRO C 9 1.02 -10.33 11.15
C PRO C 9 0.72 -9.32 10.05
N ASP C 10 -0.13 -9.66 9.07
CA ASP C 10 -0.39 -8.67 8.04
C ASP C 10 -1.23 -7.52 8.59
N MET C 11 -2.14 -7.80 9.53
CA MET C 11 -2.84 -6.72 10.20
C MET C 11 -1.89 -5.83 10.97
N LYS C 12 -0.93 -6.42 11.68
CA LYS C 12 0.03 -5.64 12.47
C LYS C 12 0.83 -4.71 11.58
N ALA C 13 1.28 -5.19 10.43
CA ALA C 13 2.07 -4.36 9.52
C ALA C 13 1.27 -3.16 9.03
N PHE C 14 -0.02 -3.36 8.76
CA PHE C 14 -0.88 -2.26 8.34
C PHE C 14 -1.01 -1.22 9.44
N LEU C 15 -1.22 -1.67 10.69
CA LEU C 15 -1.34 -0.73 11.79
C LEU C 15 -0.03 0.03 11.98
N GLU C 16 1.11 -0.65 11.83
CA GLU C 16 2.39 0.03 11.97
C GLU C 16 2.57 1.11 10.92
N ALA C 17 2.12 0.84 9.68
CA ALA C 17 2.19 1.85 8.64
C ALA C 17 1.33 3.06 8.99
N ILE C 18 0.13 2.83 9.53
CA ILE C 18 -0.73 3.94 9.92
C ILE C 18 -0.08 4.74 11.05
N ALA C 19 0.51 4.06 12.02
CA ALA C 19 1.12 4.75 13.15
C ALA C 19 2.32 5.58 12.71
N ALA C 20 3.12 5.04 11.79
CA ALA C 20 4.28 5.78 11.28
C ALA C 20 3.84 7.03 10.54
N MET C 21 2.74 6.93 9.79
CA MET C 21 2.20 8.11 9.12
C MET C 21 1.90 9.21 10.12
N ALA C 22 1.36 8.86 11.28
CA ALA C 22 1.11 9.80 12.38
C ALA C 22 0.34 11.01 11.89
N GLY C 23 -0.80 10.76 11.25
CA GLY C 23 -1.59 11.83 10.69
C GLY C 23 -2.44 12.52 11.73
N PRO C 24 -3.12 13.58 11.31
CA PRO C 24 -4.03 14.29 12.22
C PRO C 24 -5.32 13.51 12.43
N THR C 25 -6.05 13.90 13.48
CA THR C 25 -7.36 13.33 13.73
C THR C 25 -8.38 13.88 12.73
N LEU C 26 -9.50 13.16 12.59
CA LEU C 26 -10.54 13.65 11.69
C LEU C 26 -10.99 15.05 12.08
N ALA C 27 -11.09 15.32 13.39
CA ALA C 27 -11.58 16.62 13.85
C ALA C 27 -10.59 17.73 13.53
N GLU C 28 -9.29 17.41 13.45
CA GLU C 28 -8.28 18.40 13.13
C GLU C 28 -8.23 18.76 11.65
N MET C 29 -8.72 17.90 10.77
CA MET C 29 -8.79 18.19 9.34
C MET C 29 -10.02 19.03 9.04
N THR C 30 -10.03 19.65 7.85
CA THR C 30 -11.32 20.14 7.35
C THR C 30 -12.22 18.94 7.09
N LEU C 31 -13.52 19.22 7.04
CA LEU C 31 -14.49 18.14 6.79
C LEU C 31 -14.19 17.44 5.47
N GLU C 32 -13.93 18.19 4.41
CA GLU C 32 -13.62 17.55 3.13
C GLU C 32 -12.27 16.82 3.17
N GLU C 33 -11.32 17.31 3.98
CA GLU C 33 -10.07 16.56 4.14
C GLU C 33 -10.30 15.25 4.89
N ALA C 34 -11.21 15.25 5.87
CA ALA C 34 -11.55 14.01 6.56
C ALA C 34 -12.18 13.02 5.60
N ARG C 35 -13.11 13.50 4.76
CA ARG C 35 -13.72 12.61 3.75
C ARG C 35 -12.66 12.07 2.79
N ALA C 36 -11.77 12.95 2.31
CA ALA C 36 -10.71 12.52 1.39
C ALA C 36 -9.76 11.51 2.04
N SER C 37 -9.48 11.66 3.34
CA SER C 37 -8.56 10.70 3.96
C SER C 37 -9.15 9.30 3.95
N TYR C 38 -10.48 9.20 4.09
CA TYR C 38 -11.14 7.89 4.08
C TYR C 38 -11.19 7.32 2.66
N VAL C 39 -11.49 8.16 1.67
CA VAL C 39 -11.37 7.75 0.28
C VAL C 39 -9.99 7.16 0.01
N ALA C 40 -8.94 7.85 0.49
CA ALA C 40 -7.58 7.36 0.23
C ALA C 40 -7.29 6.06 0.99
N LEU C 41 -7.77 5.94 2.23
CA LEU C 41 -7.52 4.72 2.99
C LEU C 41 -8.10 3.50 2.29
N HIS C 42 -9.40 3.53 1.99
CA HIS C 42 -10.02 2.40 1.29
C HIS C 42 -9.50 2.29 -0.13
N GLY C 43 -9.29 3.42 -0.79
CA GLY C 43 -8.85 3.37 -2.17
C GLY C 43 -7.52 2.66 -2.31
N MET C 44 -6.59 2.96 -1.41
CA MET C 44 -5.27 2.38 -1.51
C MET C 44 -5.16 1.01 -0.84
N ALA C 45 -6.06 0.67 0.09
CA ALA C 45 -5.91 -0.57 0.85
C ALA C 45 -6.79 -1.71 0.37
N ASP C 46 -7.86 -1.43 -0.39
CA ASP C 46 -8.77 -2.50 -0.76
C ASP C 46 -8.38 -3.10 -2.10
N ARG C 47 -8.90 -4.30 -2.34
CA ARG C 47 -8.66 -4.98 -3.61
C ARG C 47 -9.40 -4.25 -4.70
N PRO C 48 -8.98 -4.38 -5.96
CA PRO C 48 -9.68 -3.74 -7.09
C PRO C 48 -11.08 -4.29 -7.27
N ALA C 49 -11.88 -3.54 -7.99
CA ALA C 49 -13.27 -3.94 -8.27
C ALA C 49 -13.30 -5.19 -9.13
N ARG C 50 -14.31 -6.00 -8.92
CA ARG C 50 -14.53 -7.13 -9.82
C ARG C 50 -15.22 -6.57 -11.06
N GLU C 51 -14.98 -7.21 -12.18
CA GLU C 51 -15.68 -6.89 -13.41
C GLU C 51 -17.07 -7.50 -13.35
N LEU C 52 -18.08 -6.70 -13.69
CA LEU C 52 -19.48 -7.09 -13.58
C LEU C 52 -20.22 -6.73 -14.86
N ALA C 53 -21.27 -7.50 -15.15
CA ALA C 53 -22.12 -7.18 -16.28
C ALA C 53 -22.75 -5.80 -16.14
N VAL C 54 -23.25 -5.50 -14.94
CA VAL C 54 -24.03 -4.30 -14.70
C VAL C 54 -23.44 -3.54 -13.52
N ILE C 55 -23.03 -2.30 -13.77
CA ILE C 55 -22.77 -1.31 -12.73
C ILE C 55 -23.43 -0.03 -13.21
N ARG C 56 -24.50 0.37 -12.54
CA ARG C 56 -25.42 1.37 -13.08
C ARG C 56 -25.80 2.34 -11.98
N ASN C 57 -25.62 3.64 -12.26
CA ASN C 57 -26.09 4.69 -11.36
C ASN C 57 -27.56 4.98 -11.61
N LEU C 58 -28.32 5.14 -10.53
CA LEU C 58 -29.71 5.59 -10.64
C LEU C 58 -30.09 6.32 -9.37
N SER C 59 -31.39 6.56 -9.19
CA SER C 59 -31.86 7.27 -8.00
C SER C 59 -33.29 6.85 -7.73
N CYS C 60 -33.74 7.11 -6.50
CA CYS C 60 -35.13 6.90 -6.16
C CYS C 60 -35.60 8.08 -5.32
N PRO C 61 -36.91 8.27 -5.21
CA PRO C 61 -37.42 9.38 -4.40
C PRO C 61 -37.18 9.14 -2.92
N GLY C 62 -36.79 10.20 -2.21
CA GLY C 62 -36.67 10.19 -0.78
C GLY C 62 -37.36 11.39 -0.16
N PRO C 63 -37.41 11.46 1.17
CA PRO C 63 -38.15 12.57 1.80
C PRO C 63 -37.53 13.94 1.58
N ALA C 64 -36.22 14.01 1.32
CA ALA C 64 -35.58 15.29 1.09
C ALA C 64 -35.39 15.60 -0.38
N GLY C 65 -35.57 14.63 -1.26
CA GLY C 65 -35.23 14.75 -2.65
C GLY C 65 -34.82 13.39 -3.17
N ASP C 66 -34.17 13.37 -4.33
CA ASP C 66 -33.72 12.10 -4.89
C ASP C 66 -32.57 11.51 -4.09
N ILE C 67 -32.58 10.18 -3.94
CA ILE C 67 -31.51 9.44 -3.29
C ILE C 67 -30.69 8.75 -4.37
N PRO C 68 -29.40 9.05 -4.50
CA PRO C 68 -28.60 8.37 -5.52
C PRO C 68 -28.35 6.93 -5.11
N LEU C 69 -28.34 6.03 -6.09
CA LEU C 69 -28.15 4.60 -5.87
C LEU C 69 -27.15 4.07 -6.90
N ARG C 70 -26.53 2.94 -6.59
CA ARG C 70 -25.71 2.26 -7.58
C ARG C 70 -26.07 0.79 -7.57
N LEU C 71 -26.47 0.27 -8.73
CA LEU C 71 -26.81 -1.13 -8.91
C LEU C 71 -25.59 -1.91 -9.41
N TYR C 72 -25.32 -3.04 -8.77
CA TYR C 72 -24.27 -3.96 -9.18
C TYR C 72 -24.90 -5.32 -9.48
N ASP C 73 -24.56 -5.92 -10.61
CA ASP C 73 -25.04 -7.27 -10.88
C ASP C 73 -24.07 -7.98 -11.81
N ALA C 74 -23.66 -9.18 -11.40
CA ALA C 74 -22.86 -10.05 -12.27
C ALA C 74 -23.64 -10.51 -13.50
N ARG C 75 -24.97 -10.42 -13.48
CA ARG C 75 -25.80 -10.90 -14.57
C ARG C 75 -26.50 -9.74 -15.25
N GLU C 76 -26.55 -9.79 -16.58
CA GLU C 76 -27.24 -8.75 -17.34
C GLU C 76 -28.73 -8.74 -17.04
N SER C 77 -29.32 -9.91 -16.88
CA SER C 77 -30.74 -10.04 -16.54
C SER C 77 -30.91 -11.24 -15.64
N ARG C 78 -31.87 -11.16 -14.76
CA ARG C 78 -32.13 -12.26 -13.86
C ARG C 78 -33.59 -12.21 -13.49
N GLU C 79 -34.03 -13.33 -12.97
CA GLU C 79 -35.37 -13.63 -12.52
C GLU C 79 -35.61 -12.99 -11.16
N ALA C 80 -36.81 -13.11 -10.64
CA ALA C 80 -37.14 -12.65 -9.29
C ALA C 80 -36.22 -13.35 -8.32
N GLY C 81 -35.81 -12.69 -7.22
CA GLY C 81 -34.96 -13.23 -6.19
C GLY C 81 -34.70 -12.16 -5.16
N PRO C 82 -33.95 -12.49 -4.11
CA PRO C 82 -33.61 -11.47 -3.12
C PRO C 82 -32.66 -10.43 -3.72
N VAL C 83 -32.79 -9.20 -3.24
CA VAL C 83 -31.93 -8.10 -3.66
C VAL C 83 -31.23 -7.57 -2.43
N ILE C 84 -29.90 -7.47 -2.50
CA ILE C 84 -29.10 -6.92 -1.40
C ILE C 84 -29.17 -5.41 -1.44
N THR C 85 -29.43 -4.79 -0.29
CA THR C 85 -29.48 -3.33 -0.16
C THR C 85 -28.38 -2.93 0.82
N PHE C 86 -27.39 -2.21 0.31
CA PHE C 86 -26.13 -2.00 1.02
C PHE C 86 -26.00 -0.55 1.47
N TYR C 87 -25.56 -0.36 2.71
CA TYR C 87 -25.34 0.96 3.30
C TYR C 87 -23.91 1.04 3.81
N HIS C 88 -23.15 2.02 3.31
CA HIS C 88 -21.73 2.11 3.62
C HIS C 88 -21.51 2.67 5.02
N GLY C 89 -20.31 2.39 5.57
CA GLY C 89 -19.88 2.94 6.84
C GLY C 89 -19.19 4.29 6.68
N GLY C 90 -18.68 4.79 7.82
CA GLY C 90 -18.10 6.12 7.86
C GLY C 90 -18.77 7.06 8.83
N GLY C 91 -19.38 6.50 9.87
CA GLY C 91 -19.89 7.32 10.97
C GLY C 91 -21.07 8.19 10.63
N PHE C 92 -21.68 7.99 9.46
CA PHE C 92 -22.73 8.84 8.91
C PHE C 92 -22.19 10.22 8.52
N VAL C 93 -20.88 10.35 8.43
CA VAL C 93 -20.22 11.61 8.10
C VAL C 93 -19.36 11.48 6.85
N ILE C 94 -18.62 10.38 6.72
CA ILE C 94 -17.73 10.17 5.59
C ILE C 94 -18.13 8.91 4.86
N GLY C 95 -17.40 8.57 3.81
CA GLY C 95 -17.77 7.49 2.93
C GLY C 95 -18.82 7.91 1.89
N ASP C 96 -18.92 7.11 0.84
CA ASP C 96 -19.93 7.32 -0.19
C ASP C 96 -19.99 6.09 -1.09
N LEU C 97 -20.54 6.24 -2.31
CA LEU C 97 -20.66 5.09 -3.18
C LEU C 97 -19.30 4.58 -3.64
N ASP C 98 -18.31 5.47 -3.72
CA ASP C 98 -17.01 5.09 -4.24
C ASP C 98 -16.12 4.47 -3.18
N THR C 99 -16.23 4.89 -1.92
CA THR C 99 -15.37 4.32 -0.89
C THR C 99 -15.64 2.85 -0.66
N HIS C 100 -16.85 2.40 -0.98
CA HIS C 100 -17.23 1.01 -0.77
C HIS C 100 -17.55 0.31 -2.08
N HIS C 101 -17.24 0.94 -3.21
CA HIS C 101 -17.57 0.40 -4.52
C HIS C 101 -16.93 -0.97 -4.74
N ASN C 102 -15.63 -1.10 -4.47
CA ASN C 102 -14.95 -2.37 -4.76
C ASN C 102 -15.54 -3.50 -3.92
N LEU C 103 -15.77 -3.24 -2.62
CA LEU C 103 -16.46 -4.21 -1.77
C LEU C 103 -17.82 -4.59 -2.35
N CYS C 104 -18.58 -3.62 -2.84
CA CYS C 104 -19.88 -3.93 -3.41
C CYS C 104 -19.75 -4.84 -4.63
N THR C 105 -18.78 -4.57 -5.51
CA THR C 105 -18.62 -5.48 -6.65
C THR C 105 -18.26 -6.88 -6.18
N GLU C 106 -17.51 -6.99 -5.07
CA GLU C 106 -17.11 -8.29 -4.54
C GLU C 106 -18.30 -9.04 -3.96
N ILE C 107 -19.16 -8.34 -3.21
CA ILE C 107 -20.39 -8.97 -2.70
C ILE C 107 -21.24 -9.45 -3.87
N ALA C 108 -21.44 -8.59 -4.88
CA ALA C 108 -22.24 -8.99 -6.03
C ALA C 108 -21.65 -10.22 -6.70
N ALA C 109 -20.34 -10.22 -6.92
CA ALA C 109 -19.71 -11.34 -7.63
C ALA C 109 -19.81 -12.63 -6.83
N LEU C 110 -19.53 -12.57 -5.53
CA LEU C 110 -19.45 -13.79 -4.73
C LEU C 110 -20.83 -14.31 -4.33
N MET C 111 -21.83 -13.43 -4.18
CA MET C 111 -23.19 -13.88 -3.88
C MET C 111 -23.98 -14.26 -5.12
N ASP C 112 -23.61 -13.76 -6.29
CA ASP C 112 -24.44 -13.90 -7.48
C ASP C 112 -25.86 -13.44 -7.19
N LEU C 113 -25.96 -12.25 -6.59
CA LEU C 113 -27.20 -11.54 -6.34
C LEU C 113 -26.99 -10.08 -6.68
N PRO C 114 -28.04 -9.37 -7.07
CA PRO C 114 -27.90 -7.93 -7.32
C PRO C 114 -27.71 -7.19 -6.01
N VAL C 115 -26.90 -6.13 -6.06
CA VAL C 115 -26.62 -5.27 -4.92
C VAL C 115 -27.00 -3.85 -5.31
N VAL C 116 -27.75 -3.19 -4.43
CA VAL C 116 -28.09 -1.78 -4.61
C VAL C 116 -27.49 -1.01 -3.45
N ALA C 117 -26.49 -0.18 -3.73
CA ALA C 117 -25.85 0.63 -2.70
C ALA C 117 -26.53 2.00 -2.62
N VAL C 118 -26.62 2.53 -1.40
CA VAL C 118 -27.42 3.73 -1.13
C VAL C 118 -26.47 4.89 -0.81
N ASP C 119 -26.58 5.98 -1.57
CA ASP C 119 -25.79 7.18 -1.32
C ASP C 119 -26.60 8.11 -0.40
N TYR C 120 -26.70 7.71 0.87
CA TYR C 120 -27.57 8.41 1.80
C TYR C 120 -26.95 9.76 2.24
N ARG C 121 -27.82 10.67 2.69
CA ARG C 121 -27.35 11.99 3.11
C ARG C 121 -26.50 11.88 4.38
N LEU C 122 -25.47 12.72 4.45
CA LEU C 122 -24.42 12.69 5.47
C LEU C 122 -24.51 13.86 6.42
N ALA C 123 -24.17 13.59 7.67
CA ALA C 123 -23.88 14.62 8.65
C ALA C 123 -22.46 15.16 8.42
N PRO C 124 -22.15 16.34 8.95
CA PRO C 124 -22.99 17.20 9.80
C PRO C 124 -24.04 17.99 9.01
N GLU C 125 -23.93 18.03 7.67
CA GLU C 125 -24.88 18.81 6.89
C GLU C 125 -26.31 18.33 7.12
N HIS C 126 -26.50 17.00 7.20
CA HIS C 126 -27.80 16.37 7.40
C HIS C 126 -27.68 15.48 8.62
N PRO C 127 -28.06 15.98 9.80
CA PRO C 127 -27.91 15.18 11.02
C PRO C 127 -28.95 14.06 11.08
N PHE C 128 -28.76 13.20 12.08
CA PHE C 128 -29.72 12.16 12.45
C PHE C 128 -31.15 12.71 12.40
N PRO C 129 -32.11 11.98 11.82
CA PRO C 129 -32.02 10.65 11.21
C PRO C 129 -31.91 10.66 9.68
N ALA C 130 -31.25 11.66 9.08
CA ALA C 130 -31.22 11.74 7.63
C ALA C 130 -30.73 10.45 7.00
N ALA C 131 -29.58 9.95 7.46
CA ALA C 131 -29.06 8.71 6.89
C ALA C 131 -30.09 7.59 6.95
N ILE C 132 -30.74 7.42 8.11
CA ILE C 132 -31.73 6.36 8.28
C ILE C 132 -32.93 6.59 7.35
N GLU C 133 -33.41 7.83 7.23
CA GLU C 133 -34.53 8.11 6.32
C GLU C 133 -34.22 7.62 4.91
N ASP C 134 -33.00 7.89 4.44
CA ASP C 134 -32.66 7.58 3.07
C ASP C 134 -32.47 6.08 2.89
N CYS C 135 -31.80 5.43 3.84
CA CYS C 135 -31.61 3.98 3.73
C CYS C 135 -32.94 3.26 3.77
N GLU C 136 -33.84 3.68 4.67
CA GLU C 136 -35.18 3.08 4.70
C GLU C 136 -35.91 3.29 3.38
N ALA C 137 -35.94 4.54 2.89
CA ALA C 137 -36.69 4.83 1.67
C ALA C 137 -36.15 4.06 0.48
N ALA C 138 -34.82 4.01 0.34
CA ALA C 138 -34.22 3.25 -0.75
C ALA C 138 -34.54 1.77 -0.64
N THR C 139 -34.52 1.21 0.58
CA THR C 139 -34.78 -0.22 0.73
C THR C 139 -36.23 -0.55 0.40
N ARG C 140 -37.18 0.29 0.84
CA ARG C 140 -38.58 0.12 0.45
C ARG C 140 -38.74 0.24 -1.06
N TRP C 141 -38.01 1.15 -1.69
CA TRP C 141 -38.13 1.33 -3.14
C TRP C 141 -37.65 0.09 -3.86
N VAL C 142 -36.49 -0.44 -3.47
CA VAL C 142 -36.02 -1.70 -4.07
C VAL C 142 -37.04 -2.81 -3.85
N ALA C 143 -37.58 -2.90 -2.63
CA ALA C 143 -38.53 -3.95 -2.30
C ALA C 143 -39.80 -3.87 -3.15
N SER C 144 -40.08 -2.71 -3.75
CA SER C 144 -41.29 -2.54 -4.56
C SER C 144 -41.10 -3.02 -6.00
N SER C 145 -39.93 -3.57 -6.33
CA SER C 145 -39.60 -4.03 -7.68
C SER C 145 -39.92 -2.97 -8.75
N PRO C 146 -39.28 -1.81 -8.68
CA PRO C 146 -39.51 -0.79 -9.71
C PRO C 146 -38.90 -1.20 -11.03
N SER C 147 -39.55 -0.77 -12.12
CA SER C 147 -39.05 -1.15 -13.44
C SER C 147 -37.67 -0.60 -13.70
N GLU C 148 -37.33 0.57 -13.12
CA GLU C 148 -36.00 1.14 -13.31
C GLU C 148 -34.90 0.19 -12.88
N LEU C 149 -35.18 -0.67 -11.91
CA LEU C 149 -34.16 -1.59 -11.41
C LEU C 149 -33.98 -2.80 -12.32
N GLY C 150 -35.05 -3.24 -12.98
CA GLY C 150 -34.97 -4.41 -13.83
C GLY C 150 -34.68 -5.69 -13.10
N ARG C 151 -35.00 -5.75 -11.80
CA ARG C 151 -34.70 -6.94 -10.99
C ARG C 151 -35.81 -7.10 -9.97
N THR C 152 -36.78 -7.94 -10.28
CA THR C 152 -37.85 -8.20 -9.32
C THR C 152 -37.29 -8.74 -8.02
N ALA C 153 -37.75 -8.16 -6.91
CA ALA C 153 -37.32 -8.57 -5.58
C ALA C 153 -38.37 -9.45 -4.94
N SER C 154 -37.96 -10.65 -4.52
CA SER C 154 -38.80 -11.49 -3.69
C SER C 154 -38.56 -11.23 -2.21
N GLY C 155 -37.53 -10.47 -1.89
CA GLY C 155 -37.17 -10.12 -0.53
C GLY C 155 -35.96 -9.22 -0.62
N VAL C 156 -35.63 -8.57 0.49
CA VAL C 156 -34.44 -7.73 0.52
C VAL C 156 -33.48 -8.21 1.61
N ILE C 157 -32.20 -7.92 1.39
CA ILE C 157 -31.12 -8.29 2.30
C ILE C 157 -30.36 -7.01 2.68
N PRO C 158 -30.74 -6.33 3.76
CA PRO C 158 -29.96 -5.18 4.22
C PRO C 158 -28.60 -5.62 4.74
N ILE C 159 -27.57 -4.89 4.33
CA ILE C 159 -26.19 -5.20 4.71
C ILE C 159 -25.41 -3.91 4.76
N GLY C 160 -24.49 -3.81 5.71
CA GLY C 160 -23.60 -2.66 5.74
C GLY C 160 -22.60 -2.77 6.86
N ASP C 161 -21.56 -1.95 6.75
CA ASP C 161 -20.45 -1.94 7.72
C ASP C 161 -20.51 -0.72 8.64
N ALA C 162 -20.31 -0.97 9.92
CA ALA C 162 -20.20 0.06 10.97
C ALA C 162 -21.47 0.91 10.99
N ALA C 163 -21.38 2.20 10.63
CA ALA C 163 -22.60 3.02 10.55
C ALA C 163 -23.59 2.31 9.61
N GLY C 164 -23.08 1.70 8.56
CA GLY C 164 -23.94 0.96 7.66
C GLY C 164 -24.56 -0.25 8.33
N GLY C 165 -23.87 -0.83 9.30
CA GLY C 165 -24.43 -1.93 10.08
C GLY C 165 -25.47 -1.45 11.08
N ASN C 166 -25.27 -0.25 11.62
CA ASN C 166 -26.32 0.43 12.37
C ASN C 166 -27.56 0.61 11.50
N ALA C 167 -27.36 1.15 10.29
CA ALA C 167 -28.48 1.38 9.38
C ALA C 167 -29.17 0.06 9.02
N THR C 168 -28.39 -1.01 8.83
CA THR C 168 -28.95 -2.32 8.52
C THR C 168 -29.96 -2.74 9.58
N ILE C 169 -29.59 -2.61 10.85
CA ILE C 169 -30.46 -3.06 11.94
C ILE C 169 -31.69 -2.16 12.05
N VAL C 170 -31.48 -0.85 11.99
CA VAL C 170 -32.60 0.10 12.06
C VAL C 170 -33.57 -0.12 10.92
N VAL C 171 -33.06 -0.23 9.69
CA VAL C 171 -33.92 -0.49 8.53
C VAL C 171 -34.72 -1.77 8.74
N SER C 172 -34.07 -2.84 9.21
CA SER C 172 -34.82 -4.08 9.43
C SER C 172 -35.89 -3.90 10.49
N GLN C 173 -35.61 -3.10 11.51
CA GLN C 173 -36.62 -2.85 12.54
C GLN C 173 -37.77 -2.03 11.98
N LEU C 174 -37.47 -1.01 11.17
CA LEU C 174 -38.54 -0.17 10.61
C LEU C 174 -39.40 -0.95 9.64
N LEU C 175 -38.77 -1.80 8.80
CA LEU C 175 -39.55 -2.59 7.87
C LEU C 175 -40.31 -3.71 8.59
N GLY C 176 -39.78 -4.19 9.71
CA GLY C 176 -40.51 -5.19 10.48
C GLY C 176 -41.79 -4.60 11.07
N ALA C 177 -41.74 -3.34 11.48
CA ALA C 177 -42.92 -2.70 12.05
C ALA C 177 -43.92 -2.27 10.98
N LYS C 178 -43.43 -1.84 9.82
CA LYS C 178 -44.30 -1.40 8.72
C LYS C 178 -43.76 -2.01 7.44
N PRO C 179 -44.25 -3.19 7.05
CA PRO C 179 -43.60 -3.94 5.99
C PRO C 179 -43.54 -3.21 4.65
N ALA C 180 -42.46 -3.47 3.93
CA ALA C 180 -42.34 -3.13 2.52
C ALA C 180 -43.11 -4.16 1.69
N ASP C 181 -43.03 -4.06 0.36
CA ASP C 181 -43.76 -4.97 -0.51
C ASP C 181 -43.29 -6.41 -0.36
N VAL C 182 -42.04 -6.63 0.07
CA VAL C 182 -41.51 -7.95 0.38
C VAL C 182 -40.74 -7.88 1.68
N PRO C 183 -40.51 -9.01 2.34
CA PRO C 183 -39.88 -9.00 3.65
C PRO C 183 -38.36 -8.85 3.60
N VAL C 184 -37.79 -8.45 4.74
CA VAL C 184 -36.37 -8.65 4.96
C VAL C 184 -36.14 -10.15 5.20
N VAL C 185 -35.44 -10.81 4.28
CA VAL C 185 -35.23 -12.25 4.42
C VAL C 185 -33.94 -12.59 5.16
N LEU C 186 -33.04 -11.61 5.31
CA LEU C 186 -31.76 -11.78 5.97
C LEU C 186 -31.17 -10.39 6.17
N GLN C 187 -30.57 -10.16 7.33
CA GLN C 187 -29.82 -8.91 7.54
C GLN C 187 -28.40 -9.24 7.96
N VAL C 188 -27.45 -8.41 7.52
CA VAL C 188 -26.03 -8.69 7.70
C VAL C 188 -25.34 -7.43 8.22
N PRO C 189 -25.49 -7.08 9.51
CA PRO C 189 -24.76 -5.98 10.09
C PRO C 189 -23.30 -6.39 10.35
N ILE C 190 -22.37 -5.71 9.68
CA ILE C 190 -20.91 -5.98 9.81
C ILE C 190 -20.32 -4.90 10.70
N PHE C 191 -19.61 -5.34 11.74
CA PHE C 191 -19.06 -4.52 12.85
C PHE C 191 -20.01 -3.36 13.12
N PRO C 192 -21.29 -3.66 13.45
CA PRO C 192 -22.29 -2.60 13.60
C PRO C 192 -22.17 -1.85 14.92
N LEU C 193 -22.70 -0.62 14.92
CA LEU C 193 -23.01 0.08 16.16
C LEU C 193 -24.47 -0.22 16.51
N ALA C 194 -24.70 -0.99 17.56
CA ALA C 194 -26.06 -1.31 18.00
C ALA C 194 -26.36 -0.71 19.36
N SER C 195 -25.54 -1.03 20.37
CA SER C 195 -25.56 -0.37 21.66
C SER C 195 -24.47 0.71 21.70
N ASP C 196 -24.74 1.76 22.45
CA ASP C 196 -23.75 2.82 22.68
C ASP C 196 -22.40 2.26 23.10
N ALA C 197 -21.35 2.61 22.35
CA ALA C 197 -20.01 2.11 22.66
C ALA C 197 -19.38 2.79 23.87
N VAL C 198 -19.86 3.98 24.26
CA VAL C 198 -19.28 4.66 25.41
C VAL C 198 -19.45 3.80 26.65
N GLY C 199 -18.36 3.63 27.40
CA GLY C 199 -18.37 2.81 28.59
C GLY C 199 -18.07 1.35 28.36
N SER C 200 -17.96 0.92 27.10
CA SER C 200 -17.71 -0.49 26.81
C SER C 200 -16.23 -0.83 27.00
N ALA C 201 -15.99 -2.10 27.32
CA ALA C 201 -14.62 -2.56 27.52
C ALA C 201 -13.81 -2.49 26.23
N SER C 202 -14.44 -2.82 25.09
CA SER C 202 -13.70 -2.79 23.83
C SER C 202 -13.30 -1.36 23.45
N LEU C 203 -14.14 -0.37 23.75
CA LEU C 203 -13.78 0.99 23.41
C LEU C 203 -12.53 1.43 24.16
N GLU C 204 -12.44 1.08 25.44
CA GLU C 204 -11.26 1.42 26.21
C GLU C 204 -10.04 0.63 25.74
N ALA C 205 -10.23 -0.65 25.40
CA ALA C 205 -9.09 -1.49 25.03
C ALA C 205 -8.49 -1.06 23.70
N PHE C 206 -9.34 -0.63 22.77
CA PHE C 206 -8.90 -0.33 21.39
C PHE C 206 -9.17 1.12 21.02
N ALA C 207 -9.04 2.03 21.97
CA ALA C 207 -9.35 3.45 21.74
C ALA C 207 -8.39 4.10 20.75
N GLU C 208 -7.15 3.63 20.71
CA GLU C 208 -6.18 4.20 19.77
C GLU C 208 -5.40 3.11 19.08
N GLY C 209 -5.06 3.33 17.83
CA GLY C 209 -4.15 2.47 17.11
C GLY C 209 -4.78 1.29 16.40
N PHE C 210 -6.11 1.27 16.32
CA PHE C 210 -6.78 0.12 15.67
C PHE C 210 -7.74 0.58 14.57
N VAL C 211 -7.28 1.47 13.71
CA VAL C 211 -8.01 2.03 12.54
C VAL C 211 -9.12 2.97 13.00
N LEU C 212 -10.20 2.44 13.55
CA LEU C 212 -11.27 3.29 14.09
C LEU C 212 -10.84 3.68 15.49
N THR C 213 -10.85 4.96 15.80
CA THR C 213 -10.41 5.44 17.09
C THR C 213 -11.55 6.05 17.90
N LYS C 214 -11.33 6.11 19.21
CA LYS C 214 -12.25 6.83 20.09
C LYS C 214 -12.43 8.28 19.65
N ALA C 215 -11.34 8.92 19.21
CA ALA C 215 -11.45 10.30 18.73
C ALA C 215 -12.38 10.39 17.54
N SER C 216 -12.26 9.45 16.59
CA SER C 216 -13.16 9.46 15.42
C SER C 216 -14.59 9.23 15.85
N ILE C 217 -14.83 8.27 16.75
CA ILE C 217 -16.19 8.02 17.24
C ILE C 217 -16.78 9.29 17.82
N GLU C 218 -16.00 10.04 18.60
CA GLU C 218 -16.51 11.27 19.19
C GLU C 218 -16.80 12.33 18.13
N PHE C 219 -15.95 12.42 17.11
CA PHE C 219 -16.18 13.32 15.99
C PHE C 219 -17.47 12.95 15.25
N PHE C 220 -17.69 11.66 15.02
CA PHE C 220 -18.93 11.22 14.37
C PHE C 220 -20.14 11.54 15.23
N ASP C 221 -20.03 11.31 16.55
CA ASP C 221 -21.16 11.58 17.45
C ASP C 221 -21.58 13.03 17.39
N THR C 222 -20.60 13.95 17.45
CA THR C 222 -20.92 15.36 17.44
C THR C 222 -21.57 15.79 16.13
N ALA C 223 -21.17 15.20 15.02
CA ALA C 223 -21.72 15.60 13.73
C ALA C 223 -23.13 15.05 13.52
N TYR C 224 -23.36 13.79 13.91
CA TYR C 224 -24.62 13.11 13.59
C TYR C 224 -25.74 13.48 14.56
N LYS C 225 -25.42 13.64 15.84
CA LYS C 225 -26.39 14.14 16.84
C LYS C 225 -27.59 13.21 17.02
N ALA C 226 -27.32 11.91 17.14
CA ALA C 226 -28.38 10.96 17.41
C ALA C 226 -28.67 10.91 18.90
N ASP C 227 -29.95 11.02 19.28
CA ASP C 227 -30.31 10.96 20.69
C ASP C 227 -30.09 9.54 21.24
N ARG C 228 -29.39 9.46 22.39
CA ARG C 228 -29.06 8.16 22.97
C ARG C 228 -30.29 7.33 23.36
N ALA C 229 -31.47 7.95 23.44
CA ALA C 229 -32.69 7.23 23.79
C ALA C 229 -33.51 6.80 22.57
N ASP C 230 -33.06 7.15 21.37
CA ASP C 230 -33.83 6.90 20.15
C ASP C 230 -33.41 5.57 19.55
N PRO C 231 -34.33 4.60 19.41
CA PRO C 231 -33.94 3.30 18.84
C PRO C 231 -33.46 3.38 17.39
N ARG C 232 -33.77 4.47 16.68
CA ARG C 232 -33.23 4.67 15.34
C ARG C 232 -31.76 5.09 15.37
N GLY C 233 -31.26 5.54 16.52
CA GLY C 233 -29.86 5.84 16.70
C GLY C 233 -29.11 4.66 17.32
N PHE C 234 -29.73 4.00 18.28
CA PHE C 234 -29.11 2.91 19.03
C PHE C 234 -30.10 1.74 19.03
N PRO C 235 -30.04 0.90 18.00
CA PRO C 235 -31.12 -0.10 17.79
C PRO C 235 -31.10 -1.25 18.78
N ILE C 236 -30.12 -1.34 19.67
CA ILE C 236 -30.23 -2.27 20.78
C ILE C 236 -31.48 -1.98 21.59
N LEU C 237 -31.95 -0.73 21.58
CA LEU C 237 -33.16 -0.36 22.31
C LEU C 237 -34.44 -0.83 21.63
N GLY C 238 -34.35 -1.31 20.39
CA GLY C 238 -35.52 -1.69 19.65
C GLY C 238 -36.10 -3.02 20.07
N ASP C 239 -37.22 -3.37 19.44
CA ASP C 239 -37.91 -4.62 19.67
C ASP C 239 -37.27 -5.72 18.83
N HIS C 240 -36.70 -6.73 19.48
CA HIS C 240 -35.99 -7.80 18.78
C HIS C 240 -36.84 -9.04 18.57
N THR C 241 -38.09 -9.04 19.03
CA THR C 241 -38.85 -10.29 19.11
C THR C 241 -39.20 -10.85 17.75
N ALA C 242 -39.15 -10.04 16.69
CA ALA C 242 -39.41 -10.55 15.35
C ALA C 242 -38.27 -10.26 14.40
N ALA C 243 -37.05 -10.13 14.94
CA ALA C 243 -35.92 -9.79 14.09
C ALA C 243 -35.76 -10.85 13.01
N PRO C 244 -35.41 -10.45 11.79
CA PRO C 244 -35.24 -11.41 10.71
C PRO C 244 -33.97 -12.21 10.92
N PRO C 245 -33.80 -13.30 10.17
CA PRO C 245 -32.53 -14.05 10.24
C PRO C 245 -31.35 -13.11 10.10
N THR C 246 -30.33 -13.33 10.92
CA THR C 246 -29.26 -12.35 11.07
C THR C 246 -27.88 -12.99 11.03
N ILE C 247 -26.94 -12.31 10.37
CA ILE C 247 -25.51 -12.61 10.51
C ILE C 247 -24.86 -11.37 11.08
N VAL C 248 -24.31 -11.46 12.29
CA VAL C 248 -23.54 -10.38 12.91
C VAL C 248 -22.07 -10.74 12.77
N ALA C 249 -21.28 -9.87 12.14
CA ALA C 249 -19.83 -10.08 12.03
C ALA C 249 -19.14 -8.95 12.76
N THR C 250 -18.19 -9.29 13.62
CA THR C 250 -17.43 -8.29 14.35
C THR C 250 -15.94 -8.56 14.13
N ALA C 251 -15.11 -7.67 14.64
CA ALA C 251 -13.66 -7.83 14.64
C ALA C 251 -13.15 -7.83 16.07
N SER C 252 -12.21 -8.73 16.38
CA SER C 252 -11.76 -8.89 17.76
C SER C 252 -11.03 -7.67 18.30
N LEU C 253 -10.53 -6.80 17.41
CA LEU C 253 -9.77 -5.60 17.82
C LEU C 253 -10.57 -4.32 17.68
N ASP C 254 -11.88 -4.41 17.49
CA ASP C 254 -12.70 -3.24 17.17
C ASP C 254 -13.14 -2.54 18.44
N PRO C 255 -12.93 -1.23 18.56
CA PRO C 255 -13.47 -0.53 19.75
C PRO C 255 -14.97 -0.72 19.92
N ILE C 256 -15.73 -0.93 18.85
CA ILE C 256 -17.16 -1.15 18.98
C ILE C 256 -17.52 -2.64 18.87
N ARG C 257 -16.54 -3.52 19.01
CA ARG C 257 -16.81 -4.96 19.02
C ARG C 257 -17.90 -5.32 20.02
N ASP C 258 -17.84 -4.78 21.23
CA ASP C 258 -18.79 -5.18 22.26
C ASP C 258 -20.22 -4.77 21.91
N SER C 259 -20.38 -3.74 21.06
CA SER C 259 -21.70 -3.36 20.59
C SER C 259 -22.31 -4.46 19.72
N GLY C 260 -21.48 -5.07 18.86
CA GLY C 260 -21.96 -6.20 18.07
C GLY C 260 -22.21 -7.44 18.91
N ARG C 261 -21.32 -7.72 19.87
CA ARG C 261 -21.62 -8.79 20.83
C ARG C 261 -22.95 -8.54 21.52
N ASP C 262 -23.19 -7.30 21.97
CA ASP C 262 -24.46 -7.00 22.61
C ASP C 262 -25.64 -7.33 21.71
N TYR C 263 -25.54 -6.98 20.42
CA TYR C 263 -26.69 -7.17 19.55
C TYR C 263 -26.95 -8.65 19.31
N ALA C 264 -25.90 -9.42 19.02
CA ALA C 264 -26.12 -10.85 18.83
C ALA C 264 -26.68 -11.50 20.10
N LYS C 265 -26.16 -11.10 21.26
CA LYS C 265 -26.71 -11.65 22.51
C LYS C 265 -28.19 -11.29 22.67
N ALA C 266 -28.58 -10.08 22.28
CA ALA C 266 -29.98 -9.68 22.40
C ALA C 266 -30.86 -10.51 21.48
N LEU C 267 -30.38 -10.84 20.27
CA LEU C 267 -31.18 -11.68 19.38
C LEU C 267 -31.37 -13.08 19.97
N VAL C 268 -30.31 -13.65 20.54
CA VAL C 268 -30.44 -14.97 21.18
C VAL C 268 -31.43 -14.89 22.34
N GLU C 269 -31.28 -13.86 23.17
CA GLU C 269 -32.21 -13.66 24.28
C GLU C 269 -33.66 -13.62 23.81
N ALA C 270 -33.92 -13.07 22.62
CA ALA C 270 -35.26 -12.98 22.07
C ALA C 270 -35.64 -14.21 21.25
N GLY C 271 -34.79 -15.23 21.19
CA GLY C 271 -35.12 -16.46 20.48
C GLY C 271 -34.98 -16.40 18.99
N ARG C 272 -34.15 -15.50 18.45
CA ARG C 272 -34.02 -15.27 17.02
C ARG C 272 -32.82 -16.03 16.47
N ASP C 273 -32.91 -16.45 15.22
CA ASP C 273 -31.78 -17.16 14.59
C ASP C 273 -30.67 -16.17 14.23
N VAL C 274 -29.44 -16.49 14.61
CA VAL C 274 -28.34 -15.57 14.36
C VAL C 274 -27.04 -16.34 14.24
N VAL C 275 -26.23 -15.94 13.26
CA VAL C 275 -24.84 -16.39 13.13
C VAL C 275 -23.97 -15.26 13.66
N TYR C 276 -23.17 -15.54 14.68
CA TYR C 276 -22.22 -14.58 15.23
C TYR C 276 -20.81 -14.98 14.84
N LEU C 277 -20.13 -14.12 14.08
CA LEU C 277 -18.75 -14.36 13.65
C LEU C 277 -17.88 -13.22 14.16
N GLU C 278 -16.88 -13.52 14.96
CA GLU C 278 -15.94 -12.52 15.44
C GLU C 278 -14.58 -12.84 14.83
N MET C 279 -14.15 -12.00 13.88
CA MET C 279 -12.92 -12.29 13.14
C MET C 279 -11.71 -12.01 14.02
N GLU C 280 -10.79 -12.98 14.09
CA GLU C 280 -9.75 -12.98 15.09
C GLU C 280 -8.51 -12.28 14.58
N GLY C 281 -8.07 -11.25 15.31
CA GLY C 281 -6.81 -10.61 15.04
C GLY C 281 -6.85 -9.56 13.96
N VAL C 282 -8.04 -9.08 13.60
CA VAL C 282 -8.19 -7.99 12.65
C VAL C 282 -9.06 -6.91 13.29
N THR C 283 -9.10 -5.76 12.63
CA THR C 283 -9.72 -4.54 13.12
C THR C 283 -11.07 -4.27 12.46
N HIS C 284 -11.75 -3.28 13.01
CA HIS C 284 -12.77 -2.54 12.30
C HIS C 284 -12.25 -2.26 10.89
N SER C 285 -13.14 -2.21 9.90
CA SER C 285 -12.85 -1.88 8.51
C SER C 285 -12.27 -3.05 7.73
N PHE C 286 -12.27 -4.28 8.25
CA PHE C 286 -11.55 -5.34 7.57
C PHE C 286 -12.14 -5.65 6.18
N THR C 287 -13.40 -5.28 5.93
CA THR C 287 -14.01 -5.53 4.63
C THR C 287 -13.44 -4.66 3.52
N ASN C 288 -12.75 -3.57 3.85
CA ASN C 288 -12.29 -2.63 2.82
C ASN C 288 -10.78 -2.48 2.80
N ILE C 289 -10.05 -3.43 3.38
CA ILE C 289 -8.59 -3.34 3.39
C ILE C 289 -8.01 -4.63 2.84
N ARG C 290 -8.70 -5.24 1.88
CA ARG C 290 -8.42 -6.63 1.53
C ARG C 290 -7.17 -6.80 0.67
N ALA C 291 -6.58 -5.71 0.16
CA ALA C 291 -5.27 -5.81 -0.50
C ALA C 291 -4.12 -5.54 0.48
N ALA C 292 -4.24 -4.51 1.31
CA ALA C 292 -3.18 -4.21 2.27
C ALA C 292 -3.06 -5.29 3.34
N VAL C 293 -4.17 -5.93 3.67
CA VAL C 293 -4.19 -6.99 4.67
C VAL C 293 -4.84 -8.19 4.00
N PRO C 294 -4.07 -8.99 3.25
CA PRO C 294 -4.67 -9.99 2.36
C PRO C 294 -5.55 -11.00 3.09
N SER C 295 -5.26 -11.29 4.36
CA SER C 295 -6.05 -12.27 5.09
C SER C 295 -7.49 -11.83 5.32
N THR C 296 -7.79 -10.54 5.18
CA THR C 296 -9.17 -10.11 5.40
C THR C 296 -10.10 -10.52 4.25
N GLN C 297 -9.56 -10.85 3.09
CA GLN C 297 -10.39 -11.42 2.03
C GLN C 297 -11.07 -12.70 2.51
N GLY C 298 -10.31 -13.57 3.21
CA GLY C 298 -10.90 -14.76 3.79
C GLY C 298 -11.99 -14.46 4.80
N ASP C 299 -11.85 -13.37 5.56
CA ASP C 299 -12.90 -12.98 6.50
C ASP C 299 -14.20 -12.63 5.78
N LEU C 300 -14.09 -11.84 4.70
CA LEU C 300 -15.27 -11.54 3.90
C LEU C 300 -15.89 -12.80 3.33
N GLU C 301 -15.05 -13.72 2.84
CA GLU C 301 -15.57 -14.96 2.27
C GLU C 301 -16.33 -15.78 3.31
N ARG C 302 -15.94 -15.70 4.58
CA ARG C 302 -16.71 -16.40 5.62
C ARG C 302 -18.09 -15.79 5.79
N ILE C 303 -18.19 -14.47 5.73
CA ILE C 303 -19.50 -13.82 5.76
C ILE C 303 -20.36 -14.29 4.59
N ILE C 304 -19.77 -14.28 3.39
CA ILE C 304 -20.48 -14.74 2.20
C ILE C 304 -21.00 -16.16 2.38
N ALA C 305 -20.15 -17.04 2.90
CA ALA C 305 -20.58 -18.43 3.10
C ALA C 305 -21.74 -18.51 4.08
N ALA C 306 -21.70 -17.73 5.16
CA ALA C 306 -22.82 -17.72 6.11
C ALA C 306 -24.08 -17.18 5.47
N MET C 307 -23.95 -16.19 4.60
CA MET C 307 -25.12 -15.62 3.90
C MET C 307 -25.76 -16.68 3.02
N LYS C 308 -24.95 -17.43 2.28
CA LYS C 308 -25.53 -18.45 1.42
C LYS C 308 -26.26 -19.51 2.23
N MET C 309 -25.69 -19.87 3.38
CA MET C 309 -26.33 -20.88 4.22
C MET C 309 -27.64 -20.35 4.79
N MET C 310 -27.66 -19.11 5.27
CA MET C 310 -28.87 -18.57 5.88
C MET C 310 -29.94 -18.27 4.84
N LEU C 311 -29.59 -18.14 3.56
CA LEU C 311 -30.59 -17.93 2.51
C LEU C 311 -31.16 -19.24 1.98
N GLY C 312 -30.51 -20.37 2.26
CA GLY C 312 -31.04 -21.66 1.86
C GLY C 312 -30.44 -22.17 0.57
N THR D 4 -51.56 -20.09 23.69
CA THR D 4 -50.77 -18.84 23.58
C THR D 4 -49.47 -19.06 22.79
N PRO D 5 -48.45 -19.83 23.21
CA PRO D 5 -47.22 -19.96 22.44
C PRO D 5 -47.46 -20.59 21.07
N PHE D 6 -46.72 -20.17 20.07
CA PHE D 6 -46.90 -20.69 18.70
C PHE D 6 -46.51 -22.17 18.67
N ILE D 7 -47.36 -23.03 18.12
CA ILE D 7 -47.11 -24.47 17.96
C ILE D 7 -47.46 -24.80 16.53
N ARG D 8 -46.64 -25.54 15.82
CA ARG D 8 -46.97 -25.98 14.48
C ARG D 8 -48.15 -26.95 14.52
N PRO D 9 -49.03 -26.97 13.52
CA PRO D 9 -50.16 -27.89 13.52
C PRO D 9 -49.71 -29.35 13.65
N ASP D 10 -48.65 -29.73 12.95
CA ASP D 10 -48.15 -31.13 13.02
C ASP D 10 -47.67 -31.41 14.44
N MET D 11 -46.97 -30.47 15.05
CA MET D 11 -46.45 -30.66 16.42
C MET D 11 -47.63 -30.69 17.39
N LYS D 12 -48.63 -29.86 17.16
CA LYS D 12 -49.77 -29.83 18.06
C LYS D 12 -50.48 -31.17 18.09
N ALA D 13 -50.74 -31.75 16.92
CA ALA D 13 -51.43 -33.03 16.86
C ALA D 13 -50.65 -34.13 17.58
N PHE D 14 -49.32 -34.12 17.45
CA PHE D 14 -48.49 -35.09 18.17
C PHE D 14 -48.63 -34.92 19.67
N LEU D 15 -48.61 -33.67 20.14
CA LEU D 15 -48.82 -33.44 21.56
C LEU D 15 -50.20 -33.93 22.00
N GLU D 16 -51.22 -33.72 21.16
CA GLU D 16 -52.56 -34.17 21.50
C GLU D 16 -52.66 -35.69 21.52
N ALA D 17 -51.95 -36.36 20.60
CA ALA D 17 -51.93 -37.82 20.61
C ALA D 17 -51.25 -38.36 21.86
N ILE D 18 -50.11 -37.77 22.23
CA ILE D 18 -49.43 -38.16 23.47
C ILE D 18 -50.37 -38.00 24.66
N ALA D 19 -51.11 -36.89 24.71
CA ALA D 19 -52.04 -36.68 25.81
C ALA D 19 -53.17 -37.70 25.79
N ALA D 20 -53.68 -38.03 24.60
CA ALA D 20 -54.74 -39.02 24.48
C ALA D 20 -54.27 -40.40 24.89
N MET D 21 -53.05 -40.77 24.50
CA MET D 21 -52.51 -42.07 24.88
C MET D 21 -52.31 -42.15 26.39
N ALA D 22 -51.94 -41.05 27.02
CA ALA D 22 -51.93 -40.89 28.48
C ALA D 22 -51.17 -42.03 29.17
N GLY D 23 -49.88 -42.11 28.88
CA GLY D 23 -49.03 -43.09 29.53
C GLY D 23 -48.62 -42.66 30.92
N PRO D 24 -47.88 -43.53 31.60
CA PRO D 24 -47.40 -43.21 32.95
C PRO D 24 -46.09 -42.43 32.93
N THR D 25 -45.81 -41.80 34.06
CA THR D 25 -44.61 -40.97 34.18
C THR D 25 -43.37 -41.85 34.35
N LEU D 26 -42.19 -41.20 34.28
CA LEU D 26 -40.94 -41.91 34.51
C LEU D 26 -40.82 -42.37 35.95
N ALA D 27 -41.31 -41.55 36.89
CA ALA D 27 -41.30 -41.95 38.29
C ALA D 27 -42.24 -43.14 38.53
N GLU D 28 -43.31 -43.25 37.76
CA GLU D 28 -44.30 -44.31 37.98
C GLU D 28 -43.85 -45.66 37.42
N MET D 29 -42.86 -45.68 36.52
CA MET D 29 -42.40 -46.94 35.93
C MET D 29 -41.14 -47.44 36.61
N THR D 30 -40.85 -48.71 36.38
CA THR D 30 -39.53 -49.25 36.66
C THR D 30 -38.52 -48.70 35.67
N LEU D 31 -37.25 -48.71 36.07
CA LEU D 31 -36.20 -48.29 35.14
C LEU D 31 -36.30 -49.05 33.82
N GLU D 32 -36.52 -50.37 33.89
CA GLU D 32 -36.64 -51.15 32.66
C GLU D 32 -37.82 -50.68 31.81
N GLU D 33 -38.96 -50.39 32.45
CA GLU D 33 -40.12 -49.94 31.70
C GLU D 33 -39.90 -48.56 31.12
N ALA D 34 -39.29 -47.65 31.89
CA ALA D 34 -39.05 -46.30 31.40
C ALA D 34 -38.10 -46.33 30.20
N ARG D 35 -37.02 -47.09 30.31
CA ARG D 35 -36.10 -47.23 29.19
C ARG D 35 -36.79 -47.85 27.98
N ALA D 36 -37.69 -48.81 28.21
CA ALA D 36 -38.39 -49.42 27.09
C ALA D 36 -39.39 -48.47 26.45
N SER D 37 -40.03 -47.61 27.25
CA SER D 37 -40.98 -46.67 26.68
C SER D 37 -40.27 -45.66 25.77
N TYR D 38 -39.05 -45.28 26.14
CA TYR D 38 -38.28 -44.38 25.30
C TYR D 38 -37.94 -45.03 23.96
N VAL D 39 -37.46 -46.29 24.00
CA VAL D 39 -37.27 -47.04 22.77
C VAL D 39 -38.54 -47.03 21.93
N ALA D 40 -39.69 -47.22 22.58
CA ALA D 40 -40.94 -47.30 21.85
C ALA D 40 -41.32 -45.95 21.25
N LEU D 41 -41.12 -44.88 22.00
CA LEU D 41 -41.45 -43.53 21.53
C LEU D 41 -40.71 -43.21 20.23
N HIS D 42 -39.37 -43.29 20.25
CA HIS D 42 -38.59 -43.00 19.05
C HIS D 42 -38.86 -44.04 17.96
N GLY D 43 -39.04 -45.30 18.35
CA GLY D 43 -39.37 -46.32 17.36
C GLY D 43 -40.61 -45.96 16.58
N MET D 44 -41.63 -45.42 17.27
CA MET D 44 -42.87 -45.02 16.61
C MET D 44 -42.74 -43.67 15.92
N ALA D 45 -41.99 -42.75 16.53
CA ALA D 45 -42.07 -41.35 16.12
C ALA D 45 -41.03 -40.94 15.08
N ASP D 46 -39.88 -41.60 15.03
CA ASP D 46 -38.81 -41.14 14.15
C ASP D 46 -38.92 -41.76 12.75
N ARG D 47 -38.31 -41.09 11.78
CA ARG D 47 -38.23 -41.64 10.45
C ARG D 47 -37.35 -42.89 10.47
N PRO D 48 -37.56 -43.79 9.50
CA PRO D 48 -36.78 -45.04 9.48
C PRO D 48 -35.29 -44.79 9.28
N ALA D 49 -34.49 -45.77 9.71
CA ALA D 49 -33.05 -45.69 9.51
C ALA D 49 -32.72 -45.61 8.02
N ARG D 50 -31.73 -44.79 7.70
CA ARG D 50 -31.14 -44.82 6.37
C ARG D 50 -30.38 -46.12 6.18
N GLU D 51 -30.36 -46.60 4.94
CA GLU D 51 -29.46 -47.68 4.57
C GLU D 51 -28.07 -47.11 4.38
N LEU D 52 -27.10 -47.69 5.06
CA LEU D 52 -25.71 -47.26 5.02
C LEU D 52 -24.82 -48.46 4.77
N ALA D 53 -23.71 -48.23 4.05
CA ALA D 53 -22.72 -49.28 3.84
C ALA D 53 -22.22 -49.84 5.16
N VAL D 54 -22.03 -48.98 6.16
CA VAL D 54 -21.39 -49.35 7.42
C VAL D 54 -22.31 -48.99 8.58
N ILE D 55 -22.74 -50.02 9.32
CA ILE D 55 -23.33 -49.86 10.64
C ILE D 55 -22.70 -50.96 11.47
N ARG D 56 -21.72 -50.59 12.31
CA ARG D 56 -20.80 -51.56 12.88
C ARG D 56 -20.62 -51.31 14.37
N ASN D 57 -20.80 -52.34 15.18
CA ASN D 57 -20.53 -52.21 16.60
C ASN D 57 -19.03 -52.26 16.84
N LEU D 58 -18.55 -51.34 17.69
CA LEU D 58 -17.16 -51.25 18.12
C LEU D 58 -17.15 -51.11 19.64
N SER D 59 -15.96 -50.98 20.21
CA SER D 59 -15.84 -50.65 21.62
C SER D 59 -14.45 -50.07 21.84
N CYS D 60 -14.29 -49.38 22.95
CA CYS D 60 -12.99 -48.83 23.32
C CYS D 60 -12.81 -48.94 24.83
N PRO D 61 -11.57 -48.86 25.30
CA PRO D 61 -11.34 -48.87 26.74
C PRO D 61 -11.88 -47.61 27.39
N GLY D 62 -12.46 -47.78 28.58
CA GLY D 62 -12.99 -46.68 29.36
C GLY D 62 -12.46 -46.74 30.77
N PRO D 63 -12.75 -45.71 31.57
CA PRO D 63 -12.22 -45.68 32.93
C PRO D 63 -12.80 -46.76 33.84
N ALA D 64 -13.91 -47.38 33.48
CA ALA D 64 -14.57 -48.39 34.30
C ALA D 64 -14.88 -49.64 33.48
N GLY D 65 -14.11 -49.90 32.44
CA GLY D 65 -14.37 -51.00 31.53
C GLY D 65 -14.61 -50.50 30.12
N ASP D 66 -14.86 -51.46 29.23
CA ASP D 66 -15.01 -51.14 27.82
C ASP D 66 -16.30 -50.37 27.57
N ILE D 67 -16.23 -49.43 26.63
CA ILE D 67 -17.36 -48.58 26.25
C ILE D 67 -17.89 -49.08 24.91
N PRO D 68 -19.13 -49.53 24.83
CA PRO D 68 -19.69 -49.91 23.53
C PRO D 68 -19.89 -48.67 22.66
N LEU D 69 -19.69 -48.86 21.36
CA LEU D 69 -19.79 -47.80 20.35
C LEU D 69 -20.53 -48.35 19.14
N ARG D 70 -21.06 -47.45 18.31
CA ARG D 70 -21.61 -47.86 17.02
C ARG D 70 -21.15 -46.89 15.95
N LEU D 71 -20.49 -47.43 14.93
CA LEU D 71 -20.00 -46.65 13.80
C LEU D 71 -21.01 -46.67 12.66
N TYR D 72 -21.35 -45.47 12.17
CA TYR D 72 -22.21 -45.30 11.00
C TYR D 72 -21.41 -44.61 9.92
N ASP D 73 -21.44 -45.15 8.71
CA ASP D 73 -20.74 -44.50 7.61
C ASP D 73 -21.39 -44.90 6.30
N ALA D 74 -21.71 -43.90 5.47
CA ALA D 74 -22.20 -44.18 4.13
C ALA D 74 -21.14 -44.81 3.23
N ARG D 75 -19.89 -44.78 3.65
CA ARG D 75 -18.78 -45.32 2.84
C ARG D 75 -18.00 -46.39 3.60
N GLU D 76 -17.67 -47.50 2.95
CA GLU D 76 -16.85 -48.54 3.59
C GLU D 76 -15.42 -48.03 3.67
N SER D 77 -15.01 -47.22 2.69
CA SER D 77 -13.64 -46.67 2.62
C SER D 77 -13.70 -45.17 2.34
N ARG D 78 -12.98 -44.37 3.10
CA ARG D 78 -13.03 -42.94 2.86
C ARG D 78 -11.70 -42.29 3.21
N GLU D 79 -11.49 -41.09 2.66
CA GLU D 79 -10.32 -40.28 2.97
C GLU D 79 -10.38 -39.78 4.41
N ALA D 80 -9.23 -39.31 4.89
CA ALA D 80 -9.17 -38.68 6.21
C ALA D 80 -10.08 -37.46 6.26
N GLY D 81 -10.71 -37.25 7.40
CA GLY D 81 -11.63 -36.14 7.59
C GLY D 81 -12.12 -36.09 9.00
N PRO D 82 -12.97 -35.12 9.33
CA PRO D 82 -13.53 -35.06 10.67
C PRO D 82 -14.41 -36.26 10.92
N VAL D 83 -14.46 -36.70 12.17
CA VAL D 83 -15.37 -37.76 12.58
C VAL D 83 -16.33 -37.21 13.61
N ILE D 84 -17.61 -37.47 13.41
CA ILE D 84 -18.66 -37.04 14.34
C ILE D 84 -18.71 -38.01 15.50
N THR D 85 -18.68 -37.48 16.72
CA THR D 85 -18.80 -38.29 17.93
C THR D 85 -20.11 -37.91 18.62
N PHE D 86 -21.05 -38.85 18.67
CA PHE D 86 -22.43 -38.58 19.05
C PHE D 86 -22.76 -39.15 20.43
N TYR D 87 -23.47 -38.36 21.24
CA TYR D 87 -23.91 -38.77 22.57
C TYR D 87 -25.42 -38.57 22.70
N HIS D 88 -26.14 -39.66 22.94
CA HIS D 88 -27.60 -39.62 22.93
C HIS D 88 -28.14 -38.91 24.17
N GLY D 89 -29.38 -38.40 24.03
CA GLY D 89 -30.10 -37.84 25.16
C GLY D 89 -30.87 -38.89 25.95
N GLY D 90 -31.51 -38.42 27.02
CA GLY D 90 -32.28 -39.28 27.90
C GLY D 90 -32.00 -39.02 29.36
N GLY D 91 -31.59 -37.78 29.67
CA GLY D 91 -31.36 -37.40 31.04
C GLY D 91 -30.22 -38.12 31.73
N PHE D 92 -29.35 -38.79 30.97
CA PHE D 92 -28.31 -39.66 31.49
C PHE D 92 -28.88 -40.90 32.18
N VAL D 93 -30.17 -41.16 32.02
CA VAL D 93 -30.86 -42.27 32.64
C VAL D 93 -31.42 -43.24 31.61
N ILE D 94 -32.06 -42.72 30.58
CA ILE D 94 -32.62 -43.57 29.54
C ILE D 94 -31.88 -43.33 28.23
N GLY D 95 -32.32 -44.00 27.16
CA GLY D 95 -31.66 -43.97 25.88
C GLY D 95 -30.48 -44.91 25.79
N ASP D 96 -30.12 -45.24 24.55
CA ASP D 96 -28.98 -46.10 24.27
C ASP D 96 -28.61 -46.00 22.79
N LEU D 97 -27.89 -47.00 22.26
CA LEU D 97 -27.52 -46.93 20.86
C LEU D 97 -28.69 -47.10 19.93
N ASP D 98 -29.77 -47.76 20.36
CA ASP D 98 -30.91 -47.97 19.50
C ASP D 98 -31.91 -46.80 19.52
N THR D 99 -32.08 -46.11 20.67
CA THR D 99 -33.06 -45.03 20.72
C THR D 99 -32.73 -43.93 19.74
N HIS D 100 -31.44 -43.70 19.47
CA HIS D 100 -31.00 -42.63 18.58
C HIS D 100 -30.37 -43.17 17.30
N HIS D 101 -30.51 -44.48 17.05
CA HIS D 101 -29.94 -45.13 15.89
C HIS D 101 -30.38 -44.46 14.59
N ASN D 102 -31.68 -44.23 14.41
CA ASN D 102 -32.14 -43.72 13.12
C ASN D 102 -31.59 -42.32 12.87
N LEU D 103 -31.58 -41.49 13.90
CA LEU D 103 -31.00 -40.15 13.80
C LEU D 103 -29.54 -40.22 13.40
N CYS D 104 -28.78 -41.15 14.00
CA CYS D 104 -27.38 -41.28 13.63
C CYS D 104 -27.22 -41.69 12.18
N THR D 105 -28.06 -42.60 11.67
CA THR D 105 -27.98 -42.92 10.25
C THR D 105 -28.31 -41.70 9.40
N GLU D 106 -29.21 -40.84 9.87
CA GLU D 106 -29.56 -39.65 9.11
C GLU D 106 -28.41 -38.66 9.06
N ILE D 107 -27.77 -38.42 10.21
CA ILE D 107 -26.62 -37.52 10.25
C ILE D 107 -25.51 -38.05 9.34
N ALA D 108 -25.19 -39.34 9.46
CA ALA D 108 -24.14 -39.90 8.62
C ALA D 108 -24.49 -39.75 7.14
N ALA D 109 -25.73 -40.04 6.77
CA ALA D 109 -26.12 -39.96 5.36
C ALA D 109 -26.07 -38.52 4.85
N LEU D 110 -26.56 -37.58 5.64
CA LEU D 110 -26.68 -36.21 5.16
C LEU D 110 -25.36 -35.47 5.23
N MET D 111 -24.47 -35.83 6.16
CA MET D 111 -23.16 -35.19 6.24
C MET D 111 -22.10 -35.84 5.37
N ASP D 112 -22.31 -37.10 4.95
CA ASP D 112 -21.23 -37.86 4.30
C ASP D 112 -19.97 -37.80 5.16
N LEU D 113 -20.15 -38.00 6.46
CA LEU D 113 -19.08 -38.16 7.42
C LEU D 113 -19.37 -39.37 8.29
N PRO D 114 -18.35 -40.00 8.85
CA PRO D 114 -18.60 -41.07 9.81
C PRO D 114 -19.12 -40.51 11.12
N VAL D 115 -20.02 -41.28 11.73
CA VAL D 115 -20.60 -40.98 13.04
C VAL D 115 -20.30 -42.13 13.98
N VAL D 116 -19.80 -41.82 15.17
CA VAL D 116 -19.56 -42.82 16.22
C VAL D 116 -20.41 -42.45 17.41
N ALA D 117 -21.45 -43.26 17.69
CA ALA D 117 -22.32 -43.07 18.84
C ALA D 117 -21.75 -43.81 20.05
N VAL D 118 -21.93 -43.21 21.23
CA VAL D 118 -21.34 -43.69 22.46
C VAL D 118 -22.43 -44.29 23.36
N ASP D 119 -22.24 -45.54 23.77
CA ASP D 119 -23.13 -46.18 24.73
C ASP D 119 -22.56 -45.98 26.14
N TYR D 120 -22.72 -44.75 26.63
CA TYR D 120 -22.12 -44.38 27.91
C TYR D 120 -22.92 -44.95 29.08
N ARG D 121 -22.25 -45.07 30.22
CA ARG D 121 -22.90 -45.59 31.43
C ARG D 121 -24.01 -44.66 31.89
N LEU D 122 -25.07 -45.26 32.41
CA LEU D 122 -26.31 -44.57 32.74
C LEU D 122 -26.55 -44.56 34.25
N ALA D 123 -27.12 -43.47 34.74
CA ALA D 123 -27.62 -43.41 36.09
C ALA D 123 -29.03 -44.00 36.14
N PRO D 124 -29.52 -44.36 37.35
CA PRO D 124 -28.88 -44.18 38.65
C PRO D 124 -27.80 -45.22 38.96
N GLU D 125 -27.75 -46.31 38.19
CA GLU D 125 -26.70 -47.31 38.42
C GLU D 125 -25.32 -46.67 38.43
N HIS D 126 -25.06 -45.78 37.49
CA HIS D 126 -23.77 -45.08 37.38
C HIS D 126 -24.07 -43.59 37.34
N PRO D 127 -24.01 -42.92 38.49
CA PRO D 127 -24.36 -41.50 38.54
C PRO D 127 -23.19 -40.65 38.06
N PHE D 128 -23.45 -39.34 37.99
CA PHE D 128 -22.41 -38.38 37.64
C PHE D 128 -21.14 -38.67 38.44
N PRO D 129 -19.95 -38.59 37.83
CA PRO D 129 -19.71 -38.18 36.44
C PRO D 129 -19.51 -39.34 35.45
N ALA D 130 -20.21 -40.45 35.66
CA ALA D 130 -19.94 -41.64 34.85
C ALA D 130 -20.11 -41.37 33.36
N ALA D 131 -21.30 -40.89 32.96
CA ALA D 131 -21.57 -40.64 31.55
C ALA D 131 -20.50 -39.74 30.93
N ILE D 132 -20.11 -38.69 31.65
CA ILE D 132 -19.16 -37.72 31.10
C ILE D 132 -17.82 -38.37 30.87
N GLU D 133 -17.35 -39.18 31.83
CA GLU D 133 -16.04 -39.80 31.66
C GLU D 133 -16.03 -40.77 30.50
N ASP D 134 -17.15 -41.47 30.26
CA ASP D 134 -17.24 -42.35 29.10
C ASP D 134 -17.28 -41.56 27.80
N CYS D 135 -18.10 -40.51 27.75
CA CYS D 135 -18.16 -39.69 26.54
C CYS D 135 -16.79 -39.10 26.23
N GLU D 136 -16.08 -38.61 27.25
CA GLU D 136 -14.75 -38.07 27.02
C GLU D 136 -13.81 -39.15 26.49
N ALA D 137 -13.81 -40.32 27.13
CA ALA D 137 -12.86 -41.36 26.74
C ALA D 137 -13.11 -41.81 25.31
N ALA D 138 -14.38 -42.01 24.95
CA ALA D 138 -14.71 -42.44 23.60
C ALA D 138 -14.32 -41.39 22.57
N THR D 139 -14.51 -40.11 22.89
CA THR D 139 -14.13 -39.07 21.95
C THR D 139 -12.61 -39.04 21.76
N ARG D 140 -11.84 -39.15 22.85
CA ARG D 140 -10.39 -39.23 22.74
C ARG D 140 -9.97 -40.44 21.90
N TRP D 141 -10.64 -41.58 22.12
CA TRP D 141 -10.29 -42.77 21.36
C TRP D 141 -10.52 -42.54 19.87
N VAL D 142 -11.69 -41.99 19.50
CA VAL D 142 -11.93 -41.71 18.08
C VAL D 142 -10.87 -40.75 17.55
N ALA D 143 -10.57 -39.70 18.32
CA ALA D 143 -9.61 -38.69 17.88
C ALA D 143 -8.22 -39.26 17.65
N SER D 144 -7.92 -40.45 18.18
CA SER D 144 -6.60 -41.05 18.02
C SER D 144 -6.48 -41.86 16.74
N SER D 145 -7.54 -41.92 15.94
CA SER D 145 -7.56 -42.66 14.68
C SER D 145 -7.11 -44.11 14.91
N PRO D 146 -7.78 -44.83 15.80
CA PRO D 146 -7.39 -46.22 16.07
C PRO D 146 -7.65 -47.12 14.87
N SER D 147 -6.85 -48.18 14.77
CA SER D 147 -7.04 -49.11 13.65
C SER D 147 -8.49 -49.58 13.55
N GLU D 148 -9.10 -49.88 14.70
CA GLU D 148 -10.43 -50.48 14.68
C GLU D 148 -11.49 -49.54 14.10
N LEU D 149 -11.23 -48.23 14.14
CA LEU D 149 -12.19 -47.28 13.56
C LEU D 149 -12.32 -47.44 12.06
N GLY D 150 -11.24 -47.81 11.38
CA GLY D 150 -11.31 -48.03 9.94
C GLY D 150 -11.30 -46.78 9.08
N ARG D 151 -11.21 -45.60 9.68
CA ARG D 151 -10.96 -44.37 8.93
C ARG D 151 -10.16 -43.43 9.81
N THR D 152 -9.45 -42.51 9.18
CA THR D 152 -8.58 -41.58 9.88
C THR D 152 -9.34 -40.29 10.19
N ALA D 153 -9.23 -39.84 11.45
CA ALA D 153 -9.86 -38.60 11.89
C ALA D 153 -8.86 -37.47 11.86
N SER D 154 -9.21 -36.37 11.18
CA SER D 154 -8.41 -35.15 11.19
C SER D 154 -8.90 -34.16 12.25
N GLY D 155 -10.02 -34.47 12.88
CA GLY D 155 -10.63 -33.68 13.93
C GLY D 155 -11.88 -34.41 14.34
N VAL D 156 -12.49 -33.96 15.45
CA VAL D 156 -13.73 -34.58 15.92
C VAL D 156 -14.82 -33.51 16.01
N ILE D 157 -16.06 -33.96 15.90
CA ILE D 157 -17.23 -33.10 15.97
C ILE D 157 -18.17 -33.66 17.03
N PRO D 158 -18.06 -33.24 18.29
CA PRO D 158 -19.02 -33.66 19.30
C PRO D 158 -20.43 -33.16 18.98
N ILE D 159 -21.41 -34.03 19.14
CA ILE D 159 -22.80 -33.70 18.85
C ILE D 159 -23.68 -34.55 19.74
N GLY D 160 -24.81 -33.99 20.19
CA GLY D 160 -25.71 -34.73 21.05
C GLY D 160 -26.94 -33.90 21.36
N ASP D 161 -28.00 -34.61 21.73
CA ASP D 161 -29.30 -34.00 22.06
C ASP D 161 -29.55 -34.03 23.57
N ALA D 162 -30.03 -32.93 24.11
CA ALA D 162 -30.42 -32.80 25.52
C ALA D 162 -29.26 -33.20 26.42
N ALA D 163 -29.38 -34.29 27.17
CA ALA D 163 -28.24 -34.72 28.00
C ALA D 163 -27.02 -34.92 27.10
N GLY D 164 -27.21 -35.40 25.88
CA GLY D 164 -26.09 -35.51 24.96
C GLY D 164 -25.56 -34.17 24.49
N GLY D 165 -26.40 -33.13 24.49
CA GLY D 165 -25.90 -31.78 24.23
C GLY D 165 -25.11 -31.25 25.41
N ASN D 166 -25.56 -31.56 26.62
CA ASN D 166 -24.74 -31.33 27.81
C ASN D 166 -23.38 -32.01 27.67
N ALA D 167 -23.38 -33.29 27.31
CA ALA D 167 -22.12 -34.01 27.17
C ALA D 167 -21.25 -33.39 26.07
N THR D 168 -21.88 -32.96 24.97
CA THR D 168 -21.15 -32.31 23.88
C THR D 168 -20.31 -31.15 24.40
N ILE D 169 -20.94 -30.24 25.16
CA ILE D 169 -20.24 -29.06 25.66
C ILE D 169 -19.16 -29.46 26.64
N VAL D 170 -19.48 -30.36 27.57
CA VAL D 170 -18.49 -30.78 28.57
C VAL D 170 -17.28 -31.42 27.88
N VAL D 171 -17.53 -32.32 26.93
CA VAL D 171 -16.42 -32.95 26.21
C VAL D 171 -15.56 -31.90 25.52
N SER D 172 -16.20 -30.92 24.87
CA SER D 172 -15.41 -29.91 24.17
C SER D 172 -14.55 -29.11 25.15
N GLN D 173 -15.08 -28.84 26.36
CA GLN D 173 -14.29 -28.13 27.35
C GLN D 173 -13.15 -29.00 27.87
N LEU D 174 -13.41 -30.29 28.08
CA LEU D 174 -12.36 -31.18 28.58
C LEU D 174 -11.25 -31.35 27.55
N LEU D 175 -11.60 -31.54 26.28
CA LEU D 175 -10.57 -31.65 25.25
C LEU D 175 -9.90 -30.31 24.99
N GLY D 176 -10.60 -29.20 25.22
CA GLY D 176 -9.95 -27.91 25.12
C GLY D 176 -8.83 -27.74 26.12
N ALA D 177 -9.08 -28.18 27.37
CA ALA D 177 -8.09 -28.01 28.42
C ALA D 177 -6.94 -29.00 28.26
N LYS D 178 -7.25 -30.21 27.82
CA LYS D 178 -6.27 -31.28 27.61
C LYS D 178 -6.53 -31.90 26.25
N PRO D 179 -5.83 -31.41 25.21
CA PRO D 179 -6.17 -31.81 23.84
C PRO D 179 -6.06 -33.30 23.61
N ALA D 180 -6.95 -33.81 22.74
CA ALA D 180 -6.83 -35.14 22.17
C ALA D 180 -5.83 -35.08 21.01
N ASP D 181 -5.70 -36.18 20.26
CA ASP D 181 -4.73 -36.23 19.18
C ASP D 181 -5.09 -35.28 18.04
N VAL D 182 -6.38 -34.96 17.88
CA VAL D 182 -6.83 -33.96 16.91
C VAL D 182 -7.80 -33.03 17.63
N PRO D 183 -8.02 -31.84 17.10
CA PRO D 183 -8.89 -30.88 17.79
C PRO D 183 -10.38 -31.14 17.58
N VAL D 184 -11.16 -30.56 18.48
CA VAL D 184 -12.59 -30.39 18.26
C VAL D 184 -12.73 -29.28 17.22
N VAL D 185 -13.16 -29.63 16.01
CA VAL D 185 -13.25 -28.64 14.94
C VAL D 185 -14.61 -27.95 14.90
N LEU D 186 -15.61 -28.52 15.56
CA LEU D 186 -16.99 -28.04 15.59
C LEU D 186 -17.72 -28.83 16.66
N GLN D 187 -18.58 -28.17 17.43
CA GLN D 187 -19.46 -28.86 18.35
C GLN D 187 -20.91 -28.47 18.06
N VAL D 188 -21.81 -29.43 18.22
CA VAL D 188 -23.21 -29.21 17.90
C VAL D 188 -24.10 -29.64 19.06
N PRO D 189 -24.19 -28.85 20.14
CA PRO D 189 -25.15 -29.18 21.21
C PRO D 189 -26.57 -28.86 20.78
N ILE D 190 -27.40 -29.89 20.74
CA ILE D 190 -28.82 -29.80 20.30
C ILE D 190 -29.72 -29.85 21.55
N PHE D 191 -30.58 -28.83 21.68
CA PHE D 191 -31.41 -28.58 22.88
C PHE D 191 -30.62 -28.99 24.12
N PRO D 192 -29.43 -28.41 24.33
CA PRO D 192 -28.59 -28.85 25.45
C PRO D 192 -29.05 -28.31 26.79
N LEU D 193 -28.63 -29.02 27.84
CA LEU D 193 -28.65 -28.51 29.20
C LEU D 193 -27.27 -27.94 29.50
N ALA D 194 -27.17 -26.61 29.52
CA ALA D 194 -25.92 -25.92 29.79
C ALA D 194 -25.95 -25.22 31.15
N SER D 195 -26.93 -24.35 31.36
CA SER D 195 -27.20 -23.74 32.66
C SER D 195 -28.37 -24.46 33.31
N ASP D 196 -28.37 -24.46 34.65
CA ASP D 196 -29.45 -25.06 35.42
C ASP D 196 -30.81 -24.51 34.98
N ALA D 197 -31.71 -25.40 34.58
CA ALA D 197 -33.02 -24.97 34.12
C ALA D 197 -33.91 -24.50 35.26
N VAL D 198 -33.63 -24.90 36.50
CA VAL D 198 -34.46 -24.52 37.63
C VAL D 198 -34.47 -23.01 37.78
N GLY D 199 -35.67 -22.44 37.81
CA GLY D 199 -35.84 -21.00 37.88
C GLY D 199 -36.01 -20.31 36.54
N SER D 200 -35.79 -21.01 35.43
CA SER D 200 -35.87 -20.40 34.11
C SER D 200 -37.32 -20.20 33.69
N ALA D 201 -37.54 -19.14 32.90
CA ALA D 201 -38.88 -18.85 32.40
C ALA D 201 -39.38 -19.96 31.47
N SER D 202 -38.48 -20.58 30.71
CA SER D 202 -38.92 -21.63 29.80
C SER D 202 -39.41 -22.86 30.57
N LEU D 203 -38.77 -23.16 31.70
CA LEU D 203 -39.17 -24.33 32.49
C LEU D 203 -40.58 -24.15 33.05
N GLU D 204 -40.88 -22.95 33.55
CA GLU D 204 -42.24 -22.69 34.05
C GLU D 204 -43.26 -22.71 32.92
N ALA D 205 -42.92 -22.14 31.79
CA ALA D 205 -43.85 -22.01 30.67
C ALA D 205 -44.16 -23.36 30.03
N PHE D 206 -43.21 -24.27 29.99
CA PHE D 206 -43.36 -25.55 29.26
C PHE D 206 -43.17 -26.75 30.18
N ALA D 207 -43.57 -26.61 31.42
CA ALA D 207 -43.43 -27.63 32.46
C ALA D 207 -44.26 -28.87 32.15
N GLU D 208 -45.40 -28.74 31.49
CA GLU D 208 -46.29 -29.90 31.22
C GLU D 208 -46.83 -29.89 29.78
N GLY D 209 -46.88 -31.05 29.12
CA GLY D 209 -47.42 -31.26 27.77
C GLY D 209 -46.54 -30.86 26.60
N PHE D 210 -45.22 -30.77 26.77
CA PHE D 210 -44.23 -30.26 25.77
C PHE D 210 -42.96 -31.12 25.63
N VAL D 211 -43.27 -32.33 25.75
CA VAL D 211 -42.61 -33.64 25.60
C VAL D 211 -41.62 -33.86 26.74
N LEU D 212 -40.62 -33.06 26.90
CA LEU D 212 -39.85 -33.20 28.13
C LEU D 212 -40.68 -32.49 29.19
N THR D 213 -40.94 -33.08 30.34
CA THR D 213 -41.73 -32.42 31.40
C THR D 213 -40.85 -32.07 32.57
N LYS D 214 -41.32 -31.16 33.40
CA LYS D 214 -40.63 -30.80 34.66
C LYS D 214 -40.55 -32.07 35.50
N ALA D 215 -41.58 -32.91 35.47
CA ALA D 215 -41.54 -34.17 36.21
C ALA D 215 -40.34 -35.01 35.80
N SER D 216 -40.17 -35.22 34.50
CA SER D 216 -39.03 -36.00 34.03
C SER D 216 -37.71 -35.33 34.40
N ILE D 217 -37.65 -34.00 34.26
CA ILE D 217 -36.41 -33.30 34.61
C ILE D 217 -36.02 -33.58 36.05
N GLU D 218 -36.99 -33.53 36.96
CA GLU D 218 -36.67 -33.78 38.37
C GLU D 218 -36.32 -35.25 38.60
N PHE D 219 -36.99 -36.15 37.88
CA PHE D 219 -36.61 -37.57 37.93
C PHE D 219 -35.16 -37.75 37.52
N PHE D 220 -34.77 -37.16 36.38
CA PHE D 220 -33.38 -37.28 35.93
C PHE D 220 -32.40 -36.68 36.93
N ASP D 221 -32.75 -35.52 37.51
CA ASP D 221 -31.86 -34.86 38.46
C ASP D 221 -31.55 -35.78 39.64
N THR D 222 -32.57 -36.41 40.22
CA THR D 222 -32.36 -37.25 41.40
C THR D 222 -31.47 -38.45 41.07
N ALA D 223 -31.63 -39.02 39.88
CA ALA D 223 -30.86 -40.20 39.52
C ALA D 223 -29.39 -39.86 39.22
N TYR D 224 -29.16 -38.73 38.54
CA TYR D 224 -27.83 -38.40 38.05
C TYR D 224 -26.94 -37.86 39.14
N LYS D 225 -27.49 -37.06 40.05
CA LYS D 225 -26.77 -36.56 41.22
C LYS D 225 -25.56 -35.73 40.82
N ALA D 226 -25.78 -34.74 39.97
CA ALA D 226 -24.71 -33.83 39.54
C ALA D 226 -24.67 -32.63 40.47
N ASP D 227 -23.48 -32.34 41.00
CA ASP D 227 -23.29 -31.16 41.84
C ASP D 227 -23.55 -29.89 41.03
N ARG D 228 -24.47 -29.05 41.53
CA ARG D 228 -24.89 -27.87 40.81
C ARG D 228 -23.74 -26.90 40.54
N ALA D 229 -22.64 -26.98 41.28
CA ALA D 229 -21.50 -26.10 41.09
C ALA D 229 -20.37 -26.73 40.30
N ASP D 230 -20.59 -27.92 39.75
CA ASP D 230 -19.55 -28.62 39.00
C ASP D 230 -19.71 -28.33 37.52
N PRO D 231 -18.68 -27.77 36.86
CA PRO D 231 -18.82 -27.45 35.44
C PRO D 231 -18.98 -28.68 34.54
N ARG D 232 -18.63 -29.88 35.03
CA ARG D 232 -18.92 -31.06 34.25
C ARG D 232 -20.38 -31.48 34.34
N GLY D 233 -21.14 -30.88 35.25
CA GLY D 233 -22.57 -31.08 35.29
C GLY D 233 -23.31 -29.95 34.63
N PHE D 234 -22.81 -28.72 34.80
CA PHE D 234 -23.48 -27.52 34.29
C PHE D 234 -22.42 -26.68 33.58
N PRO D 235 -22.19 -26.97 32.29
CA PRO D 235 -21.01 -26.42 31.61
C PRO D 235 -21.11 -24.93 31.30
N ILE D 236 -22.25 -24.29 31.57
CA ILE D 236 -22.28 -22.83 31.53
C ILE D 236 -21.23 -22.27 32.49
N LEU D 237 -20.87 -23.03 33.52
CA LEU D 237 -19.87 -22.60 34.51
C LEU D 237 -18.45 -22.72 34.02
N GLY D 238 -18.22 -23.34 32.86
CA GLY D 238 -16.87 -23.55 32.37
C GLY D 238 -16.28 -22.33 31.70
N ASP D 239 -15.04 -22.48 31.25
CA ASP D 239 -14.28 -21.43 30.57
C ASP D 239 -14.64 -21.45 29.09
N HIS D 240 -15.28 -20.37 28.60
CA HIS D 240 -15.74 -20.31 27.22
C HIS D 240 -14.76 -19.61 26.28
N THR D 241 -13.65 -19.09 26.80
CA THR D 241 -12.80 -18.19 26.02
C THR D 241 -12.13 -18.86 24.84
N ALA D 242 -12.02 -20.20 24.83
CA ALA D 242 -11.47 -20.89 23.67
C ALA D 242 -12.43 -21.94 23.13
N ALA D 243 -13.73 -21.73 23.32
CA ALA D 243 -14.72 -22.68 22.82
C ALA D 243 -14.53 -22.87 21.32
N PRO D 244 -14.64 -24.09 20.82
CA PRO D 244 -14.53 -24.34 19.38
C PRO D 244 -15.72 -23.75 18.65
N PRO D 245 -15.67 -23.71 17.32
CA PRO D 245 -16.85 -23.26 16.56
C PRO D 245 -18.07 -24.06 16.99
N THR D 246 -19.20 -23.38 17.13
CA THR D 246 -20.36 -24.00 17.77
C THR D 246 -21.64 -23.73 17.00
N ILE D 247 -22.50 -24.75 16.94
CA ILE D 247 -23.89 -24.59 16.50
C ILE D 247 -24.77 -25.02 17.67
N VAL D 248 -25.54 -24.08 18.21
CA VAL D 248 -26.51 -24.36 19.27
C VAL D 248 -27.88 -24.40 18.63
N ALA D 249 -28.56 -25.53 18.71
CA ALA D 249 -29.94 -25.63 18.27
C ALA D 249 -30.84 -25.80 19.49
N THR D 250 -31.92 -25.04 19.54
CA THR D 250 -32.92 -25.16 20.58
C THR D 250 -34.29 -25.29 19.95
N ALA D 251 -35.29 -25.53 20.79
CA ALA D 251 -36.69 -25.55 20.39
C ALA D 251 -37.48 -24.50 21.18
N SER D 252 -38.36 -23.78 20.48
CA SER D 252 -39.05 -22.64 21.08
C SER D 252 -40.01 -23.06 22.20
N LEU D 253 -40.42 -24.33 22.24
CA LEU D 253 -41.33 -24.82 23.26
C LEU D 253 -40.62 -25.71 24.30
N ASP D 254 -39.30 -25.64 24.36
CA ASP D 254 -38.54 -26.52 25.22
C ASP D 254 -38.45 -25.96 26.64
N PRO D 255 -38.80 -26.73 27.67
CA PRO D 255 -38.58 -26.25 29.04
C PRO D 255 -37.14 -25.84 29.31
N ILE D 256 -36.15 -26.47 28.67
CA ILE D 256 -34.76 -26.09 28.85
C ILE D 256 -34.26 -25.19 27.71
N ARG D 257 -35.17 -24.62 26.93
CA ARG D 257 -34.80 -23.69 25.87
C ARG D 257 -33.89 -22.59 26.39
N ASP D 258 -34.24 -21.98 27.53
CA ASP D 258 -33.44 -20.85 28.01
C ASP D 258 -32.03 -21.27 28.40
N SER D 259 -31.83 -22.56 28.69
CA SER D 259 -30.49 -23.05 28.99
C SER D 259 -29.61 -22.99 27.75
N GLY D 260 -30.16 -23.32 26.58
CA GLY D 260 -29.41 -23.19 25.35
C GLY D 260 -29.21 -21.74 24.95
N ARG D 261 -30.22 -20.91 25.16
CA ARG D 261 -30.03 -19.47 24.98
C ARG D 261 -28.88 -18.97 25.83
N ASP D 262 -28.85 -19.37 27.11
CA ASP D 262 -27.77 -18.94 27.99
C ASP D 262 -26.40 -19.32 27.43
N TYR D 263 -26.29 -20.55 26.91
CA TYR D 263 -24.99 -20.99 26.42
C TYR D 263 -24.55 -20.19 25.20
N ALA D 264 -25.46 -20.01 24.23
CA ALA D 264 -25.09 -19.25 23.03
C ALA D 264 -24.71 -17.82 23.39
N LYS D 265 -25.48 -17.18 24.29
CA LYS D 265 -25.12 -15.84 24.75
C LYS D 265 -23.74 -15.82 25.40
N ALA D 266 -23.40 -16.85 26.18
CA ALA D 266 -22.09 -16.89 26.82
C ALA D 266 -20.97 -17.02 25.78
N LEU D 267 -21.21 -17.76 24.69
CA LEU D 267 -20.21 -17.86 23.64
C LEU D 267 -20.00 -16.51 22.95
N VAL D 268 -21.08 -15.79 22.64
CA VAL D 268 -20.94 -14.46 22.04
C VAL D 268 -20.21 -13.53 23.00
N GLU D 269 -20.59 -13.59 24.28
CA GLU D 269 -19.94 -12.74 25.28
C GLU D 269 -18.44 -12.99 25.33
N ALA D 270 -18.00 -14.22 25.10
CA ALA D 270 -16.60 -14.58 25.08
C ALA D 270 -15.95 -14.36 23.72
N GLY D 271 -16.69 -13.87 22.73
CA GLY D 271 -16.11 -13.60 21.42
C GLY D 271 -15.95 -14.82 20.54
N ARG D 272 -16.75 -15.86 20.76
CA ARG D 272 -16.61 -17.12 20.03
C ARG D 272 -17.60 -17.20 18.89
N ASP D 273 -17.22 -17.86 17.80
CA ASP D 273 -18.12 -18.01 16.66
C ASP D 273 -19.22 -19.02 17.01
N VAL D 274 -20.47 -18.65 16.77
CA VAL D 274 -21.59 -19.53 17.11
C VAL D 274 -22.74 -19.27 16.16
N VAL D 275 -23.38 -20.35 15.71
CA VAL D 275 -24.67 -20.30 15.04
C VAL D 275 -25.74 -20.65 16.06
N TYR D 276 -26.72 -19.78 16.25
CA TYR D 276 -27.84 -20.04 17.15
C TYR D 276 -29.10 -20.23 16.32
N LEU D 277 -29.70 -21.43 16.40
CA LEU D 277 -30.92 -21.77 15.68
C LEU D 277 -31.97 -22.17 16.71
N GLU D 278 -33.07 -21.43 16.77
CA GLU D 278 -34.17 -21.75 17.67
C GLU D 278 -35.36 -22.16 16.81
N MET D 279 -35.67 -23.45 16.79
CA MET D 279 -36.69 -23.98 15.89
C MET D 279 -38.08 -23.57 16.38
N GLU D 280 -38.82 -22.95 15.50
CA GLU D 280 -40.10 -22.33 15.89
C GLU D 280 -41.28 -23.29 15.89
N GLY D 281 -41.95 -23.33 17.02
CA GLY D 281 -43.19 -24.08 17.11
C GLY D 281 -43.02 -25.57 17.29
N VAL D 282 -41.84 -26.02 17.72
CA VAL D 282 -41.61 -27.43 18.01
C VAL D 282 -41.00 -27.57 19.39
N THR D 283 -40.96 -28.81 19.86
CA THR D 283 -40.60 -29.16 21.22
C THR D 283 -39.19 -29.74 21.31
N HIS D 284 -38.73 -29.90 22.55
CA HIS D 284 -37.69 -30.84 22.91
C HIS D 284 -37.90 -32.15 22.15
N SER D 285 -36.82 -32.84 21.76
CA SER D 285 -36.85 -34.14 21.09
C SER D 285 -37.14 -34.04 19.59
N PHE D 286 -37.08 -32.86 18.98
CA PHE D 286 -37.56 -32.77 17.60
C PHE D 286 -36.69 -33.55 16.61
N THR D 287 -35.45 -33.84 16.98
CA THR D 287 -34.56 -34.60 16.10
C THR D 287 -34.96 -36.05 15.97
N ASN D 288 -35.82 -36.56 16.85
CA ASN D 288 -36.16 -37.98 16.89
C ASN D 288 -37.65 -38.24 16.70
N ILE D 289 -38.39 -37.25 16.20
CA ILE D 289 -39.82 -37.42 15.97
C ILE D 289 -40.15 -37.03 14.53
N ARG D 290 -39.22 -37.31 13.64
CA ARG D 290 -39.27 -36.85 12.25
C ARG D 290 -40.38 -37.48 11.40
N ALA D 291 -40.98 -38.56 11.85
CA ALA D 291 -42.10 -39.16 11.10
C ALA D 291 -43.43 -38.67 11.70
N ALA D 292 -43.57 -38.67 13.02
CA ALA D 292 -44.81 -38.21 13.68
C ALA D 292 -45.03 -36.73 13.41
N VAL D 293 -43.97 -35.95 13.40
CA VAL D 293 -44.02 -34.49 13.11
C VAL D 293 -43.11 -34.25 11.91
N PRO D 294 -43.59 -34.49 10.69
CA PRO D 294 -42.75 -34.43 9.51
C PRO D 294 -41.90 -33.16 9.32
N SER D 295 -42.43 -32.02 9.72
CA SER D 295 -41.68 -30.78 9.55
C SER D 295 -40.38 -30.75 10.35
N THR D 296 -40.21 -31.63 11.33
CA THR D 296 -38.95 -31.64 12.09
C THR D 296 -37.79 -32.18 11.28
N GLN D 297 -38.06 -32.93 10.20
CA GLN D 297 -36.99 -33.28 9.27
C GLN D 297 -36.30 -32.02 8.73
N GLY D 298 -37.10 -31.01 8.37
CA GLY D 298 -36.54 -29.76 7.90
C GLY D 298 -35.72 -29.04 8.95
N ASP D 299 -36.12 -29.15 10.22
CA ASP D 299 -35.32 -28.58 11.30
C ASP D 299 -33.95 -29.26 11.37
N LEU D 300 -33.94 -30.60 11.32
CA LEU D 300 -32.65 -31.28 11.30
C LEU D 300 -31.82 -30.83 10.11
N GLU D 301 -32.44 -30.68 8.95
CA GLU D 301 -31.70 -30.32 7.75
C GLU D 301 -31.11 -28.91 7.86
N ARG D 302 -31.75 -28.01 8.61
CA ARG D 302 -31.13 -26.70 8.84
C ARG D 302 -29.85 -26.82 9.68
N ILE D 303 -29.86 -27.70 10.68
CA ILE D 303 -28.65 -27.97 11.45
C ILE D 303 -27.55 -28.53 10.54
N ILE D 304 -27.92 -29.48 9.68
CA ILE D 304 -26.96 -30.08 8.74
C ILE D 304 -26.34 -29.00 7.88
N ALA D 305 -27.17 -28.10 7.33
CA ALA D 305 -26.65 -27.05 6.47
C ALA D 305 -25.70 -26.14 7.24
N ALA D 306 -26.02 -25.83 8.50
CA ALA D 306 -25.11 -25.02 9.30
C ALA D 306 -23.82 -25.76 9.58
N MET D 307 -23.89 -27.08 9.83
CA MET D 307 -22.67 -27.84 10.06
C MET D 307 -21.76 -27.79 8.84
N LYS D 308 -22.32 -27.99 7.64
CA LYS D 308 -21.50 -27.95 6.44
C LYS D 308 -20.85 -26.58 6.27
N MET D 309 -21.61 -25.51 6.51
CA MET D 309 -21.05 -24.17 6.40
C MET D 309 -19.91 -23.96 7.39
N MET D 310 -20.07 -24.41 8.64
CA MET D 310 -19.08 -24.12 9.66
C MET D 310 -17.85 -25.00 9.53
N LEU D 311 -17.96 -26.13 8.83
CA LEU D 311 -16.79 -26.94 8.51
C LEU D 311 -16.05 -26.44 7.29
N GLY D 312 -16.64 -25.54 6.52
CA GLY D 312 -16.01 -25.04 5.31
C GLY D 312 -16.31 -25.95 4.13
C1 NPO E . 1.33 20.93 -15.07
C2 NPO E . 2.11 20.62 -16.22
C3 NPO E . 1.74 21.09 -17.47
C4 NPO E . 0.62 21.85 -17.60
C5 NPO E . -0.17 22.17 -16.44
C6 NPO E . 0.20 21.70 -15.20
OH NPO E . 0.24 22.33 -18.85
N1 NPO E . 1.75 20.44 -13.75
O2 NPO E . 0.95 20.64 -12.60
O3 NPO E . 2.82 19.85 -13.63
H2 NPO E . 2.88 20.10 -16.13
H3 NPO E . 2.26 20.88 -18.22
H5 NPO E . -0.93 22.69 -16.53
H6 NPO E . -0.31 21.91 -14.45
HO NPO E . 0.60 23.09 -18.97
C1 NPO F . 1.49 25.10 -15.26
C2 NPO F . 0.12 25.09 -15.26
C3 NPO F . -0.52 25.73 -16.28
C4 NPO F . 0.18 26.35 -17.25
C5 NPO F . 1.52 26.36 -17.26
C6 NPO F . 2.17 25.72 -16.26
OH NPO F . -0.45 26.97 -18.23
N1 NPO F . 2.20 24.45 -14.29
O2 NPO F . 1.61 23.64 -13.43
O3 NPO F . 3.34 24.52 -14.22
H2 NPO F . -0.36 24.67 -14.59
H3 NPO F . -1.45 25.75 -16.30
H5 NPO F . 2.00 26.79 -17.94
H6 NPO F . 3.10 25.71 -16.25
HO NPO F . -1.07 27.45 -17.91
C1 NPO G . -1.25 15.14 -8.95
C2 NPO G . -2.55 15.49 -9.16
C3 NPO G . -3.50 14.55 -8.89
C4 NPO G . -3.16 13.30 -8.45
C5 NPO G . -1.87 12.98 -8.27
C6 NPO G . -0.93 13.91 -8.50
OH NPO G . -4.05 12.36 -8.22
N1 NPO G . -0.29 16.06 -9.13
O2 NPO G . -0.62 17.31 -9.51
O3 NPO G . 0.82 15.81 -8.83
H2 NPO G . -2.78 16.35 -9.44
H3 NPO G . -4.39 14.75 -9.04
H5 NPO G . -1.63 12.13 -7.97
H6 NPO G . -0.03 13.69 -8.35
HO NPO G . -4.36 12.47 -7.43
CA 6NA H . 11.94 7.02 -24.18
C 6NA H . 13.11 7.97 -23.93
O 6NA H . 13.81 7.87 -22.89
CB 6NA H . 10.77 7.31 -23.23
CG 6NA H . 9.44 6.98 -23.90
CD 6NA H . 8.55 8.22 -23.98
C6 6NA H . 8.52 8.75 -25.41
OXT 6NA H . 13.38 8.88 -24.77
HAC1 6NA H . 12.24 6.11 -24.04
HAC2 6NA H . 11.64 7.13 -25.10
HBC1 6NA H . 10.88 6.82 -22.40
HBC2 6NA H . 10.82 8.23 -23.08
HGC1 6NA H . 9.60 6.64 -24.79
HGC2 6NA H . 8.98 6.30 -23.38
HDC1 6NA H . 7.65 7.96 -23.73
HDC2 6NA H . 8.84 8.90 -23.37
H6C1 6NA H . 7.95 9.53 -25.46
H6C2 6NA H . 8.18 8.06 -26.00
H6C3 6NA H . 9.43 9.00 -25.68
C1 PEG I . 6.61 33.90 -28.05
O1 PEG I . 6.72 34.33 -26.72
C2 PEG I . 6.80 32.38 -28.16
O2 PEG I . 5.56 31.74 -28.29
C3 PEG I . 5.39 30.60 -27.49
C4 PEG I . 5.30 29.33 -28.34
O4 PEG I . 6.47 28.55 -28.22
H11 PEG I . 5.74 34.12 -28.40
H12 PEG I . 7.29 34.33 -28.58
HO1 PEG I . 6.75 35.18 -26.70
H21 PEG I . 7.27 32.07 -27.37
H22 PEG I . 7.35 32.18 -28.94
H31 PEG I . 6.12 30.51 -26.85
H32 PEG I . 4.56 30.69 -27.01
H41 PEG I . 5.18 29.58 -29.26
H42 PEG I . 4.54 28.81 -28.05
HO4 PEG I . 6.32 27.78 -28.54
C1 EDO J . 23.94 9.41 -7.03
O1 EDO J . 24.81 8.60 -6.21
C2 EDO J . 24.75 10.52 -7.72
O2 EDO J . 23.90 11.25 -8.63
H11 EDO J . 23.45 8.79 -7.77
H12 EDO J . 23.21 9.87 -6.39
HO1 EDO J . 24.29 7.90 -5.79
H21 EDO J . 25.58 10.08 -8.26
H22 EDO J . 25.14 11.20 -6.97
HO2 EDO J . 24.42 11.95 -9.05
S DMS K . 13.23 44.17 -3.86
O DMS K . 13.89 45.49 -4.14
C1 DMS K . 14.19 42.92 -4.73
C2 DMS K . 13.53 43.72 -2.12
H11 DMS K . 15.08 42.86 -4.15
H12 DMS K . 14.42 43.27 -5.70
H13 DMS K . 13.72 41.98 -4.70
H21 DMS K . 14.55 43.85 -1.89
H22 DMS K . 12.95 44.34 -1.49
H23 DMS K . 13.26 42.70 -1.96
S DMS L . 20.67 25.52 17.40
O DMS L . 21.96 24.79 17.22
C1 DMS L . 19.38 24.41 18.01
C2 DMS L . 20.79 26.72 18.77
H11 DMS L . 19.73 23.91 18.86
H12 DMS L . 18.52 24.98 18.26
H13 DMS L . 19.13 23.71 17.26
H21 DMS L . 21.11 27.66 18.39
H22 DMS L . 21.50 26.37 19.47
H23 DMS L . 19.85 26.82 19.23
C1 DIO M . 23.51 38.68 10.91
C2 DIO M . 24.66 36.81 11.68
C1' DIO M . 24.45 38.77 9.71
C2' DIO M . 25.60 36.88 10.48
O1 DIO M . 23.41 37.37 11.40
O1' DIO M . 25.70 38.18 9.96
H11 DIO M . 22.62 38.98 10.64
H12 DIO M . 23.84 39.26 11.61
H21 DIO M . 25.06 37.29 12.43
H22 DIO M . 24.53 35.89 11.94
H1'1 DIO M . 24.59 39.70 9.48
H1'2 DIO M . 24.04 38.31 8.96
H2'1 DIO M . 25.26 36.29 9.79
H2'2 DIO M . 26.48 36.58 10.76
C1 EDO N . -4.47 44.70 -0.60
O1 EDO N . -5.05 43.62 0.15
C2 EDO N . -3.04 45.00 -0.17
O2 EDO N . -2.23 45.19 -1.33
H11 EDO N . -4.42 44.39 -1.64
H12 EDO N . -5.08 45.61 -0.53
HO1 EDO N . -5.95 43.47 -0.16
H21 EDO N . -2.65 44.19 0.45
H22 EDO N . -3.02 45.91 0.44
HO2 EDO N . -1.32 45.38 -1.06
C1 DIO O . 21.34 24.46 -32.45
C2 DIO O . 21.31 26.65 -33.26
C1' DIO O . 21.89 24.22 -33.86
C2' DIO O . 22.65 26.45 -33.96
O1 DIO O . 21.20 25.81 -32.14
O1' DIO O . 22.91 25.10 -34.25
H11 DIO O . 21.95 24.05 -31.82
H12 DIO O . 20.47 24.03 -32.38
H21 DIO O . 21.25 27.57 -32.97
H22 DIO O . 20.59 26.46 -33.88
H1'1 DIO O . 21.16 24.27 -34.50
H1'2 DIO O . 22.25 23.32 -33.89
H2'1 DIO O . 23.35 26.77 -33.37
H2'2 DIO O . 22.66 26.96 -34.78
CA 6NA P . -4.48 31.44 -1.41
C 6NA P . -5.50 30.96 -2.46
O 6NA P . -5.59 31.35 -3.55
CB 6NA P . -3.58 30.26 -1.05
CG 6NA P . -4.43 29.13 -0.54
CD 6NA P . -3.72 27.79 -0.43
C6 6NA P . -3.41 27.50 0.98
OXT 6NA P . -6.35 30.17 -2.13
HAC1 6NA P . -3.96 32.17 -1.76
HAC2 6NA P . -4.95 31.73 -0.61
HBC1 6NA P . -2.96 30.53 -0.35
HBC2 6NA P . -3.09 29.98 -1.83
HGC1 6NA P . -5.15 28.92 -1.14
HGC2 6NA P . -4.80 29.37 0.31
HDC1 6NA P . -2.90 27.82 -0.94
HDC2 6NA P . -4.29 27.09 -0.78
H6C1 6NA P . -2.60 26.97 1.03
H6C2 6NA P . -4.15 27.01 1.32
H6C3 6NA P . -3.30 28.33 1.48
C1 DIO Q . 13.92 14.14 12.90
C2 DIO Q . 12.61 12.14 13.30
C1' DIO Q . 15.12 13.20 13.01
C2' DIO Q . 13.89 11.47 13.82
O1 DIO Q . 12.67 13.50 12.94
O1' DIO Q . 14.92 12.36 14.10
H11 DIO Q . 13.99 14.60 12.04
H12 DIO Q . 13.97 14.79 13.61
H21 DIO Q . 12.33 11.65 12.51
H22 DIO Q . 11.93 12.04 13.98
H1'1 DIO Q . 15.20 12.68 12.19
H1'2 DIO Q . 15.92 13.72 13.15
H2'1 DIO Q . 14.20 10.83 13.16
H2'2 DIO Q . 13.67 10.98 14.64
C1 GOL R . 0.31 44.88 -11.35
O1 GOL R . -0.39 43.79 -10.81
C2 GOL R . 1.27 45.33 -10.27
O2 GOL R . 1.08 44.63 -9.07
C3 GOL R . 2.67 45.08 -10.87
O3 GOL R . 3.41 46.15 -10.44
H11 GOL R . -0.27 45.62 -11.59
H12 GOL R . 0.76 44.63 -12.17
H2 GOL R . 1.14 46.26 -10.07
HO2 GOL R . 1.11 43.80 -9.25
H31 GOL R . 2.63 45.00 -11.83
H32 GOL R . 3.02 44.24 -10.54
C1 GOL S . 13.26 32.07 14.69
O1 GOL S . 12.22 31.42 15.34
C2 GOL S . 14.46 32.18 15.66
O2 GOL S . 15.37 31.15 15.46
C3 GOL S . 15.08 33.58 15.41
O3 GOL S . 14.06 34.53 15.59
H11 GOL S . 13.04 32.95 14.46
H12 GOL S . 13.52 31.62 13.89
H2 GOL S . 14.15 32.09 16.58
HO2 GOL S . 15.41 30.69 16.17
H31 GOL S . 15.47 33.60 14.52
H32 GOL S . 15.82 33.72 16.01
HO3 GOL S . 14.40 35.29 15.46
C1 GOL T . -17.99 22.75 -7.83
O1 GOL T . -18.55 23.29 -6.65
C2 GOL T . -16.69 23.57 -8.14
O2 GOL T . -16.00 23.92 -6.99
C3 GOL T . -15.83 22.65 -9.04
O3 GOL T . -16.21 22.87 -10.37
H11 GOL T . -18.60 22.79 -8.59
H12 GOL T . -17.78 21.81 -7.71
HO1 GOL T . -18.24 24.08 -6.58
H2 GOL T . -16.91 24.40 -8.59
HO2 GOL T . -16.26 23.41 -6.36
H31 GOL T . -15.94 21.76 -8.80
H32 GOL T . -14.89 22.84 -8.90
HO3 GOL T . -15.50 22.90 -10.83
C1 GOL U . 17.74 19.09 -30.21
O1 GOL U . 18.26 17.89 -29.70
C2 GOL U . 18.62 20.25 -29.66
O2 GOL U . 19.78 20.44 -30.41
C3 GOL U . 17.70 21.49 -29.68
O3 GOL U . 18.34 22.51 -28.94
H11 GOL U . 16.82 19.22 -29.96
H12 GOL U . 17.75 19.09 -31.18
HO1 GOL U . 19.11 17.98 -29.68
H2 GOL U . 18.91 20.05 -28.76
HO2 GOL U . 20.04 19.67 -30.68
H31 GOL U . 16.83 21.26 -29.33
H32 GOL U . 17.53 21.77 -30.60
HO3 GOL U . 17.83 23.18 -28.96
S SO4 V . 28.62 33.82 -15.31
O1 SO4 V . 29.77 34.69 -15.06
O2 SO4 V . 28.22 33.16 -14.06
O3 SO4 V . 27.49 34.61 -15.79
O4 SO4 V . 28.99 32.81 -16.31
C1 PGE W . 12.99 15.62 -24.83
O1 PGE W . 13.26 14.27 -25.18
C2 PGE W . 13.07 16.53 -26.08
O2 PGE W . 12.90 15.73 -27.24
C3 PGE W . 12.71 16.42 -28.43
C4 PGE W . 14.03 17.08 -28.88
O4 PGE W . 11.79 16.85 -31.16
C6 PGE W . 13.10 16.52 -31.51
C5 PGE W . 14.02 17.69 -31.15
O3 PGE W . 13.79 18.08 -29.83
H1 PGE W . 12.10 15.68 -24.47
H12 PGE W . 13.63 15.92 -24.18
HO1 PGE W . 12.68 13.76 -24.81
H2 PGE W . 12.37 17.19 -26.05
H22 PGE W . 13.94 16.96 -26.10
H3 PGE W . 12.03 17.10 -28.31
H32 PGE W . 12.41 15.79 -29.11
H4 PGE W . 14.46 17.48 -28.11
H42 PGE W . 14.61 16.40 -29.26
H6 PGE W . 13.15 16.36 -32.46
H62 PGE W . 13.39 15.71 -31.04
H5 PGE W . 13.84 18.43 -31.74
H52 PGE W . 14.95 17.42 -31.25
C1 NPO X . 40.99 18.47 -31.83
C2 NPO X . 41.65 17.96 -32.99
C3 NPO X . 40.97 17.88 -34.19
C4 NPO X . 39.68 18.28 -34.25
C5 NPO X . 39.02 18.79 -33.08
C6 NPO X . 39.70 18.87 -31.88
OH NPO X . 38.99 18.20 -35.45
N1 NPO X . 41.73 18.54 -30.59
O2 NPO X . 43.07 18.10 -30.58
O3 NPO X . 41.20 18.96 -29.56
H2 NPO X . 42.54 17.69 -32.93
H3 NPO X . 41.39 17.55 -34.95
H5 NPO X . 38.13 19.07 -33.13
H6 NPO X . 39.27 19.20 -31.12
HO NPO X . 38.60 17.45 -35.50
C1 EDO Y . 43.46 18.66 -28.06
O1 EDO Y . 43.73 17.25 -27.91
C2 EDO Y . 44.54 19.53 -27.45
O2 EDO Y . 44.40 19.55 -26.03
H11 EDO Y . 42.47 19.01 -27.82
H12 EDO Y . 43.63 18.97 -29.08
HO1 EDO Y . 43.18 16.76 -28.53
H21 EDO Y . 45.52 19.14 -27.71
H22 EDO Y . 44.46 20.54 -27.84
HO2 EDO Y . 45.12 20.06 -25.63
C1 NPO Z . 40.06 14.46 -32.97
C2 NPO Z . 38.78 13.97 -33.33
C3 NPO Z . 38.49 13.69 -34.67
C4 NPO Z . 39.45 13.88 -35.61
C5 NPO Z . 40.75 14.37 -35.23
C6 NPO Z . 41.04 14.65 -33.91
OH NPO Z . 39.16 13.59 -36.93
N1 NPO Z . 40.33 14.75 -31.56
O2 NPO Z . 41.54 15.39 -31.16
O3 NPO Z . 39.48 14.43 -30.71
H2 NPO Z . 38.13 13.84 -32.68
H3 NPO Z . 37.66 13.37 -34.91
H5 NPO Z . 41.40 14.50 -35.89
H6 NPO Z . 41.88 14.97 -33.67
HO NPO Z . 38.89 14.30 -37.33
CA 6NA AA . 28.19 33.17 -26.46
C 6NA AA . 27.69 31.82 -25.93
O 6NA AA . 27.94 31.53 -24.73
CB 6NA AA . 28.95 32.98 -27.77
CG 6NA AA . 30.43 32.68 -27.52
CD 6NA AA . 31.11 32.62 -28.89
C6 6NA AA . 30.22 31.90 -29.91
OXT 6NA AA . 27.05 31.03 -26.68
HAC1 6NA AA . 27.43 33.76 -26.61
HAC2 6NA AA . 28.78 33.57 -25.80
HBC1 6NA AA . 28.52 32.25 -28.22
HBC2 6NA AA . 28.86 33.78 -28.31
HGC1 6NA AA . 30.45 31.84 -27.12
HGC2 6NA AA . 30.81 33.35 -26.96
HDC1 6NA AA . 31.95 32.16 -28.81
HDC2 6NA AA . 31.27 33.53 -29.20
H6C1 6NA AA . 29.79 31.13 -29.51
H6C2 6NA AA . 29.55 32.51 -30.24
H6C3 6NA AA . 30.78 31.60 -30.63
S DMS BA . 52.09 16.65 -1.76
O DMS BA . 52.53 16.09 -3.07
C1 DMS BA . 53.39 16.44 -0.52
C2 DMS BA . 52.01 18.45 -1.89
H11 DMS BA . 53.10 16.93 0.39
H12 DMS BA . 54.30 16.88 -0.87
H13 DMS BA . 53.54 15.42 -0.32
H21 DMS BA . 51.26 18.73 -2.58
H22 DMS BA . 52.94 18.82 -2.22
H23 DMS BA . 51.79 18.87 -0.93
S DMS CA . 36.92 -8.29 -22.19
O DMS CA . 37.59 -8.31 -23.53
C1 DMS CA . 38.20 -8.28 -20.91
C2 DMS CA . 36.22 -6.65 -21.92
H11 DMS CA . 38.60 -7.31 -20.82
H12 DMS CA . 38.97 -8.96 -21.18
H13 DMS CA . 37.78 -8.59 -19.99
H21 DMS CA . 36.22 -6.50 -20.88
H22 DMS CA . 35.24 -6.68 -22.30
H23 DMS CA . 36.81 -5.92 -22.34
C1 EDO DA . 30.62 24.02 -7.71
O1 EDO DA . 30.63 23.32 -8.97
C2 EDO DA . 31.90 24.82 -7.55
O2 EDO DA . 31.79 25.67 -6.40
H11 EDO DA . 29.76 24.70 -7.68
H12 EDO DA . 30.51 23.31 -6.90
HO1 EDO DA . 29.80 22.82 -9.07
H21 EDO DA . 32.76 24.16 -7.44
H22 EDO DA . 32.05 25.47 -8.41
HO2 EDO DA . 32.61 26.18 -6.29
C1 EDO EA . 31.12 12.08 -1.57
O1 EDO EA . 31.93 13.11 -0.97
C2 EDO EA . 31.53 10.72 -1.02
O2 EDO EA . 32.86 10.40 -1.44
H11 EDO EA . 30.09 12.31 -1.34
H12 EDO EA . 31.25 12.09 -2.66
HO1 EDO EA . 31.67 13.96 -1.32
H21 EDO EA . 31.48 10.75 0.08
H22 EDO EA . 30.84 9.96 -1.36
HO2 EDO EA . 33.11 9.54 -1.08
S DMS FA . 57.78 15.63 -39.93
O DMS FA . 57.53 14.76 -41.14
C1 DMS FA . 59.31 15.11 -39.13
C2 DMS FA . 58.19 17.31 -40.47
H11 DMS FA . 59.65 14.21 -39.59
H12 DMS FA . 59.10 14.93 -38.12
H13 DMS FA . 60.05 15.86 -39.24
H21 DMS FA . 58.38 17.30 -41.51
H22 DMS FA . 57.39 17.96 -40.25
H23 DMS FA . 59.07 17.64 -39.97
C1 EDO GA . 27.92 11.04 -1.48
O1 EDO GA . 27.51 12.41 -1.59
C2 EDO GA . 28.04 10.67 0.00
O2 EDO GA . 28.74 9.42 0.11
H11 EDO GA . 28.84 10.85 -2.01
H12 EDO GA . 27.15 10.41 -1.92
HO1 EDO GA . 27.44 12.64 -2.53
H21 EDO GA . 27.05 10.58 0.44
H22 EDO GA . 28.60 11.44 0.54
HO2 EDO GA . 28.82 9.18 1.05
C1 EDO HA . 41.56 -1.07 2.84
O1 EDO HA . 40.79 -2.20 3.26
C2 EDO HA . 43.04 -1.41 2.85
O2 EDO HA . 43.64 -1.06 4.10
H11 EDO HA . 41.37 -0.22 3.51
H12 EDO HA . 41.26 -0.78 1.84
HO1 EDO HA . 39.85 -1.97 3.25
H21 EDO HA . 43.56 -0.93 2.03
H22 EDO HA . 43.19 -2.47 2.76
HO2 EDO HA . 44.58 -1.29 4.09
C1 GOL IA . 26.82 25.60 -28.98
O1 GOL IA . 26.01 26.61 -28.53
C2 GOL IA . 26.05 24.61 -29.83
O2 GOL IA . 25.99 23.58 -28.96
C3 GOL IA . 24.62 25.04 -30.12
O3 GOL IA . 24.32 25.60 -31.37
H11 GOL IA . 27.29 25.12 -28.28
H12 GOL IA . 27.44 25.96 -29.50
H2 GOL IA . 26.55 24.32 -30.61
H31 GOL IA . 24.41 25.58 -29.48
H32 GOL IA . 24.05 24.26 -29.98
HO3 GOL IA . 24.16 26.42 -31.24
C1 DIO JA . 48.47 22.57 -29.13
C2 DIO JA . 47.87 22.74 -26.79
C1' DIO JA . 47.30 21.66 -29.26
C2' DIO JA . 46.63 21.98 -27.11
O1 DIO JA . 48.37 23.37 -27.96
O1' DIO JA . 46.95 21.03 -28.05
H11 DIO JA . 48.51 23.15 -29.91
H12 DIO JA . 49.29 22.04 -29.08
H21 DIO JA . 48.54 22.14 -26.45
H22 DIO JA . 47.66 23.41 -26.12
H1'1 DIO JA . 47.52 20.97 -29.91
H1'2 DIO JA . 46.54 22.16 -29.58
H2'1 DIO JA . 45.97 22.59 -27.47
H2'2 DIO JA . 46.30 21.56 -26.31
S SO4 KA . 42.60 6.08 5.80
O1 SO4 KA . 42.88 7.21 4.92
O2 SO4 KA . 42.64 6.51 7.18
O3 SO4 KA . 41.26 5.56 5.50
O4 SO4 KA . 43.60 5.03 5.59
S SO4 LA . 49.16 2.53 2.03
O1 SO4 LA . 50.08 3.10 1.05
O2 SO4 LA . 49.89 2.29 3.28
O3 SO4 LA . 48.04 3.43 2.30
O4 SO4 LA . 48.60 1.26 1.54
NA NA MA . 19.96 3.10 -16.90
C1 NPO NA . -19.38 4.90 15.13
C2 NPO NA . -19.56 4.11 16.31
C3 NPO NA . -20.06 4.70 17.47
C4 NPO NA . -20.38 6.02 17.47
C5 NPO NA . -20.20 6.82 16.28
C6 NPO NA . -19.70 6.24 15.14
OH NPO NA . -20.88 6.60 18.63
N1 NPO NA . -18.87 4.30 13.91
O2 NPO NA . -18.50 5.13 12.83
O3 NPO NA . -18.77 3.06 13.80
H2 NPO NA . -19.34 3.20 16.30
H3 NPO NA . -20.18 4.19 18.23
H5 NPO NA . -20.43 7.72 16.29
H6 NPO NA . -19.59 6.75 14.37
HO NPO NA . -21.73 6.58 18.61
C1 NPO OA . -23.39 6.10 14.82
C2 NPO OA . -24.35 5.68 15.79
C3 NPO OA . -24.82 6.60 16.73
C4 NPO OA . -24.36 7.87 16.70
C5 NPO OA . -23.39 8.29 15.72
C6 NPO OA . -22.91 7.39 14.79
OH NPO OA . -24.84 8.78 17.64
N1 NPO OA . -22.90 5.12 13.86
O2 NPO OA . -21.85 5.49 12.97
O3 NPO OA . -23.40 3.98 13.84
H2 NPO OA . -24.65 4.80 15.79
H3 NPO OA . -25.44 6.33 17.36
H5 NPO OA . -23.09 9.17 15.72
H6 NPO OA . -22.29 7.65 14.16
HO NPO OA . -24.88 9.55 17.29
C1 NPO PA . -12.56 5.08 9.93
C2 NPO PA . -12.36 6.42 10.36
C3 NPO PA . -11.09 6.97 10.35
C4 NPO PA . -10.05 6.22 9.93
C5 NPO PA . -10.26 4.88 9.50
C6 NPO PA . -11.52 4.31 9.51
OH NPO PA . -8.77 6.76 9.92
N1 NPO PA . -13.90 4.50 9.95
O2 NPO PA . -15.03 5.34 10.08
O3 NPO PA . -14.02 3.28 9.82
H2 NPO PA . -13.09 6.93 10.65
H3 NPO PA . -10.95 7.85 10.64
H5 NPO PA . -9.54 4.36 9.21
H6 NPO PA . -11.66 3.44 9.23
HO NPO PA . -8.39 6.61 10.66
C1 EDO QA . -17.60 -3.03 -15.52
O1 EDO QA . -17.32 -3.96 -14.46
C2 EDO QA . -18.95 -2.35 -15.31
O2 EDO QA . -19.91 -2.87 -16.25
H11 EDO QA . -17.60 -3.56 -16.47
H12 EDO QA . -16.81 -2.27 -15.55
HO1 EDO QA . -16.46 -4.36 -14.61
H21 EDO QA . -19.31 -2.55 -14.31
H22 EDO QA . -18.86 -1.27 -15.45
HO2 EDO QA . -20.77 -2.44 -16.11
S DMS RA . -43.67 0.78 1.32
O DMS RA . -42.93 -0.08 2.10
C1 DMS RA . -43.25 0.73 -0.30
C2 DMS RA . -45.24 0.08 1.30
H11 DMS RA . -43.63 1.59 -0.79
H12 DMS RA . -42.19 0.70 -0.40
H13 DMS RA . -43.67 -0.14 -0.75
H21 DMS RA . -45.91 0.91 1.33
S DMS SA . -26.12 -13.04 -18.39
O DMS SA . -25.91 -14.00 -17.27
C1 DMS SA . -27.72 -12.21 -18.18
C2 DMS SA . -24.99 -11.64 -18.24
H11 DMS SA . -27.87 -11.45 -18.89
H12 DMS SA . -28.50 -12.93 -18.29
H13 DMS SA . -27.74 -11.85 -17.19
H21 DMS SA . -24.05 -11.99 -18.59
H22 DMS SA . -24.82 -11.36 -17.24
H23 DMS SA . -25.23 -10.83 -18.86
C1 GOL TA . -22.92 11.67 -1.39
O1 GOL TA . -21.77 11.19 -0.97
C2 GOL TA . -23.38 12.58 -0.26
O2 GOL TA . -23.11 13.94 -0.54
C3 GOL TA . -24.87 12.25 -0.11
O3 GOL TA . -25.59 13.47 0.10
H11 GOL TA . -23.55 11.04 -1.57
H12 GOL TA . -22.81 12.18 -2.21
H2 GOL TA . -22.90 12.38 0.56
HO2 GOL TA . -23.83 14.39 -0.47
H31 GOL TA . -24.97 11.62 0.62
H32 GOL TA . -25.20 11.79 -0.88
HO3 GOL TA . -25.72 13.54 0.93
S DMS UA . -12.47 -10.97 -12.03
O DMS UA . -11.77 -11.06 -10.72
C1 DMS UA . -14.06 -11.82 -11.95
C2 DMS UA . -12.99 -9.26 -12.33
H11 DMS UA . -14.54 -11.59 -11.04
H12 DMS UA . -14.69 -11.50 -12.76
H13 DMS UA . -13.92 -12.87 -12.02
H21 DMS UA . -12.26 -8.73 -12.88
H22 DMS UA . -13.89 -9.34 -12.87
H23 DMS UA . -13.13 -8.81 -11.40
C1 DIO VA . -40.40 -10.06 -13.71
C2 DIO VA . -39.31 -12.08 -13.34
C1' DIO VA . -41.32 -10.33 -12.52
C2' DIO VA . -40.22 -12.34 -12.14
O1 DIO VA . -39.16 -10.71 -13.59
O1' DIO VA . -41.46 -11.70 -12.24
H11 DIO VA . -40.24 -9.10 -13.77
H12 DIO VA . -40.84 -10.36 -14.52
H21 DIO VA . -39.69 -12.50 -14.13
H22 DIO VA . -38.43 -12.44 -13.17
H1'1 DIO VA . -41.00 -9.88 -11.72
H1'2 DIO VA . -42.19 -9.98 -12.74
H2'1 DIO VA . -40.37 -13.30 -12.06
H2'2 DIO VA . -39.77 -12.03 -11.35
C1 GOL WA . -32.15 -4.71 -17.30
O1 GOL WA . -32.42 -6.05 -16.98
C2 GOL WA . -30.84 -4.30 -16.54
O2 GOL WA . -29.78 -5.13 -16.83
C3 GOL WA . -30.56 -2.84 -16.95
O3 GOL WA . -29.31 -2.51 -16.38
H11 GOL WA . -32.86 -4.12 -17.04
H12 GOL WA . -32.03 -4.58 -18.26
HO1 GOL WA . -31.99 -6.53 -17.53
H2 GOL WA . -30.96 -4.29 -15.72
HO2 GOL WA . -30.07 -5.93 -16.89
H31 GOL WA . -31.28 -2.27 -16.64
H32 GOL WA . -30.55 -2.76 -17.91
HO3 GOL WA . -28.84 -3.22 -16.39
C1 PGE XA . -29.46 -9.13 27.20
O1 PGE XA . -29.26 -9.49 25.86
C2 PGE XA . -29.10 -10.30 28.11
O2 PGE XA . -27.75 -10.25 28.46
C3 PGE XA . -27.44 -10.93 29.66
C4 PGE XA . -25.94 -10.85 29.95
O4 PGE XA . -23.54 -14.37 28.92
C6 PGE XA . -23.20 -13.00 28.88
C5 PGE XA . -23.98 -12.18 29.90
O3 PGE XA . -25.31 -12.01 29.47
H1 PGE XA . -30.40 -8.90 27.33
H12 PGE XA . -28.90 -8.37 27.41
H2 PGE XA . -29.67 -10.31 28.90
H22 PGE XA . -29.26 -11.08 27.58
H3 PGE XA . -27.93 -10.53 30.39
H32 PGE XA . -27.70 -11.87 29.58
H4 PGE XA . -25.80 -10.79 30.91
H42 PGE XA . -25.57 -10.08 29.52
H6 PGE XA . -23.30 -12.67 28.00
H62 PGE XA . -22.26 -12.93 29.11
H5 PGE XA . -23.99 -12.65 30.75
H52 PGE XA . -23.57 -11.32 30.01
C1 GOL YA . -12.97 -11.22 24.69
O1 GOL YA . -11.93 -11.16 23.78
C2 GOL YA . -12.46 -10.72 26.04
O2 GOL YA . -11.56 -9.66 25.90
C3 GOL YA . -13.72 -10.30 26.78
O3 GOL YA . -14.04 -9.01 26.36
H11 GOL YA . -13.37 -12.07 24.76
H12 GOL YA . -13.63 -10.65 24.47
H2 GOL YA . -11.97 -11.42 26.50
HO2 GOL YA . -11.30 -9.43 26.68
H31 GOL YA . -13.61 -10.40 27.74
H32 GOL YA . -14.37 -10.89 26.53
C1 EDO ZA . -10.07 -7.03 25.39
O1 EDO ZA . -10.61 -8.12 24.64
C2 EDO ZA . -11.11 -5.92 25.49
O2 EDO ZA . -11.72 -5.95 26.78
H11 EDO ZA . -9.79 -7.36 26.38
H12 EDO ZA . -9.18 -6.65 24.89
HO1 EDO ZA . -9.95 -8.83 24.58
H21 EDO ZA . -11.84 -5.99 24.70
H22 EDO ZA . -10.61 -4.97 25.37
HO2 EDO ZA . -12.38 -5.25 26.84
C1 DIO AB . -26.54 -22.83 0.31
C2 DIO AB . -26.04 -21.79 -1.74
C1' DIO AB . -25.03 -22.87 0.45
C2' DIO AB . -24.73 -22.54 -1.82
O1 DIO AB . -26.96 -22.58 -1.03
O1' DIO AB . -24.49 -23.41 -0.73
H11 DIO AB . -26.90 -22.15 0.88
H12 DIO AB . -26.90 -23.70 0.59
H21 DIO AB . -26.39 -21.64 -2.64
H22 DIO AB . -25.92 -20.95 -1.28
H1'1 DIO AB . -24.80 -23.44 1.20
H1'2 DIO AB . -24.69 -21.98 0.59
H2'1 DIO AB . -24.01 -21.88 -1.85
H2'2 DIO AB . -24.72 -23.06 -2.64
S DMS BB . -40.86 -16.07 13.30
O DMS BB . -39.50 -16.29 12.69
C1 DMS BB . -42.11 -16.09 11.99
C2 DMS BB . -41.36 -17.55 14.24
H11 DMS BB . -41.96 -15.27 11.34
H12 DMS BB . -42.04 -16.99 11.44
H13 DMS BB . -43.07 -16.02 12.43
H21 DMS BB . -40.80 -17.58 15.14
H22 DMS BB . -42.38 -17.44 14.45
H23 DMS BB . -41.21 -18.40 13.64
S SO4 CB . -42.90 0.72 -11.82
O1 SO4 CB . -41.61 1.31 -12.19
O2 SO4 CB . -43.22 1.11 -10.44
O3 SO4 CB . -43.94 1.19 -12.73
O4 SO4 CB . -42.81 -0.74 -11.90
C1 NPO DB . -32.55 -32.69 31.63
C2 NPO DB . -32.60 -31.26 31.70
C3 NPO DB . -32.42 -30.63 32.94
C4 NPO DB . -32.22 -31.36 34.06
C5 NPO DB . -32.17 -32.80 33.97
C6 NPO DB . -32.34 -33.42 32.76
OH NPO DB . -32.05 -30.73 35.28
N1 NPO DB . -32.72 -33.36 30.34
O2 NPO DB . -32.73 -32.63 29.13
O3 NPO DB . -32.87 -34.59 30.30
H2 NPO DB . -32.73 -30.76 30.93
H3 NPO DB . -32.46 -29.70 32.99
H5 NPO DB . -32.03 -33.31 34.74
H6 NPO DB . -32.31 -34.35 32.70
HO NPO DB . -31.22 -30.60 35.42
C1 NPO EB . -28.55 -33.25 33.13
C2 NPO EB . -29.30 -33.98 34.11
C3 NPO EB . -29.08 -33.74 35.46
C4 NPO EB . -28.15 -32.83 35.85
C5 NPO EB . -27.40 -32.10 34.87
C6 NPO EB . -27.63 -32.33 33.52
OH NPO EB . -27.92 -32.59 37.20
N1 NPO EB . -28.76 -33.47 31.70
O2 NPO EB . -29.75 -34.39 31.26
O3 NPO EB . -28.10 -32.84 30.87
H2 NPO EB . -29.93 -34.60 33.84
H3 NPO EB . -29.55 -34.22 36.11
H5 NPO EB . -26.77 -31.47 35.13
H6 NPO EB . -27.14 -31.85 32.89
HO NPO EB . -28.44 -31.96 37.47
C1 PEG FB . -5.69 -39.56 3.65
O1 PEG FB . -7.06 -39.66 3.36
C2 PEG FB . -5.15 -40.88 4.19
O2 PEG FB . -4.08 -40.58 5.03
C3 PEG FB . -4.44 -40.31 6.36
C4 PEG FB . -3.57 -41.15 7.29
O4 PEG FB . -4.27 -42.31 7.69
H11 PEG FB . -5.20 -39.33 2.84
H12 PEG FB . -5.55 -38.86 4.31
HO1 PEG FB . -7.26 -39.08 2.78
H21 PEG FB . -4.90 -41.49 3.47
H22 PEG FB . -5.89 -41.24 4.69
H31 PEG FB . -4.28 -39.37 6.53
H32 PEG FB . -5.38 -40.52 6.51
H41 PEG FB . -3.35 -40.62 8.08
H42 PEG FB . -2.76 -41.40 6.84
HO4 PEG FB . -4.05 -42.51 8.49
C1 EDO GB . -32.59 -35.94 27.52
O1 EDO GB . -31.71 -35.41 28.52
C2 EDO GB . -33.92 -35.21 27.47
O2 EDO GB . -34.57 -35.66 26.27
H11 EDO GB . -32.94 -36.90 27.87
H12 EDO GB . -32.12 -36.05 26.55
HO1 EDO GB . -32.07 -35.58 29.40
H21 EDO GB . -33.77 -34.14 27.48
H22 EDO GB . -34.52 -35.49 28.34
HO2 EDO GB . -35.46 -35.29 26.23
S DMS HB . -5.44 -38.61 24.61
O DMS HB . -5.74 -39.12 25.98
C1 DMS HB . -5.60 -39.99 23.43
C2 DMS HB . -6.81 -37.58 24.05
H11 DMS HB . -5.07 -39.76 22.54
H12 DMS HB . -6.62 -40.13 23.20
H13 DMS HB . -5.20 -40.87 23.86
H21 DMS HB . -6.86 -37.65 23.00
H22 DMS HB . -6.52 -36.62 24.33
H23 DMS HB . -7.71 -37.86 24.43
S DMS IB . -40.00 -15.44 24.78
O DMS IB . -41.04 -16.35 25.38
C1 DMS IB . -38.55 -15.41 25.87
C2 DMS IB . -39.38 -16.11 23.23
H11 DMS IB . -38.28 -16.40 26.14
H12 DMS IB . -38.75 -14.84 26.74
H13 DMS IB . -37.79 -14.94 25.31
H21 DMS IB . -39.39 -17.17 23.28
H22 DMS IB . -40.02 -15.81 22.44
H23 DMS IB . -38.41 -15.72 23.03
O1 MES JB . -7.85 -46.94 9.02
C2 MES JB . -6.81 -46.20 8.38
C3 MES JB . -5.55 -46.01 9.23
N4 MES JB . -5.93 -45.47 10.52
C5 MES JB . -7.28 -45.68 11.04
C6 MES JB . -7.79 -46.99 10.45
C7 MES JB . -5.15 -44.37 11.10
C8 MES JB . -3.72 -44.50 10.59
S MES JB . -2.75 -43.33 11.30
O1S MES JB . -2.80 -43.44 12.77
O2S MES JB . -1.36 -43.50 10.82
O3S MES JB . -3.27 -42.00 10.89
H21 MES JB . -6.55 -46.67 7.43
H22 MES JB . -7.21 -45.22 8.17
H31 MES JB . -4.95 -45.34 8.62
H32 MES JB . -5.01 -46.95 9.35
H51 MES JB . -7.93 -44.85 10.74
H52 MES JB . -7.25 -45.73 12.13
H61 MES JB . -7.12 -47.80 10.75
H62 MES JB . -8.78 -47.20 10.85
H71 MES JB . -5.57 -43.40 10.82
H72 MES JB . -5.15 -44.45 12.19
H81 MES JB . -3.66 -44.29 9.52
H82 MES JB . -3.32 -45.49 10.78
S DMS KB . -3.42 -47.93 17.13
O DMS KB . -4.65 -48.68 16.69
C1 DMS KB . -2.17 -47.84 15.82
C2 DMS KB . -3.77 -46.16 17.33
H11 DMS KB . -2.65 -47.90 14.87
H12 DMS KB . -1.63 -46.93 15.88
H13 DMS KB . -1.50 -48.66 15.90
H21 DMS KB . -4.71 -46.02 17.81
H22 DMS KB . -3.80 -45.69 16.37
H23 DMS KB . -3.02 -45.71 17.92
S DMS LB . -37.06 -49.65 39.23
O DMS LB . -35.69 -49.56 39.84
C1 DMS LB . -37.86 -51.16 39.81
C2 DMS LB . -38.14 -48.39 39.97
H11 DMS LB . -37.76 -51.24 40.85
H12 DMS LB . -38.90 -51.12 39.56
H13 DMS LB . -37.43 -52.00 39.34
H21 DMS LB . -38.00 -48.38 41.03
H22 DMS LB . -37.90 -47.44 39.57
H23 DMS LB . -39.15 -48.62 39.75
S DMS MB . -17.90 -46.78 -0.45
O DMS MB . -18.08 -46.69 -1.94
C1 DMS MB . -18.93 -48.08 0.28
C2 DMS MB . -16.23 -47.36 -0.06
H11 DMS MB . -19.49 -47.69 1.09
H12 DMS MB . -18.32 -48.88 0.61
H13 DMS MB . -19.60 -48.44 -0.46
H21 DMS MB . -15.61 -46.54 0.17
H22 DMS MB . -15.83 -47.86 -0.91
H23 DMS MB . -16.27 -48.04 0.74
C1 GOL NB . -39.44 -37.91 26.44
O1 GOL NB . -40.59 -38.30 27.12
C2 GOL NB . -38.50 -37.27 27.49
O2 GOL NB . -38.36 -38.05 28.64
C3 GOL NB . -37.15 -37.07 26.77
O3 GOL NB . -36.15 -37.24 27.74
H11 GOL NB . -39.60 -37.29 25.72
H12 GOL NB . -38.99 -38.68 26.02
HO1 GOL NB . -40.39 -38.35 27.95
H2 GOL NB . -38.85 -36.42 27.79
HO2 GOL NB . -37.53 -38.18 28.77
H31 GOL NB . -37.15 -36.20 26.35
H32 GOL NB . -37.06 -37.70 26.04
HO3 GOL NB . -35.45 -37.50 27.32
C1 NPO OB . -49.13 -38.67 14.38
C2 NPO OB . -48.57 -39.24 13.25
C3 NPO OB . -47.83 -40.39 13.46
C4 NPO OB . -47.69 -40.85 14.74
C5 NPO OB . -48.24 -40.26 15.86
C6 NPO OB . -49.01 -39.15 15.67
OH NPO OB . -46.97 -41.95 14.94
N1 NPO OB . -49.89 -37.53 14.23
O2 NPO OB . -50.21 -36.81 15.33
O3 NPO OB . -50.29 -37.17 13.20
H2 NPO OB . -48.70 -38.89 12.40
H3 NPO OB . -47.43 -40.82 12.74
H5 NPO OB . -48.12 -40.63 16.70
H6 NPO OB . -49.40 -38.71 16.39
HO NPO OB . -47.49 -42.63 14.91
S SO4 PB . -18.25 -39.80 -4.73
O1 SO4 PB . -16.89 -39.74 -4.16
O2 SO4 PB . -19.04 -38.70 -4.21
O3 SO4 PB . -18.87 -41.07 -4.36
O4 SO4 PB . -18.17 -39.70 -6.17
#